data_6TQF
#
_entry.id   6TQF
#
_cell.length_a   1.00
_cell.length_b   1.00
_cell.length_c   1.00
_cell.angle_alpha   90.00
_cell.angle_beta   90.00
_cell.angle_gamma   90.00
#
_symmetry.space_group_name_H-M   'P 1'
#
loop_
_entity.id
_entity.type
_entity.pdbx_description
1 polymer 'ABC transporter ATP-binding protein/permease'
2 non-polymer DODECYL-BETA-D-MALTOSIDE
3 non-polymer 'MAGNESIUM ION'
4 non-polymer 'PHOSPHOAMINOPHOSPHONIC ACID-ADENYLATE ESTER'
#
_entity_poly.entity_id   1
_entity_poly.type   'polypeptide(L)'
_entity_poly.pdbx_seq_one_letter_code
;MGPKLFKPSIDWSRAFPDSVYWVGKAWTISAICVLAILVLLRYLTPWGRQFWRITRAYFVGPNSVRVWLMLGVLLLSVVL
AVRLNVLFSYQGNDMYTALQKAFEGIASGDGTVKRSGVRGFWMSIGVFSVMAVLHVTRVMADIYLTQRFIIAWRVWLTHH
LTQDWLDGRAYYRDLFIDETIDNPDQRIQQDVDIFTAGAGGTPNAPSNGTASTLLFGAVQSIISVISFTAILWNLSGTLN
IFGVSIPRAMFWTVLVYVFVATVISFIIGRPLIWLSFRNEKLNAAFRYALVRLRDAAEAVGFYRGERVEGTQLQRRFTPV
IDNYRRYVRRSIAFNGWNLSVSQTIVPLPWVIQAPRLFAGQIDFGDVGQTATSFGNIHDSLSFFRNNYDAFASFRAAIIR
LHGLVDANEKGRALPAVLTRPSDDESVELNDIEVRTPAGDRLIDPLDVRLDRGGSLVITGRSGAGKTTLLRSLAELWPYA
SGTLHRPGGENETMFLSQLPYVPLGTLRDVVCYPNSAAAIPDATLRDTLTKVALAPLCDRLDEERDWAKVLSPGEQQRVA
FARILLTKPKAVFLDGSTSALDTGLEFALYQLLRSELPDCIVISVSHRPALERLHENQLELLGGGQWRLAPVEAAPAEVH
HHHHHHH
;
_entity_poly.pdbx_strand_id   A,B
#
loop_
_chem_comp.id
_chem_comp.type
_chem_comp.name
_chem_comp.formula
ANP non-polymer 'PHOSPHOAMINOPHOSPHONIC ACID-ADENYLATE ESTER' 'C10 H17 N6 O12 P3'
LMT D-saccharide DODECYL-BETA-D-MALTOSIDE 'C24 H46 O11'
MG non-polymer 'MAGNESIUM ION' 'Mg 2'
#
# COMPACT_ATOMS: atom_id res chain seq x y z
N MET A 1 -13.65 -67.74 5.39
CA MET A 1 -14.52 -66.57 5.51
C MET A 1 -15.95 -66.92 5.11
N GLY A 2 -16.80 -67.14 6.10
CA GLY A 2 -18.17 -67.54 5.85
C GLY A 2 -19.05 -66.36 5.51
N PRO A 3 -20.36 -66.63 5.40
CA PRO A 3 -21.30 -65.55 5.05
C PRO A 3 -21.51 -64.55 6.19
N LYS A 4 -20.95 -63.36 6.02
CA LYS A 4 -21.10 -62.27 6.97
C LYS A 4 -21.83 -61.11 6.32
N LEU A 5 -22.78 -60.54 7.05
CA LEU A 5 -23.58 -59.45 6.52
C LEU A 5 -22.86 -58.12 6.77
N PHE A 6 -23.55 -57.01 6.55
CA PHE A 6 -22.97 -55.68 6.68
C PHE A 6 -23.23 -55.13 8.08
N LYS A 7 -22.16 -54.72 8.76
CA LYS A 7 -22.26 -54.09 10.06
C LYS A 7 -21.51 -52.75 10.03
N PRO A 8 -22.08 -51.70 10.61
CA PRO A 8 -21.45 -50.38 10.52
C PRO A 8 -20.23 -50.26 11.40
N SER A 9 -19.43 -49.23 11.11
CA SER A 9 -18.19 -49.01 11.87
C SER A 9 -18.48 -48.39 13.22
N ILE A 10 -19.19 -47.27 13.25
CA ILE A 10 -19.56 -46.60 14.48
C ILE A 10 -21.08 -46.60 14.56
N ASP A 11 -21.62 -46.76 15.78
CA ASP A 11 -23.05 -46.69 16.00
C ASP A 11 -23.52 -45.27 15.71
N TRP A 12 -24.27 -45.09 14.63
CA TRP A 12 -24.68 -43.75 14.22
C TRP A 12 -25.78 -43.20 15.10
N SER A 13 -26.60 -44.06 15.70
CA SER A 13 -27.39 -43.64 16.83
C SER A 13 -26.47 -43.43 18.03
N ARG A 14 -26.81 -42.43 18.85
CA ARG A 14 -25.94 -41.90 19.92
C ARG A 14 -24.57 -41.48 19.36
N ALA A 15 -24.63 -40.58 18.39
CA ALA A 15 -23.44 -39.90 17.86
C ALA A 15 -23.40 -38.43 18.19
N PHE A 16 -24.56 -37.80 18.39
CA PHE A 16 -24.67 -36.45 18.90
C PHE A 16 -24.49 -36.35 20.43
N PRO A 17 -25.02 -37.25 21.28
CA PRO A 17 -24.64 -37.16 22.70
C PRO A 17 -23.20 -37.57 23.00
N ASP A 18 -22.51 -38.24 22.09
CA ASP A 18 -21.12 -38.57 22.30
C ASP A 18 -20.18 -37.48 21.80
N SER A 19 -20.57 -36.75 20.77
CA SER A 19 -19.77 -35.65 20.24
C SER A 19 -20.12 -34.32 20.87
N VAL A 20 -20.84 -34.32 21.99
CA VAL A 20 -21.02 -33.10 22.78
C VAL A 20 -20.20 -33.16 24.07
N TYR A 21 -19.70 -34.33 24.43
CA TYR A 21 -18.82 -34.48 25.59
C TYR A 21 -17.36 -34.44 25.19
N TRP A 22 -17.04 -34.92 23.99
CA TRP A 22 -15.67 -34.87 23.50
C TRP A 22 -15.20 -33.44 23.25
N VAL A 23 -16.09 -32.58 22.76
CA VAL A 23 -15.72 -31.18 22.50
C VAL A 23 -15.47 -30.45 23.82
N GLY A 24 -16.36 -30.64 24.80
CA GLY A 24 -16.18 -30.07 26.12
C GLY A 24 -15.01 -30.64 26.88
N LYS A 25 -14.55 -31.84 26.55
CA LYS A 25 -13.34 -32.38 27.15
C LYS A 25 -12.09 -31.86 26.46
N ALA A 26 -12.10 -31.72 25.15
CA ALA A 26 -10.93 -31.25 24.41
C ALA A 26 -10.76 -29.75 24.46
N TRP A 27 -11.77 -28.99 24.88
CA TRP A 27 -11.61 -27.56 25.01
C TRP A 27 -10.75 -27.18 26.21
N THR A 28 -10.99 -27.81 27.37
CA THR A 28 -10.30 -27.40 28.59
C THR A 28 -8.86 -27.89 28.63
N ILE A 29 -8.52 -28.94 27.90
CA ILE A 29 -7.12 -29.36 27.79
C ILE A 29 -6.36 -28.37 26.93
N SER A 30 -6.92 -28.00 25.78
CA SER A 30 -6.26 -27.07 24.88
C SER A 30 -6.22 -25.65 25.42
N ALA A 31 -7.16 -25.28 26.29
CA ALA A 31 -7.17 -23.93 26.86
C ALA A 31 -6.02 -23.71 27.82
N ILE A 32 -5.55 -24.77 28.50
CA ILE A 32 -4.38 -24.66 29.36
C ILE A 32 -3.11 -25.18 28.71
N CYS A 33 -3.21 -25.84 27.56
CA CYS A 33 -2.02 -26.18 26.80
C CYS A 33 -1.58 -25.08 25.85
N VAL A 34 -2.50 -24.25 25.39
CA VAL A 34 -2.12 -23.12 24.55
C VAL A 34 -1.51 -22.02 25.39
N LEU A 35 -2.09 -21.75 26.56
CA LEU A 35 -1.60 -20.70 27.45
C LEU A 35 -0.33 -21.07 28.20
N ALA A 36 0.27 -22.24 27.94
CA ALA A 36 1.57 -22.58 28.48
C ALA A 36 2.67 -22.58 27.43
N ILE A 37 2.34 -22.37 26.16
CA ILE A 37 3.35 -22.24 25.12
C ILE A 37 3.64 -20.78 24.82
N LEU A 38 2.61 -19.92 24.88
CA LEU A 38 2.82 -18.49 24.67
C LEU A 38 3.63 -17.87 25.79
N VAL A 39 3.53 -18.42 27.01
CA VAL A 39 4.38 -17.95 28.10
C VAL A 39 5.84 -18.36 27.84
N LEU A 40 6.05 -19.53 27.26
CA LEU A 40 7.38 -19.95 26.85
C LEU A 40 7.87 -19.24 25.60
N LEU A 41 7.00 -18.52 24.88
CA LEU A 41 7.42 -17.73 23.74
C LEU A 41 7.61 -16.26 24.06
N ARG A 42 7.02 -15.77 25.14
CA ARG A 42 7.30 -14.40 25.58
C ARG A 42 8.73 -14.26 26.05
N TYR A 43 9.28 -15.27 26.71
CA TYR A 43 10.70 -15.39 26.95
C TYR A 43 11.31 -16.31 25.91
N LEU A 44 12.62 -16.50 25.99
CA LEU A 44 13.41 -17.48 25.23
C LEU A 44 13.32 -17.29 23.71
N THR A 45 12.94 -16.10 23.24
CA THR A 45 12.72 -15.90 21.81
C THR A 45 13.06 -14.45 21.45
N PRO A 46 13.84 -14.20 20.40
CA PRO A 46 14.13 -12.81 20.03
C PRO A 46 12.96 -12.10 19.37
N TRP A 47 12.10 -12.81 18.65
CA TRP A 47 10.93 -12.18 18.03
C TRP A 47 9.69 -12.25 18.91
N GLY A 48 9.79 -12.80 20.11
CA GLY A 48 8.66 -12.85 21.01
C GLY A 48 8.75 -11.77 22.07
N ARG A 49 9.97 -11.28 22.30
CA ARG A 49 10.16 -10.17 23.23
C ARG A 49 9.85 -8.83 22.59
N GLN A 50 9.82 -8.76 21.26
CA GLN A 50 9.45 -7.55 20.56
C GLN A 50 7.97 -7.49 20.22
N PHE A 51 7.27 -8.62 20.25
CA PHE A 51 5.83 -8.60 20.08
C PHE A 51 5.13 -8.09 21.33
N TRP A 52 5.73 -8.29 22.50
CA TRP A 52 5.07 -7.91 23.74
C TRP A 52 5.31 -6.47 24.13
N ARG A 53 6.37 -5.84 23.60
CA ARG A 53 6.63 -4.44 23.92
C ARG A 53 5.70 -3.50 23.17
N ILE A 54 5.11 -3.93 22.06
CA ILE A 54 4.25 -3.07 21.27
C ILE A 54 2.83 -3.06 21.82
N THR A 55 2.26 -4.24 22.03
CA THR A 55 0.84 -4.36 22.33
C THR A 55 0.56 -4.98 23.70
N ARG A 56 1.27 -4.52 24.73
CA ARG A 56 1.11 -5.09 26.05
C ARG A 56 -0.21 -4.67 26.68
N ALA A 57 -0.54 -3.38 26.61
CA ALA A 57 -1.65 -2.83 27.38
C ALA A 57 -3.02 -3.18 26.83
N TYR A 58 -3.11 -3.91 25.72
CA TYR A 58 -4.41 -4.29 25.20
C TYR A 58 -4.95 -5.53 25.88
N PHE A 59 -4.08 -6.43 26.32
CA PHE A 59 -4.50 -7.71 26.87
C PHE A 59 -4.59 -7.73 28.38
N VAL A 60 -4.00 -6.76 29.07
CA VAL A 60 -4.07 -6.69 30.53
C VAL A 60 -4.81 -5.42 30.93
N GLY A 61 -5.25 -5.40 32.18
CA GLY A 61 -6.02 -4.29 32.70
C GLY A 61 -7.46 -4.69 33.01
N PRO A 62 -8.26 -3.73 33.47
CA PRO A 62 -9.66 -4.04 33.77
C PRO A 62 -10.58 -4.01 32.56
N ASN A 63 -10.17 -3.38 31.47
CA ASN A 63 -10.97 -3.31 30.25
C ASN A 63 -10.59 -4.41 29.26
N SER A 64 -9.97 -5.48 29.73
CA SER A 64 -9.53 -6.58 28.87
C SER A 64 -10.21 -7.88 29.28
N VAL A 65 -11.51 -7.81 29.56
CA VAL A 65 -12.30 -9.00 29.82
C VAL A 65 -13.07 -9.43 28.57
N ARG A 66 -13.55 -8.47 27.79
CA ARG A 66 -14.22 -8.77 26.54
C ARG A 66 -13.26 -9.14 25.41
N VAL A 67 -11.95 -9.07 25.64
CA VAL A 67 -10.99 -9.55 24.67
C VAL A 67 -10.80 -11.05 24.80
N TRP A 68 -10.59 -11.53 26.02
CA TRP A 68 -10.42 -12.96 26.25
C TRP A 68 -11.72 -13.73 26.06
N LEU A 69 -12.87 -13.10 26.33
CA LEU A 69 -14.15 -13.76 26.11
C LEU A 69 -14.45 -13.95 24.63
N MET A 70 -13.91 -13.08 23.76
CA MET A 70 -14.04 -13.27 22.33
C MET A 70 -12.89 -14.09 21.75
N LEU A 71 -11.77 -14.21 22.45
CA LEU A 71 -10.71 -15.11 22.05
C LEU A 71 -10.97 -16.54 22.47
N GLY A 72 -11.88 -16.78 23.41
CA GLY A 72 -12.18 -18.13 23.85
C GLY A 72 -13.21 -18.85 23.01
N VAL A 73 -13.91 -18.14 22.13
CA VAL A 73 -14.88 -18.78 21.25
C VAL A 73 -14.19 -19.31 19.99
N LEU A 74 -13.10 -18.66 19.60
CA LEU A 74 -12.37 -19.07 18.40
C LEU A 74 -11.60 -20.37 18.59
N LEU A 75 -11.49 -20.88 19.82
CA LEU A 75 -10.94 -22.21 20.05
C LEU A 75 -12.01 -23.29 19.91
N LEU A 76 -13.22 -23.02 20.41
CA LEU A 76 -14.37 -23.88 20.16
C LEU A 76 -14.67 -24.00 18.68
N SER A 77 -14.49 -22.91 17.93
CA SER A 77 -14.70 -22.92 16.48
C SER A 77 -13.61 -23.64 15.70
N VAL A 78 -12.60 -24.20 16.37
CA VAL A 78 -11.59 -25.04 15.73
C VAL A 78 -11.73 -26.50 16.17
N VAL A 79 -12.03 -26.72 17.45
CA VAL A 79 -12.33 -28.08 17.92
C VAL A 79 -13.57 -28.64 17.22
N LEU A 80 -14.58 -27.79 17.00
CA LEU A 80 -15.77 -28.19 16.26
C LEU A 80 -15.49 -28.48 14.78
N ALA A 81 -14.36 -28.02 14.25
CA ALA A 81 -13.97 -28.31 12.88
C ALA A 81 -13.09 -29.54 12.77
N VAL A 82 -12.41 -29.93 13.84
CA VAL A 82 -11.64 -31.18 13.83
C VAL A 82 -12.58 -32.37 13.99
N ARG A 83 -13.61 -32.21 14.83
CA ARG A 83 -14.55 -33.31 15.07
C ARG A 83 -15.32 -33.71 13.80
N LEU A 84 -15.71 -32.72 12.99
CA LEU A 84 -16.36 -33.01 11.72
C LEU A 84 -15.43 -33.66 10.72
N ASN A 85 -14.14 -33.35 10.78
CA ASN A 85 -13.18 -34.02 9.90
C ASN A 85 -13.00 -35.48 10.27
N VAL A 86 -13.17 -35.82 11.55
CA VAL A 86 -13.13 -37.25 11.90
C VAL A 86 -14.43 -37.94 11.49
N LEU A 87 -15.57 -37.30 11.71
CA LEU A 87 -16.85 -37.92 11.34
C LEU A 87 -17.05 -38.01 9.83
N PHE A 88 -16.36 -37.20 9.03
CA PHE A 88 -16.36 -37.42 7.58
C PHE A 88 -15.55 -38.64 7.19
N SER A 89 -14.48 -38.94 7.92
CA SER A 89 -13.67 -40.11 7.61
C SER A 89 -14.36 -41.40 8.02
N TYR A 90 -15.23 -41.35 9.03
CA TYR A 90 -15.93 -42.58 9.43
C TYR A 90 -17.01 -43.01 8.43
N GLN A 91 -17.34 -42.18 7.45
CA GLN A 91 -18.45 -42.51 6.54
C GLN A 91 -17.96 -43.20 5.26
N GLY A 92 -16.78 -42.82 4.78
CA GLY A 92 -16.17 -43.52 3.66
C GLY A 92 -15.75 -44.94 3.98
N ASN A 93 -15.57 -45.27 5.25
CA ASN A 93 -15.37 -46.64 5.67
C ASN A 93 -16.63 -47.48 5.55
N ASP A 94 -17.81 -46.87 5.59
CA ASP A 94 -19.06 -47.58 5.40
C ASP A 94 -19.47 -47.69 3.95
N MET A 95 -19.29 -46.60 3.18
CA MET A 95 -19.72 -46.63 1.78
C MET A 95 -18.91 -47.60 0.93
N TYR A 96 -17.58 -47.66 1.12
CA TYR A 96 -16.76 -48.59 0.36
C TYR A 96 -16.93 -50.04 0.80
N THR A 97 -17.43 -50.29 2.01
CA THR A 97 -17.75 -51.66 2.40
C THR A 97 -19.09 -52.09 1.84
N ALA A 98 -20.08 -51.20 1.86
CA ALA A 98 -21.37 -51.49 1.24
C ALA A 98 -21.26 -51.62 -0.27
N LEU A 99 -20.30 -50.95 -0.90
CA LEU A 99 -20.07 -51.15 -2.33
C LEU A 99 -19.27 -52.41 -2.62
N GLN A 100 -18.71 -53.06 -1.60
CA GLN A 100 -18.01 -54.33 -1.80
C GLN A 100 -18.89 -55.52 -1.51
N LYS A 101 -19.84 -55.39 -0.59
CA LYS A 101 -20.75 -56.51 -0.32
C LYS A 101 -21.75 -56.72 -1.46
N ALA A 102 -21.99 -55.68 -2.27
CA ALA A 102 -22.92 -55.83 -3.38
C ALA A 102 -22.30 -56.56 -4.57
N PHE A 103 -20.97 -56.56 -4.69
CA PHE A 103 -20.31 -57.23 -5.81
C PHE A 103 -20.05 -58.70 -5.54
N GLU A 104 -20.05 -59.12 -4.28
CA GLU A 104 -19.88 -60.52 -3.92
C GLU A 104 -21.20 -61.26 -3.82
N GLY A 105 -22.30 -60.62 -4.22
CA GLY A 105 -23.58 -61.29 -4.27
C GLY A 105 -24.01 -61.50 -5.71
N ILE A 106 -23.46 -60.69 -6.61
CA ILE A 106 -23.75 -60.84 -8.03
C ILE A 106 -22.97 -62.03 -8.59
N ALA A 107 -21.67 -62.10 -8.28
CA ALA A 107 -20.83 -63.16 -8.83
C ALA A 107 -21.11 -64.50 -8.14
N SER A 108 -21.45 -64.46 -6.85
CA SER A 108 -21.73 -65.70 -6.13
C SER A 108 -23.10 -66.25 -6.52
N GLY A 109 -24.13 -65.41 -6.52
CA GLY A 109 -25.45 -65.79 -6.98
C GLY A 109 -26.57 -65.56 -5.97
N ASP A 110 -26.26 -65.55 -4.68
CA ASP A 110 -27.32 -65.41 -3.68
C ASP A 110 -27.77 -63.96 -3.55
N GLY A 111 -28.97 -63.80 -3.00
CA GLY A 111 -29.56 -62.48 -2.86
C GLY A 111 -29.82 -62.07 -1.43
N THR A 112 -29.09 -62.69 -0.50
CA THR A 112 -29.15 -62.30 0.90
C THR A 112 -28.06 -61.28 1.22
N VAL A 113 -26.86 -61.49 0.69
CA VAL A 113 -25.77 -60.54 0.88
C VAL A 113 -26.01 -59.28 0.06
N LYS A 114 -26.59 -59.43 -1.14
CA LYS A 114 -26.82 -58.29 -2.02
C LYS A 114 -27.90 -57.36 -1.47
N ARG A 115 -28.96 -57.93 -0.90
CA ARG A 115 -30.00 -57.10 -0.30
C ARG A 115 -29.56 -56.47 1.00
N SER A 116 -28.52 -57.00 1.64
CA SER A 116 -27.91 -56.37 2.80
C SER A 116 -26.83 -55.37 2.43
N GLY A 117 -26.34 -55.40 1.20
CA GLY A 117 -25.35 -54.44 0.75
C GLY A 117 -25.97 -53.25 0.05
N VAL A 118 -27.14 -53.46 -0.55
CA VAL A 118 -27.86 -52.35 -1.18
C VAL A 118 -28.43 -51.42 -0.12
N ARG A 119 -29.00 -51.99 0.94
CA ARG A 119 -29.56 -51.20 2.03
C ARG A 119 -28.49 -50.46 2.83
N GLY A 120 -27.25 -50.94 2.82
CA GLY A 120 -26.16 -50.24 3.46
C GLY A 120 -25.58 -49.09 2.66
N PHE A 121 -25.97 -48.96 1.39
CA PHE A 121 -25.54 -47.83 0.58
C PHE A 121 -26.44 -46.62 0.77
N TRP A 122 -27.75 -46.82 0.81
CA TRP A 122 -28.69 -45.72 0.96
C TRP A 122 -28.74 -45.19 2.39
N MET A 123 -28.14 -45.88 3.34
CA MET A 123 -28.00 -45.33 4.69
C MET A 123 -26.85 -44.36 4.77
N SER A 124 -25.73 -44.66 4.10
CA SER A 124 -24.53 -43.85 4.18
C SER A 124 -24.52 -42.70 3.17
N ILE A 125 -25.65 -42.42 2.53
CA ILE A 125 -25.85 -41.19 1.79
C ILE A 125 -26.64 -40.17 2.60
N GLY A 126 -27.63 -40.64 3.36
CA GLY A 126 -28.40 -39.78 4.23
C GLY A 126 -27.64 -39.22 5.41
N VAL A 127 -26.54 -39.87 5.80
CA VAL A 127 -25.69 -39.31 6.83
C VAL A 127 -24.82 -38.19 6.25
N PHE A 128 -24.46 -38.29 4.97
CA PHE A 128 -23.71 -37.20 4.34
C PHE A 128 -24.57 -35.97 4.13
N SER A 129 -25.88 -36.14 3.98
CA SER A 129 -26.75 -34.99 3.74
C SER A 129 -27.03 -34.18 5.00
N VAL A 130 -26.83 -34.76 6.18
CA VAL A 130 -27.01 -34.01 7.42
C VAL A 130 -25.72 -33.30 7.83
N MET A 131 -24.58 -33.92 7.60
CA MET A 131 -23.29 -33.33 7.95
C MET A 131 -22.75 -32.41 6.86
N ALA A 132 -23.56 -32.03 5.87
CA ALA A 132 -23.15 -31.04 4.89
C ALA A 132 -23.79 -29.69 5.13
N VAL A 133 -24.73 -29.58 6.05
CA VAL A 133 -25.27 -28.29 6.45
C VAL A 133 -24.47 -27.71 7.61
N LEU A 134 -24.04 -28.56 8.53
CA LEU A 134 -23.23 -28.15 9.67
C LEU A 134 -21.83 -27.71 9.28
N HIS A 135 -21.39 -27.99 8.06
CA HIS A 135 -20.13 -27.47 7.53
C HIS A 135 -20.27 -26.05 7.01
N VAL A 136 -21.31 -25.79 6.23
CA VAL A 136 -21.56 -24.45 5.69
C VAL A 136 -21.91 -23.48 6.82
N THR A 137 -22.71 -23.94 7.79
CA THR A 137 -23.08 -23.09 8.92
C THR A 137 -21.88 -22.75 9.79
N ARG A 138 -20.97 -23.71 9.98
CA ARG A 138 -19.77 -23.44 10.78
C ARG A 138 -18.79 -22.55 10.04
N VAL A 139 -18.67 -22.69 8.72
CA VAL A 139 -17.73 -21.86 7.96
C VAL A 139 -18.23 -20.42 7.89
N MET A 140 -19.52 -20.23 7.65
CA MET A 140 -20.03 -18.88 7.44
C MET A 140 -20.25 -18.10 8.73
N ALA A 141 -20.28 -18.77 9.88
CA ALA A 141 -20.28 -18.08 11.17
C ALA A 141 -18.88 -18.00 11.77
N ASP A 142 -17.85 -17.98 10.92
CA ASP A 142 -16.47 -18.01 11.37
C ASP A 142 -15.73 -16.89 10.67
N ILE A 143 -16.21 -16.51 9.49
CA ILE A 143 -15.70 -15.32 8.83
C ILE A 143 -16.18 -14.08 9.57
N TYR A 144 -17.43 -14.07 10.01
CA TYR A 144 -18.00 -12.91 10.68
C TYR A 144 -17.44 -12.72 12.08
N LEU A 145 -17.05 -13.79 12.75
CA LEU A 145 -16.57 -13.67 14.12
C LEU A 145 -15.11 -13.28 14.22
N THR A 146 -14.31 -13.50 13.17
CA THR A 146 -12.91 -13.13 13.19
C THR A 146 -12.63 -11.81 12.50
N GLN A 147 -13.63 -11.20 11.87
CA GLN A 147 -13.48 -9.87 11.31
C GLN A 147 -13.96 -8.79 12.26
N ARG A 148 -14.57 -9.16 13.38
CA ARG A 148 -14.91 -8.22 14.44
C ARG A 148 -13.80 -8.11 15.48
N PHE A 149 -12.74 -8.88 15.34
CA PHE A 149 -11.61 -8.86 16.26
C PHE A 149 -10.44 -8.04 15.72
N ILE A 150 -10.09 -8.22 14.45
CA ILE A 150 -8.93 -7.55 13.86
C ILE A 150 -9.32 -6.19 13.32
N ILE A 151 -10.55 -5.76 13.58
CA ILE A 151 -10.93 -4.36 13.39
C ILE A 151 -10.76 -3.57 14.68
N ALA A 152 -11.29 -4.10 15.78
CA ALA A 152 -11.16 -3.46 17.07
C ALA A 152 -9.75 -3.54 17.62
N TRP A 153 -8.92 -4.47 17.14
CA TRP A 153 -7.50 -4.40 17.48
C TRP A 153 -6.81 -3.26 16.74
N ARG A 154 -7.12 -3.08 15.45
CA ARG A 154 -6.45 -2.06 14.65
C ARG A 154 -6.83 -0.65 15.09
N VAL A 155 -8.09 -0.43 15.45
CA VAL A 155 -8.54 0.89 15.91
C VAL A 155 -7.84 1.28 17.21
N TRP A 156 -7.60 0.32 18.11
CA TRP A 156 -6.87 0.66 19.34
C TRP A 156 -5.38 0.84 19.09
N LEU A 157 -4.77 0.02 18.24
CA LEU A 157 -3.32 0.09 18.08
C LEU A 157 -2.87 1.34 17.35
N THR A 158 -3.57 1.74 16.29
CA THR A 158 -3.14 2.95 15.58
C THR A 158 -3.52 4.24 16.29
N HIS A 159 -4.29 4.16 17.37
CA HIS A 159 -4.54 5.31 18.22
C HIS A 159 -3.56 5.36 19.38
N HIS A 160 -3.13 4.21 19.88
CA HIS A 160 -2.09 4.19 20.91
C HIS A 160 -0.71 4.52 20.36
N LEU A 161 -0.43 4.15 19.11
CA LEU A 161 0.89 4.34 18.55
C LEU A 161 1.15 5.78 18.10
N THR A 162 0.10 6.59 17.92
CA THR A 162 0.27 7.96 17.48
C THR A 162 0.49 8.92 18.66
N GLN A 163 -0.09 8.62 19.82
CA GLN A 163 0.19 9.41 21.02
C GLN A 163 1.64 9.27 21.47
N ASP A 164 2.29 8.19 21.01
CA ASP A 164 3.71 7.92 21.36
C ASP A 164 4.62 8.66 20.37
N TRP A 165 4.06 9.21 19.28
CA TRP A 165 4.88 9.92 18.31
C TRP A 165 4.94 11.41 18.59
N LEU A 166 3.93 11.99 19.21
CA LEU A 166 3.90 13.43 19.44
C LEU A 166 3.64 13.73 20.91
N ASP A 167 4.25 12.95 21.80
CA ASP A 167 4.05 13.16 23.24
C ASP A 167 4.98 14.25 23.78
N GLY A 168 6.29 14.01 23.70
CA GLY A 168 7.24 14.92 24.31
C GLY A 168 8.10 15.65 23.31
N ARG A 169 7.47 16.14 22.24
CA ARG A 169 8.13 16.71 21.06
C ARG A 169 9.14 15.71 20.47
N ALA A 170 8.69 14.47 20.33
CA ALA A 170 9.52 13.41 19.79
C ALA A 170 9.47 13.33 18.27
N TYR A 171 8.62 14.13 17.63
CA TYR A 171 8.59 14.17 16.18
C TYR A 171 9.65 15.08 15.60
N TYR A 172 10.33 15.88 16.43
CA TYR A 172 11.39 16.77 15.98
C TYR A 172 12.77 16.32 16.43
N ARG A 173 12.90 15.70 17.60
CA ARG A 173 14.19 15.28 18.12
C ARG A 173 14.55 13.86 17.73
N ASP A 174 14.01 13.36 16.63
CA ASP A 174 14.42 12.07 16.09
C ASP A 174 15.42 12.21 14.96
N LEU A 175 15.90 13.43 14.71
CA LEU A 175 16.88 13.69 13.67
C LEU A 175 18.29 13.76 14.22
N PHE A 176 18.46 13.67 15.54
CA PHE A 176 19.76 13.84 16.17
C PHE A 176 20.27 12.58 16.83
N ILE A 177 19.50 11.50 16.86
CA ILE A 177 19.94 10.25 17.49
C ILE A 177 20.93 9.55 16.58
N ASP A 178 21.58 8.51 17.11
CA ASP A 178 22.69 7.87 16.40
C ASP A 178 22.21 7.00 15.23
N GLU A 179 21.17 6.20 15.45
CA GLU A 179 20.57 5.39 14.39
C GLU A 179 19.17 5.92 14.12
N THR A 180 18.97 6.49 12.94
CA THR A 180 17.74 7.19 12.61
C THR A 180 16.79 6.27 11.86
N ILE A 181 15.50 6.46 12.10
CA ILE A 181 14.48 5.75 11.34
C ILE A 181 14.27 6.42 9.99
N ASP A 182 13.71 5.66 9.05
CA ASP A 182 13.60 6.16 7.68
C ASP A 182 12.45 7.14 7.52
N ASN A 183 11.21 6.67 7.69
CA ASN A 183 10.05 7.52 7.52
C ASN A 183 8.88 7.01 8.36
N PRO A 184 8.46 7.76 9.37
CA PRO A 184 7.41 7.26 10.26
C PRO A 184 6.00 7.58 9.80
N ASP A 185 5.83 7.99 8.55
CA ASP A 185 4.50 8.19 8.01
C ASP A 185 3.93 6.94 7.37
N GLN A 186 4.74 5.88 7.25
CA GLN A 186 4.31 4.63 6.65
C GLN A 186 4.10 3.52 7.66
N ARG A 187 4.84 3.56 8.78
CA ARG A 187 4.71 2.53 9.81
C ARG A 187 3.47 2.71 10.67
N ILE A 188 2.72 3.79 10.51
CA ILE A 188 1.48 4.01 11.23
C ILE A 188 0.26 3.72 10.36
N GLN A 189 0.32 4.06 9.07
CA GLN A 189 -0.82 3.86 8.21
C GLN A 189 -0.90 2.42 7.70
N GLN A 190 0.17 1.94 7.09
CA GLN A 190 0.15 0.67 6.39
C GLN A 190 0.59 -0.51 7.23
N ASP A 191 1.67 -0.37 8.00
CA ASP A 191 2.31 -1.51 8.63
C ASP A 191 1.53 -2.07 9.82
N VAL A 192 0.68 -1.25 10.46
CA VAL A 192 -0.22 -1.77 11.47
C VAL A 192 -1.26 -2.71 10.87
N ASP A 193 -1.68 -2.46 9.62
CA ASP A 193 -2.61 -3.35 8.95
C ASP A 193 -1.97 -4.71 8.64
N ILE A 194 -0.69 -4.73 8.32
CA ILE A 194 -0.01 -6.01 8.11
C ILE A 194 0.28 -6.69 9.44
N PHE A 195 0.52 -5.92 10.50
CA PHE A 195 0.88 -6.51 11.79
C PHE A 195 -0.33 -7.15 12.47
N THR A 196 -1.47 -6.48 12.49
CA THR A 196 -2.61 -6.99 13.23
C THR A 196 -3.40 -8.07 12.49
N ALA A 197 -3.36 -8.08 11.17
CA ALA A 197 -4.28 -8.93 10.42
C ALA A 197 -3.69 -10.29 10.05
N GLY A 198 -3.16 -11.01 11.04
CA GLY A 198 -2.85 -12.41 10.87
C GLY A 198 -1.73 -12.75 9.91
N ALA A 199 -2.10 -13.26 8.73
CA ALA A 199 -1.14 -13.72 7.73
C ALA A 199 -0.36 -12.54 7.16
N GLY A 200 0.92 -12.77 6.93
CA GLY A 200 1.81 -11.71 6.51
C GLY A 200 1.72 -11.40 5.04
N GLY A 201 2.41 -10.34 4.65
CA GLY A 201 2.47 -9.92 3.27
C GLY A 201 1.45 -8.87 2.87
N THR A 202 0.17 -9.16 3.05
CA THR A 202 -0.86 -8.30 2.51
C THR A 202 -1.82 -7.84 3.63
N PRO A 203 -2.39 -6.65 3.51
CA PRO A 203 -3.49 -6.26 4.40
C PRO A 203 -4.72 -7.11 4.13
N ASN A 204 -5.60 -7.16 5.13
CA ASN A 204 -6.69 -8.13 5.11
C ASN A 204 -7.78 -7.72 4.13
N ALA A 205 -8.33 -8.71 3.48
CA ALA A 205 -9.47 -8.80 2.59
C ALA A 205 -10.68 -9.29 3.35
N PRO A 206 -11.90 -8.89 3.00
CA PRO A 206 -13.05 -9.26 3.83
C PRO A 206 -13.61 -10.65 3.56
N SER A 207 -12.73 -11.64 3.42
CA SER A 207 -13.15 -13.03 3.33
C SER A 207 -12.16 -13.96 4.05
N ASN A 208 -11.31 -13.40 4.90
CA ASN A 208 -10.28 -14.18 5.58
C ASN A 208 -10.88 -14.79 6.85
N GLY A 209 -10.99 -16.12 6.87
CA GLY A 209 -11.54 -16.80 8.02
C GLY A 209 -10.52 -17.00 9.12
N THR A 210 -10.56 -18.16 9.77
CA THR A 210 -9.60 -18.47 10.82
C THR A 210 -8.54 -19.46 10.37
N ALA A 211 -8.68 -20.05 9.19
CA ALA A 211 -7.70 -21.01 8.67
C ALA A 211 -6.61 -20.33 7.87
N SER A 212 -6.68 -19.02 7.68
CA SER A 212 -5.66 -18.24 6.99
C SER A 212 -5.00 -17.27 7.95
N THR A 213 -4.66 -17.75 9.15
CA THR A 213 -4.08 -16.93 10.20
C THR A 213 -3.00 -17.75 10.87
N LEU A 214 -1.85 -17.13 11.13
CA LEU A 214 -0.66 -17.84 11.59
C LEU A 214 -0.68 -18.21 13.07
N LEU A 215 -1.79 -18.02 13.78
CA LEU A 215 -1.93 -18.57 15.12
C LEU A 215 -2.96 -19.67 15.20
N PHE A 216 -4.18 -19.42 14.75
CA PHE A 216 -5.22 -20.42 14.76
C PHE A 216 -5.10 -21.43 13.63
N GLY A 217 -4.20 -21.19 12.68
CA GLY A 217 -3.86 -22.22 11.72
C GLY A 217 -2.78 -23.17 12.20
N ALA A 218 -2.12 -22.83 13.31
CA ALA A 218 -1.11 -23.69 13.90
C ALA A 218 -1.65 -24.54 15.04
N VAL A 219 -2.66 -24.06 15.78
CA VAL A 219 -3.28 -24.85 16.82
C VAL A 219 -4.34 -25.81 16.29
N GLN A 220 -4.63 -25.76 14.99
CA GLN A 220 -5.42 -26.79 14.35
C GLN A 220 -4.56 -27.95 13.89
N SER A 221 -3.31 -27.68 13.50
CA SER A 221 -2.40 -28.70 13.04
C SER A 221 -1.69 -29.44 14.17
N ILE A 222 -2.15 -29.28 15.41
CA ILE A 222 -1.73 -30.14 16.51
C ILE A 222 -2.88 -31.00 17.00
N ILE A 223 -4.08 -30.43 17.13
CA ILE A 223 -5.26 -31.21 17.47
C ILE A 223 -5.62 -32.15 16.33
N SER A 224 -5.32 -31.77 15.08
CA SER A 224 -5.56 -32.69 13.98
C SER A 224 -4.53 -33.82 13.92
N VAL A 225 -3.41 -33.71 14.62
CA VAL A 225 -2.43 -34.78 14.68
C VAL A 225 -2.71 -35.71 15.86
N ILE A 226 -3.06 -35.14 17.02
CA ILE A 226 -3.36 -35.95 18.19
C ILE A 226 -4.63 -36.77 18.00
N SER A 227 -5.63 -36.21 17.31
CA SER A 227 -6.90 -36.92 17.16
C SER A 227 -6.88 -37.97 16.06
N PHE A 228 -5.89 -37.96 15.17
CA PHE A 228 -5.82 -38.91 14.07
C PHE A 228 -4.80 -40.01 14.28
N THR A 229 -3.97 -39.93 15.32
CA THR A 229 -2.89 -40.89 15.50
C THR A 229 -3.34 -42.21 16.12
N ALA A 230 -4.60 -42.32 16.53
CA ALA A 230 -5.12 -43.57 17.06
C ALA A 230 -5.85 -44.40 16.01
N ILE A 231 -5.97 -43.89 14.78
CA ILE A 231 -6.57 -44.63 13.69
C ILE A 231 -5.51 -45.27 12.80
N LEU A 232 -4.43 -44.54 12.53
CA LEU A 232 -3.33 -45.08 11.73
C LEU A 232 -2.50 -46.08 12.50
N TRP A 233 -2.59 -46.10 13.83
CA TRP A 233 -1.75 -46.99 14.63
C TRP A 233 -2.20 -48.44 14.50
N ASN A 234 -3.52 -48.67 14.50
CA ASN A 234 -4.06 -50.02 14.39
C ASN A 234 -4.60 -50.32 13.00
N LEU A 235 -3.93 -49.81 11.96
CA LEU A 235 -4.25 -50.15 10.58
C LEU A 235 -3.02 -50.50 9.77
N SER A 236 -1.83 -50.49 10.37
CA SER A 236 -0.60 -50.84 9.68
C SER A 236 -0.09 -52.17 10.19
N GLY A 237 0.86 -52.75 9.45
CA GLY A 237 1.38 -54.07 9.75
C GLY A 237 2.90 -54.13 9.66
N THR A 238 3.41 -55.34 9.87
CA THR A 238 4.84 -55.59 9.84
C THR A 238 5.34 -55.62 8.40
N LEU A 239 6.42 -54.90 8.14
CA LEU A 239 7.01 -54.83 6.82
C LEU A 239 8.45 -55.34 6.86
N ASN A 240 8.80 -56.16 5.88
CA ASN A 240 10.13 -56.74 5.75
C ASN A 240 10.71 -56.31 4.40
N ILE A 241 11.84 -55.60 4.43
CA ILE A 241 12.47 -55.09 3.22
C ILE A 241 13.92 -55.57 3.08
N PHE A 242 14.71 -55.50 4.15
CA PHE A 242 16.11 -55.89 4.11
C PHE A 242 16.42 -56.92 5.19
N GLY A 243 15.42 -57.70 5.59
CA GLY A 243 15.58 -58.61 6.70
C GLY A 243 15.38 -58.00 8.06
N VAL A 244 14.90 -56.75 8.12
CA VAL A 244 14.64 -56.05 9.38
C VAL A 244 13.13 -56.00 9.58
N SER A 245 12.68 -56.47 10.73
CA SER A 245 11.24 -56.54 11.03
C SER A 245 10.82 -55.26 11.74
N ILE A 246 10.32 -54.30 10.97
CA ILE A 246 9.78 -53.06 11.50
C ILE A 246 8.33 -53.33 11.93
N PRO A 247 7.94 -53.00 13.16
CA PRO A 247 6.60 -53.39 13.62
C PRO A 247 5.47 -52.58 13.00
N ARG A 248 5.61 -51.25 12.92
CA ARG A 248 4.58 -50.37 12.38
C ARG A 248 5.25 -49.48 11.35
N ALA A 249 5.31 -49.94 10.10
CA ALA A 249 6.13 -49.27 9.10
C ALA A 249 5.49 -47.96 8.64
N MET A 250 4.19 -47.97 8.38
CA MET A 250 3.54 -46.80 7.81
C MET A 250 3.35 -45.67 8.81
N PHE A 251 3.57 -45.92 10.10
CA PHE A 251 3.51 -44.84 11.07
C PHE A 251 4.88 -44.24 11.37
N TRP A 252 5.91 -45.07 11.47
CA TRP A 252 7.26 -44.54 11.67
C TRP A 252 7.87 -44.00 10.38
N THR A 253 7.30 -44.30 9.22
CA THR A 253 7.84 -43.77 7.98
C THR A 253 7.51 -42.29 7.81
N VAL A 254 6.26 -41.91 8.11
CA VAL A 254 5.83 -40.54 7.89
C VAL A 254 6.42 -39.56 8.91
N LEU A 255 6.93 -40.05 10.03
CA LEU A 255 7.60 -39.19 11.00
C LEU A 255 9.09 -39.04 10.74
N VAL A 256 9.64 -39.81 9.82
CA VAL A 256 11.03 -39.66 9.39
C VAL A 256 11.12 -38.84 8.11
N TYR A 257 10.17 -39.05 7.19
CA TYR A 257 10.17 -38.36 5.91
C TYR A 257 9.87 -36.87 6.03
N VAL A 258 9.22 -36.45 7.11
CA VAL A 258 8.90 -35.03 7.28
C VAL A 258 10.00 -34.30 8.02
N PHE A 259 10.60 -34.94 9.02
CA PHE A 259 11.66 -34.32 9.82
C PHE A 259 12.92 -34.07 9.01
N VAL A 260 13.23 -34.95 8.05
CA VAL A 260 14.39 -34.72 7.20
C VAL A 260 14.08 -33.63 6.17
N ALA A 261 12.92 -33.69 5.54
CA ALA A 261 12.55 -32.75 4.49
C ALA A 261 12.18 -31.37 5.03
N THR A 262 12.05 -31.20 6.33
CA THR A 262 11.82 -29.89 6.92
C THR A 262 13.11 -29.09 7.08
N VAL A 263 14.17 -29.68 7.64
CA VAL A 263 15.39 -28.95 7.93
C VAL A 263 16.19 -28.56 6.68
N ILE A 264 15.87 -29.13 5.52
CA ILE A 264 16.48 -28.62 4.30
C ILE A 264 15.72 -27.39 3.82
N SER A 265 14.44 -27.29 4.12
CA SER A 265 13.62 -26.15 3.72
C SER A 265 13.69 -25.00 4.71
N PHE A 266 14.61 -25.05 5.68
CA PHE A 266 14.89 -23.92 6.55
C PHE A 266 16.21 -23.24 6.23
N ILE A 267 17.10 -23.91 5.50
CA ILE A 267 18.35 -23.29 5.07
C ILE A 267 18.27 -22.75 3.66
N ILE A 268 17.18 -23.05 2.93
CA ILE A 268 16.94 -22.42 1.64
C ILE A 268 16.24 -21.08 1.80
N GLY A 269 15.20 -21.04 2.62
CA GLY A 269 14.46 -19.81 2.82
C GLY A 269 14.97 -18.95 3.95
N ARG A 270 16.22 -19.12 4.33
CA ARG A 270 16.85 -18.35 5.39
C ARG A 270 17.08 -16.87 5.06
N PRO A 271 17.61 -16.46 3.85
CA PRO A 271 17.76 -15.03 3.60
C PRO A 271 16.50 -14.34 3.10
N LEU A 272 15.35 -14.95 3.31
CA LEU A 272 14.09 -14.43 2.81
C LEU A 272 13.47 -13.39 3.73
N ILE A 273 14.14 -13.04 4.83
CA ILE A 273 13.64 -12.00 5.74
C ILE A 273 14.15 -10.63 5.34
N TRP A 274 15.44 -10.52 5.01
CA TRP A 274 16.02 -9.23 4.65
C TRP A 274 15.75 -8.83 3.20
N LEU A 275 15.09 -9.67 2.42
CA LEU A 275 14.61 -9.28 1.10
C LEU A 275 13.17 -8.80 1.11
N SER A 276 12.40 -9.14 2.13
CA SER A 276 11.05 -8.62 2.27
C SER A 276 10.98 -7.40 3.17
N PHE A 277 12.06 -7.08 3.88
CA PHE A 277 12.15 -5.84 4.63
C PHE A 277 12.64 -4.70 3.78
N ARG A 278 13.51 -4.96 2.82
CA ARG A 278 13.98 -3.95 1.90
C ARG A 278 12.99 -3.64 0.80
N ASN A 279 11.95 -4.45 0.63
CA ASN A 279 10.93 -4.17 -0.36
C ASN A 279 9.93 -3.13 0.11
N GLU A 280 9.79 -2.93 1.42
CA GLU A 280 8.96 -1.86 1.94
C GLU A 280 9.73 -0.58 2.16
N LYS A 281 11.06 -0.65 2.28
CA LYS A 281 11.86 0.55 2.50
C LYS A 281 12.12 1.29 1.20
N LEU A 282 12.44 0.58 0.13
CA LEU A 282 12.69 1.20 -1.16
C LEU A 282 11.43 1.61 -1.90
N ASN A 283 10.27 1.13 -1.47
CA ASN A 283 9.00 1.49 -2.07
C ASN A 283 8.31 2.63 -1.35
N ALA A 284 8.82 3.04 -0.18
CA ALA A 284 8.26 4.15 0.56
C ALA A 284 9.18 5.36 0.55
N ALA A 285 10.32 5.28 -0.13
CA ALA A 285 11.13 6.45 -0.42
C ALA A 285 10.93 6.93 -1.84
N PHE A 286 10.19 6.19 -2.66
CA PHE A 286 9.78 6.61 -3.99
C PHE A 286 8.50 7.44 -3.95
N ARG A 287 7.58 7.09 -3.05
CA ARG A 287 6.34 7.85 -2.95
C ARG A 287 6.56 9.20 -2.27
N TYR A 288 7.53 9.29 -1.37
CA TYR A 288 7.81 10.58 -0.73
C TYR A 288 8.42 11.57 -1.70
N ALA A 289 9.15 11.10 -2.71
CA ALA A 289 9.71 11.99 -3.71
C ALA A 289 8.67 12.55 -4.67
N LEU A 290 7.46 11.98 -4.70
CA LEU A 290 6.37 12.50 -5.52
C LEU A 290 5.44 13.43 -4.77
N VAL A 291 5.32 13.29 -3.45
CA VAL A 291 4.50 14.21 -2.67
C VAL A 291 5.23 15.54 -2.48
N ARG A 292 6.55 15.50 -2.35
CA ARG A 292 7.34 16.72 -2.21
C ARG A 292 7.31 17.56 -3.49
N LEU A 293 7.14 16.93 -4.65
CA LEU A 293 6.97 17.67 -5.89
C LEU A 293 5.57 18.27 -6.01
N ARG A 294 4.60 17.77 -5.25
CA ARG A 294 3.22 18.19 -5.44
C ARG A 294 2.92 19.50 -4.75
N ASP A 295 3.41 19.69 -3.53
CA ASP A 295 3.15 20.91 -2.79
C ASP A 295 4.19 22.00 -3.04
N ALA A 296 5.15 21.74 -3.93
CA ALA A 296 6.13 22.74 -4.37
C ALA A 296 6.12 22.82 -5.89
N ALA A 297 4.93 22.83 -6.47
CA ALA A 297 4.77 22.78 -7.92
C ALA A 297 4.82 24.14 -8.58
N GLU A 298 4.95 25.22 -7.82
CA GLU A 298 5.08 26.53 -8.43
C GLU A 298 6.54 26.87 -8.71
N ALA A 299 7.44 26.50 -7.78
CA ALA A 299 8.86 26.77 -7.97
C ALA A 299 9.47 25.91 -9.06
N VAL A 300 8.94 24.70 -9.30
CA VAL A 300 9.43 23.91 -10.42
C VAL A 300 8.94 24.50 -11.74
N GLY A 301 7.73 25.07 -11.75
CA GLY A 301 7.23 25.68 -12.96
C GLY A 301 7.89 27.00 -13.29
N PHE A 302 8.35 27.73 -12.26
CA PHE A 302 9.06 28.97 -12.50
C PHE A 302 10.44 28.70 -13.09
N TYR A 303 11.19 27.79 -12.50
CA TYR A 303 12.56 27.52 -12.93
C TYR A 303 12.66 26.72 -14.22
N ARG A 304 11.56 26.11 -14.67
CA ARG A 304 11.52 25.20 -15.83
C ARG A 304 12.50 24.05 -15.66
N GLY A 305 12.55 23.47 -14.47
CA GLY A 305 13.49 22.42 -14.16
C GLY A 305 12.85 21.04 -14.16
N GLU A 306 12.00 20.75 -15.14
CA GLU A 306 11.32 19.47 -15.22
C GLU A 306 12.16 18.37 -15.85
N ARG A 307 13.44 18.63 -16.12
CA ARG A 307 14.32 17.60 -16.66
C ARG A 307 15.37 17.13 -15.67
N VAL A 308 15.79 18.00 -14.73
CA VAL A 308 16.63 17.56 -13.63
C VAL A 308 15.81 16.74 -12.65
N GLU A 309 14.54 17.10 -12.47
CA GLU A 309 13.64 16.35 -11.60
C GLU A 309 13.19 15.04 -12.22
N GLY A 310 13.47 14.80 -13.49
CA GLY A 310 13.24 13.50 -14.09
C GLY A 310 14.39 12.54 -13.94
N THR A 311 15.48 12.97 -13.32
CA THR A 311 16.62 12.13 -13.02
C THR A 311 16.69 11.74 -11.55
N GLN A 312 16.47 12.69 -10.65
CA GLN A 312 16.40 12.38 -9.22
C GLN A 312 15.13 11.65 -8.83
N LEU A 313 14.18 11.49 -9.76
CA LEU A 313 13.01 10.65 -9.58
C LEU A 313 13.19 9.25 -10.13
N GLN A 314 14.10 9.09 -11.09
CA GLN A 314 14.40 7.79 -11.68
C GLN A 314 15.55 7.11 -10.96
N ARG A 315 16.33 7.83 -10.17
CA ARG A 315 17.36 7.25 -9.34
C ARG A 315 16.81 6.52 -8.13
N ARG A 316 15.52 6.68 -7.82
CA ARG A 316 14.87 5.98 -6.74
C ARG A 316 13.97 4.85 -7.22
N PHE A 317 13.76 4.71 -8.52
CA PHE A 317 12.97 3.62 -9.07
C PHE A 317 13.82 2.45 -9.56
N THR A 318 15.12 2.66 -9.80
CA THR A 318 15.97 1.55 -10.21
C THR A 318 16.18 0.50 -9.10
N PRO A 319 16.55 0.84 -7.85
CA PRO A 319 16.74 -0.24 -6.87
C PRO A 319 15.47 -0.84 -6.31
N VAL A 320 14.28 -0.34 -6.67
CA VAL A 320 13.06 -1.01 -6.23
C VAL A 320 12.63 -2.06 -7.25
N ILE A 321 13.16 -2.00 -8.48
CA ILE A 321 12.91 -3.04 -9.46
C ILE A 321 14.12 -3.95 -9.64
N ASP A 322 15.29 -3.55 -9.16
CA ASP A 322 16.45 -4.44 -9.16
C ASP A 322 16.46 -5.38 -7.96
N ASN A 323 15.72 -5.03 -6.90
CA ASN A 323 15.63 -5.91 -5.74
C ASN A 323 14.55 -6.96 -5.92
N TYR A 324 13.51 -6.64 -6.68
CA TYR A 324 12.40 -7.58 -6.89
C TYR A 324 12.81 -8.75 -7.76
N ARG A 325 13.73 -8.56 -8.70
CA ARG A 325 14.14 -9.64 -9.59
C ARG A 325 14.91 -10.73 -8.87
N ARG A 326 15.52 -10.44 -7.74
CA ARG A 326 16.15 -11.49 -6.93
C ARG A 326 15.27 -11.97 -5.80
N TYR A 327 14.18 -11.27 -5.51
CA TYR A 327 13.12 -11.82 -4.68
C TYR A 327 12.32 -12.86 -5.44
N VAL A 328 12.20 -12.72 -6.77
CA VAL A 328 11.53 -13.75 -7.56
C VAL A 328 12.40 -15.01 -7.67
N ARG A 329 13.71 -14.83 -7.88
CA ARG A 329 14.61 -15.96 -8.08
C ARG A 329 14.84 -16.81 -6.85
N ARG A 330 14.46 -16.33 -5.67
CA ARG A 330 14.58 -17.12 -4.44
C ARG A 330 13.30 -17.86 -4.11
N SER A 331 12.15 -17.34 -4.53
CA SER A 331 10.86 -17.96 -4.24
C SER A 331 10.46 -19.02 -5.25
N ILE A 332 11.35 -19.37 -6.18
CA ILE A 332 11.17 -20.54 -7.02
C ILE A 332 12.00 -21.73 -6.54
N ALA A 333 13.21 -21.49 -6.04
CA ALA A 333 13.98 -22.57 -5.42
C ALA A 333 13.39 -23.02 -4.11
N PHE A 334 12.58 -22.18 -3.45
CA PHE A 334 11.91 -22.56 -2.22
C PHE A 334 10.57 -23.22 -2.47
N ASN A 335 9.82 -22.75 -3.47
CA ASN A 335 8.54 -23.36 -3.80
C ASN A 335 8.68 -24.59 -4.69
N GLY A 336 9.86 -24.81 -5.26
CA GLY A 336 10.11 -25.98 -6.08
C GLY A 336 10.51 -27.21 -5.31
N TRP A 337 10.81 -27.06 -4.02
CA TRP A 337 11.17 -28.19 -3.19
C TRP A 337 9.99 -28.71 -2.38
N ASN A 338 9.16 -27.81 -1.85
CA ASN A 338 7.99 -28.18 -1.07
C ASN A 338 6.88 -28.81 -1.89
N LEU A 339 6.90 -28.63 -3.21
CA LEU A 339 5.96 -29.33 -4.09
C LEU A 339 6.53 -30.63 -4.60
N SER A 340 7.83 -30.69 -4.87
CA SER A 340 8.47 -31.91 -5.30
C SER A 340 8.59 -32.95 -4.20
N VAL A 341 8.56 -32.54 -2.93
CA VAL A 341 8.52 -33.49 -1.83
C VAL A 341 7.11 -34.04 -1.61
N SER A 342 6.10 -33.16 -1.62
CA SER A 342 4.73 -33.56 -1.33
C SER A 342 4.08 -34.36 -2.45
N GLN A 343 4.67 -34.38 -3.65
CA GLN A 343 4.07 -35.08 -4.77
C GLN A 343 4.44 -36.55 -4.82
N THR A 344 5.62 -36.91 -4.31
CA THR A 344 6.10 -38.29 -4.38
C THR A 344 5.76 -39.10 -3.13
N ILE A 345 4.64 -38.81 -2.48
CA ILE A 345 4.25 -39.56 -1.29
C ILE A 345 2.80 -40.01 -1.44
N VAL A 346 2.09 -39.47 -2.42
CA VAL A 346 0.70 -39.82 -2.65
C VAL A 346 0.41 -41.26 -3.12
N PRO A 347 1.28 -42.03 -3.79
CA PRO A 347 0.92 -43.44 -4.00
C PRO A 347 1.42 -44.39 -2.92
N LEU A 348 1.89 -43.90 -1.79
CA LEU A 348 2.49 -44.78 -0.78
C LEU A 348 1.49 -45.63 0.03
N PRO A 349 0.32 -45.16 0.49
CA PRO A 349 -0.59 -46.09 1.15
C PRO A 349 -1.37 -47.00 0.21
N TRP A 350 -1.15 -46.92 -1.10
CA TRP A 350 -1.79 -47.81 -2.05
C TRP A 350 -0.90 -48.96 -2.50
N VAL A 351 0.38 -48.94 -2.15
CA VAL A 351 1.30 -50.00 -2.54
C VAL A 351 1.77 -50.84 -1.36
N ILE A 352 1.34 -50.53 -0.15
CA ILE A 352 1.69 -51.34 1.01
C ILE A 352 0.48 -52.16 1.41
N GLN A 353 -0.71 -51.58 1.30
CA GLN A 353 -1.94 -52.25 1.67
C GLN A 353 -2.50 -53.14 0.56
N ALA A 354 -2.00 -53.00 -0.67
CA ALA A 354 -2.55 -53.74 -1.80
C ALA A 354 -2.23 -55.22 -1.85
N PRO A 355 -1.05 -55.73 -1.44
CA PRO A 355 -0.92 -57.19 -1.31
C PRO A 355 -1.72 -57.78 -0.16
N ARG A 356 -2.02 -57.00 0.87
CA ARG A 356 -2.82 -57.51 1.97
C ARG A 356 -4.31 -57.54 1.66
N LEU A 357 -4.74 -56.93 0.55
CA LEU A 357 -6.14 -56.88 0.17
C LEU A 357 -6.54 -57.99 -0.79
N PHE A 358 -5.66 -58.37 -1.72
CA PHE A 358 -5.96 -59.43 -2.66
C PHE A 358 -6.00 -60.79 -1.99
N ALA A 359 -5.28 -60.98 -0.90
CA ALA A 359 -5.50 -62.10 0.00
C ALA A 359 -6.52 -61.69 1.05
N GLY A 360 -7.14 -62.69 1.68
CA GLY A 360 -8.23 -62.42 2.58
C GLY A 360 -7.82 -61.94 3.96
N GLN A 361 -7.39 -60.69 4.07
CA GLN A 361 -7.04 -60.12 5.36
C GLN A 361 -7.86 -58.89 5.70
N ILE A 362 -8.00 -57.93 4.77
CA ILE A 362 -8.84 -56.77 4.97
C ILE A 362 -9.94 -56.77 3.90
N ASP A 363 -10.83 -55.79 3.95
CA ASP A 363 -12.07 -55.90 3.18
C ASP A 363 -12.45 -54.57 2.52
N PHE A 364 -11.46 -53.85 1.99
CA PHE A 364 -11.62 -52.65 1.13
C PHE A 364 -12.22 -51.45 1.86
N GLY A 365 -12.60 -51.60 3.12
CA GLY A 365 -13.12 -50.49 3.87
C GLY A 365 -11.99 -49.67 4.47
N ASP A 366 -10.98 -50.35 4.98
CA ASP A 366 -9.87 -49.67 5.63
C ASP A 366 -8.79 -49.21 4.67
N VAL A 367 -8.90 -49.53 3.38
CA VAL A 367 -8.01 -48.90 2.42
C VAL A 367 -8.47 -47.46 2.17
N GLY A 368 -9.78 -47.24 2.10
CA GLY A 368 -10.33 -45.90 1.98
C GLY A 368 -10.20 -45.04 3.22
N GLN A 369 -9.84 -45.63 4.36
CA GLN A 369 -9.54 -44.85 5.56
C GLN A 369 -8.04 -44.66 5.77
N THR A 370 -7.22 -45.62 5.33
CA THR A 370 -5.78 -45.41 5.34
C THR A 370 -5.38 -44.36 4.32
N ALA A 371 -6.10 -44.29 3.19
CA ALA A 371 -5.83 -43.25 2.20
C ALA A 371 -6.24 -41.86 2.68
N THR A 372 -7.06 -41.76 3.72
CA THR A 372 -7.46 -40.47 4.26
C THR A 372 -6.63 -40.07 5.48
N SER A 373 -6.38 -41.01 6.39
CA SER A 373 -5.62 -40.69 7.60
C SER A 373 -4.15 -40.44 7.31
N PHE A 374 -3.60 -41.08 6.27
CA PHE A 374 -2.22 -40.79 5.89
C PHE A 374 -2.10 -39.46 5.16
N GLY A 375 -3.17 -39.01 4.52
CA GLY A 375 -3.15 -37.73 3.83
C GLY A 375 -3.72 -36.61 4.67
N ASN A 376 -3.75 -36.82 5.99
CA ASN A 376 -4.21 -35.78 6.90
C ASN A 376 -3.29 -35.55 8.08
N ILE A 377 -2.44 -36.51 8.45
CA ILE A 377 -1.32 -36.23 9.35
C ILE A 377 -0.07 -35.85 8.58
N HIS A 378 -0.09 -35.96 7.26
CA HIS A 378 0.95 -35.41 6.42
C HIS A 378 0.66 -33.98 6.00
N ASP A 379 -0.62 -33.60 5.90
CA ASP A 379 -1.00 -32.22 5.63
C ASP A 379 -1.05 -31.37 6.89
N SER A 380 -0.73 -31.92 8.05
CA SER A 380 -0.70 -31.15 9.28
C SER A 380 0.69 -31.03 9.88
N LEU A 381 1.56 -32.00 9.66
CA LEU A 381 2.96 -31.84 10.00
C LEU A 381 3.73 -31.02 8.97
N SER A 382 3.14 -30.80 7.80
CA SER A 382 3.72 -29.94 6.77
C SER A 382 3.09 -28.56 6.78
N PHE A 383 2.74 -28.05 7.95
CA PHE A 383 2.33 -26.66 8.08
C PHE A 383 3.51 -25.76 8.40
N PHE A 384 4.51 -26.27 9.09
CA PHE A 384 5.66 -25.47 9.50
C PHE A 384 6.70 -25.32 8.40
N ARG A 385 6.52 -25.97 7.25
CA ARG A 385 7.39 -25.76 6.11
C ARG A 385 6.66 -25.26 4.86
N ASN A 386 5.34 -25.43 4.77
CA ASN A 386 4.60 -24.86 3.66
C ASN A 386 4.32 -23.39 3.87
N ASN A 387 4.31 -22.91 5.11
CA ASN A 387 3.97 -21.53 5.40
C ASN A 387 5.14 -20.81 6.04
N TYR A 388 6.32 -20.97 5.46
CA TYR A 388 7.48 -20.19 5.87
C TYR A 388 7.68 -18.96 5.01
N ASP A 389 7.07 -18.92 3.82
CA ASP A 389 7.15 -17.71 3.01
C ASP A 389 6.20 -16.62 3.51
N ALA A 390 5.19 -16.97 4.28
CA ALA A 390 4.26 -16.02 4.85
C ALA A 390 4.57 -15.70 6.31
N PHE A 391 5.53 -16.38 6.91
CA PHE A 391 6.01 -16.04 8.23
C PHE A 391 7.25 -15.16 8.20
N ALA A 392 8.09 -15.32 7.18
CA ALA A 392 9.26 -14.47 7.06
C ALA A 392 8.90 -13.05 6.62
N SER A 393 7.71 -12.85 6.09
CA SER A 393 7.21 -11.51 5.82
C SER A 393 6.44 -10.91 6.99
N PHE A 394 6.06 -11.74 7.96
CA PHE A 394 5.45 -11.26 9.20
C PHE A 394 6.51 -10.89 10.23
N ARG A 395 7.67 -11.53 10.18
CA ARG A 395 8.78 -11.17 11.06
C ARG A 395 9.46 -9.87 10.64
N ALA A 396 9.20 -9.38 9.43
CA ALA A 396 9.74 -8.11 8.98
C ALA A 396 8.76 -6.96 9.19
N ALA A 397 7.63 -7.21 9.86
CA ALA A 397 6.72 -6.16 10.27
C ALA A 397 6.77 -5.91 11.76
N ILE A 398 7.50 -6.73 12.51
CA ILE A 398 7.75 -6.45 13.92
C ILE A 398 9.00 -5.59 14.08
N ILE A 399 9.98 -5.73 13.18
CA ILE A 399 11.18 -4.91 13.24
C ILE A 399 10.86 -3.46 12.90
N ARG A 400 9.97 -3.22 11.95
CA ARG A 400 9.64 -1.86 11.54
C ARG A 400 8.87 -1.12 12.62
N LEU A 401 7.97 -1.81 13.33
CA LEU A 401 7.27 -1.17 14.44
C LEU A 401 8.16 -1.03 15.67
N HIS A 402 9.03 -2.01 15.92
CA HIS A 402 9.91 -1.94 17.08
C HIS A 402 10.95 -0.84 16.93
N GLY A 403 11.38 -0.54 15.70
CA GLY A 403 12.22 0.62 15.48
C GLY A 403 11.54 1.93 15.83
N LEU A 404 10.27 2.09 15.49
CA LEU A 404 9.51 3.29 15.83
C LEU A 404 9.26 3.40 17.33
N VAL A 405 9.00 2.29 18.00
CA VAL A 405 8.81 2.36 19.46
C VAL A 405 10.15 2.60 20.16
N ASP A 406 11.25 2.10 19.61
CA ASP A 406 12.55 2.26 20.25
C ASP A 406 13.12 3.65 20.04
N ALA A 407 12.92 4.25 18.87
CA ALA A 407 13.52 5.53 18.55
C ALA A 407 12.75 6.72 19.08
N ASN A 408 11.84 6.53 20.04
CA ASN A 408 11.21 7.63 20.73
C ASN A 408 11.56 7.69 22.20
N GLU A 409 12.14 6.62 22.75
CA GLU A 409 12.67 6.67 24.10
C GLU A 409 14.09 7.20 24.14
N LYS A 410 14.82 7.11 23.03
CA LYS A 410 16.10 7.80 22.88
C LYS A 410 15.92 9.21 22.33
N GLY A 411 14.68 9.63 22.10
CA GLY A 411 14.42 10.98 21.64
C GLY A 411 13.95 11.88 22.75
N ARG A 412 13.77 11.31 23.94
CA ARG A 412 13.45 12.08 25.12
C ARG A 412 14.53 12.00 26.20
N ALA A 413 15.68 11.43 25.88
CA ALA A 413 16.79 11.34 26.82
C ALA A 413 17.92 12.32 26.50
N LEU A 414 17.80 13.08 25.42
CA LEU A 414 18.80 14.06 25.07
C LEU A 414 18.70 15.27 26.00
N PRO A 415 19.84 15.90 26.33
CA PRO A 415 19.81 17.02 27.27
C PRO A 415 19.20 18.27 26.65
N ALA A 416 18.75 19.17 27.53
CA ALA A 416 18.08 20.38 27.09
C ALA A 416 18.34 21.47 28.13
N VAL A 417 17.54 22.54 28.07
CA VAL A 417 17.70 23.71 28.93
C VAL A 417 16.65 23.64 30.04
N LEU A 418 17.11 23.77 31.28
CA LEU A 418 16.20 23.73 32.43
C LEU A 418 15.41 25.03 32.53
N THR A 419 14.10 24.89 32.75
CA THR A 419 13.21 26.04 32.88
C THR A 419 12.53 26.02 34.24
N ARG A 420 12.45 27.19 34.87
CA ARG A 420 11.81 27.38 36.16
C ARG A 420 10.80 28.52 36.06
N PRO A 421 9.76 28.50 36.90
CA PRO A 421 8.84 29.64 36.96
C PRO A 421 9.50 30.86 37.60
N SER A 422 8.95 32.03 37.26
CA SER A 422 9.52 33.30 37.65
C SER A 422 9.22 33.60 39.12
N ASP A 423 9.74 34.72 39.60
CA ASP A 423 9.45 35.16 40.97
C ASP A 423 8.04 35.76 41.05
N ASP A 424 7.81 36.88 40.36
CA ASP A 424 6.44 37.34 40.14
C ASP A 424 6.12 37.41 38.65
N GLU A 425 6.79 38.26 37.87
CA GLU A 425 6.57 38.38 36.43
C GLU A 425 7.90 38.88 35.85
N SER A 426 8.72 37.97 35.32
CA SER A 426 10.01 38.37 34.80
C SER A 426 10.53 37.33 33.82
N VAL A 427 11.36 37.79 32.88
CA VAL A 427 12.09 36.91 31.98
C VAL A 427 13.57 37.20 32.21
N GLU A 428 14.24 36.30 32.93
CA GLU A 428 15.67 36.42 33.19
C GLU A 428 16.35 35.10 32.89
N LEU A 429 17.51 35.17 32.25
CA LEU A 429 18.26 34.00 31.86
C LEU A 429 19.73 34.20 32.23
N ASN A 430 20.31 33.16 32.83
CA ASN A 430 21.52 33.28 33.62
C ASN A 430 22.80 33.05 32.81
N ASP A 431 22.95 31.86 32.23
CA ASP A 431 24.12 31.57 31.42
C ASP A 431 23.75 30.55 30.35
N ILE A 432 23.96 30.92 29.09
CA ILE A 432 23.53 30.08 27.97
C ILE A 432 24.66 30.02 26.95
N GLU A 433 25.09 28.81 26.63
CA GLU A 433 26.04 28.57 25.55
C GLU A 433 25.40 27.64 24.53
N VAL A 434 25.54 27.99 23.26
CA VAL A 434 24.89 27.29 22.16
C VAL A 434 25.97 26.80 21.21
N ARG A 435 25.91 25.53 20.84
CA ARG A 435 26.90 24.93 19.97
C ARG A 435 26.25 24.43 18.67
N THR A 436 27.10 23.92 17.78
CA THR A 436 26.82 23.35 16.48
C THR A 436 27.10 21.85 16.54
N PRO A 437 26.29 21.01 15.87
CA PRO A 437 26.50 19.55 15.96
C PRO A 437 27.86 19.04 15.47
N ALA A 438 28.60 19.83 14.69
CA ALA A 438 29.97 19.48 14.37
C ALA A 438 30.94 19.79 15.48
N GLY A 439 30.53 20.57 16.49
CA GLY A 439 31.40 20.91 17.60
C GLY A 439 31.93 22.32 17.61
N ASP A 440 31.33 23.23 16.85
CA ASP A 440 31.80 24.61 16.78
C ASP A 440 31.14 25.43 17.90
N ARG A 441 31.28 26.74 17.83
CA ARG A 441 30.71 27.64 18.83
C ARG A 441 29.91 28.73 18.14
N LEU A 442 28.81 29.12 18.77
CA LEU A 442 27.99 30.20 18.25
C LEU A 442 27.80 31.34 19.23
N ILE A 443 27.60 31.05 20.51
CA ILE A 443 27.21 32.05 21.49
C ILE A 443 27.91 31.75 22.82
N ASP A 444 28.62 32.74 23.35
CA ASP A 444 29.28 32.65 24.65
C ASP A 444 28.26 32.83 25.77
N PRO A 445 28.59 32.42 27.01
CA PRO A 445 27.63 32.59 28.12
C PRO A 445 27.27 34.04 28.41
N LEU A 446 25.96 34.29 28.48
CA LEU A 446 25.42 35.64 28.65
C LEU A 446 24.28 35.64 29.66
N ASP A 447 24.04 36.81 30.25
CA ASP A 447 23.09 37.00 31.33
C ASP A 447 22.19 38.19 31.01
N VAL A 448 20.90 37.94 30.81
CA VAL A 448 19.95 38.99 30.42
C VAL A 448 18.77 38.96 31.36
N ARG A 449 18.35 40.13 31.84
CA ARG A 449 17.14 40.25 32.66
C ARG A 449 16.24 41.33 32.08
N LEU A 450 14.96 40.98 31.87
CA LEU A 450 13.94 41.92 31.45
C LEU A 450 12.96 42.16 32.60
N ASP A 451 12.19 43.23 32.48
CA ASP A 451 11.20 43.60 33.48
C ASP A 451 9.81 43.57 32.85
N ARG A 452 8.82 44.06 33.59
CA ARG A 452 7.42 43.90 33.20
C ARG A 452 6.98 44.79 32.04
N GLY A 453 7.84 45.67 31.55
CA GLY A 453 7.48 46.50 30.42
C GLY A 453 8.60 46.67 29.42
N GLY A 454 9.66 45.86 29.56
CA GLY A 454 10.84 46.01 28.75
C GLY A 454 10.67 45.47 27.34
N SER A 455 11.72 45.67 26.55
CA SER A 455 11.76 45.22 25.16
C SER A 455 13.20 44.90 24.80
N LEU A 456 13.37 44.22 23.67
CA LEU A 456 14.70 43.80 23.24
C LEU A 456 14.70 43.54 21.75
N VAL A 457 15.77 43.97 21.07
CA VAL A 457 15.98 43.68 19.65
C VAL A 457 17.28 42.90 19.52
N ILE A 458 17.20 41.74 18.88
CA ILE A 458 18.37 40.90 18.61
C ILE A 458 18.76 41.13 17.15
N THR A 459 19.96 41.63 16.92
CA THR A 459 20.44 41.90 15.58
C THR A 459 21.80 41.24 15.36
N GLY A 460 22.21 41.17 14.10
CA GLY A 460 23.49 40.57 13.78
C GLY A 460 23.63 40.35 12.28
N ARG A 461 24.43 39.35 11.94
CA ARG A 461 24.73 39.02 10.55
C ARG A 461 23.60 38.15 10.00
N SER A 462 23.82 37.57 8.81
CA SER A 462 22.78 36.80 8.15
C SER A 462 22.84 35.32 8.46
N GLY A 463 23.95 34.81 9.00
CA GLY A 463 24.07 33.39 9.25
C GLY A 463 24.77 33.01 10.53
N ALA A 464 24.64 33.82 11.59
CA ALA A 464 25.41 33.60 12.82
C ALA A 464 24.48 33.52 14.03
N GLY A 465 23.93 32.33 14.27
CA GLY A 465 23.34 31.94 15.55
C GLY A 465 22.18 32.78 16.05
N LYS A 466 21.27 33.18 15.17
CA LYS A 466 20.21 34.10 15.54
C LYS A 466 18.89 33.40 15.84
N THR A 467 18.51 32.42 15.02
CA THR A 467 17.27 31.68 15.28
C THR A 467 17.50 30.55 16.27
N THR A 468 18.68 29.92 16.27
CA THR A 468 18.96 28.83 17.19
C THR A 468 19.14 29.27 18.63
N LEU A 469 19.17 30.58 18.91
CA LEU A 469 18.97 31.02 20.28
C LEU A 469 17.53 30.82 20.70
N LEU A 470 16.58 31.10 19.79
CA LEU A 470 15.17 30.90 20.09
C LEU A 470 14.75 29.45 19.96
N ARG A 471 15.52 28.61 19.27
CA ARG A 471 15.25 27.19 19.25
C ARG A 471 15.76 26.47 20.49
N SER A 472 16.48 27.16 21.36
CA SER A 472 16.95 26.60 22.62
C SER A 472 16.05 26.98 23.80
N LEU A 473 15.45 28.16 23.78
CA LEU A 473 14.53 28.56 24.83
C LEU A 473 13.17 27.90 24.71
N ALA A 474 12.90 27.21 23.60
CA ALA A 474 11.64 26.52 23.40
C ALA A 474 11.76 25.01 23.61
N GLU A 475 12.88 24.57 24.20
CA GLU A 475 13.19 23.16 24.46
C GLU A 475 13.10 22.30 23.20
N LEU A 476 13.90 22.67 22.20
CA LEU A 476 13.94 21.94 20.94
C LEU A 476 15.35 21.63 20.45
N TRP A 477 16.37 22.27 21.02
CA TRP A 477 17.75 22.12 20.57
C TRP A 477 18.53 21.34 21.62
N PRO A 478 19.10 20.20 21.29
CA PRO A 478 19.78 19.39 22.32
C PRO A 478 21.13 19.94 22.75
N TYR A 479 21.88 20.57 21.84
CA TYR A 479 23.23 21.05 22.14
C TYR A 479 23.14 22.44 22.75
N ALA A 480 22.75 22.49 24.01
CA ALA A 480 22.70 23.74 24.76
C ALA A 480 22.87 23.44 26.23
N SER A 481 23.05 24.49 27.02
CA SER A 481 23.24 24.36 28.46
C SER A 481 22.68 25.59 29.15
N GLY A 482 22.38 25.43 30.44
CA GLY A 482 21.99 26.57 31.25
C GLY A 482 20.61 26.49 31.87
N THR A 483 20.04 27.64 32.21
CA THR A 483 18.74 27.71 32.86
C THR A 483 17.98 28.92 32.36
N LEU A 484 16.67 28.93 32.64
CA LEU A 484 15.81 30.02 32.23
C LEU A 484 14.70 30.18 33.26
N HIS A 485 14.27 31.42 33.48
CA HIS A 485 13.17 31.74 34.39
C HIS A 485 12.08 32.44 33.60
N ARG A 486 10.88 31.88 33.61
CA ARG A 486 9.82 32.35 32.73
C ARG A 486 8.53 32.53 33.53
N PRO A 487 7.62 33.39 33.05
CA PRO A 487 6.24 33.38 33.60
C PRO A 487 5.43 32.21 33.04
N GLY A 488 5.60 31.05 33.67
CA GLY A 488 5.06 29.83 33.12
C GLY A 488 3.56 29.69 33.33
N GLY A 489 2.95 28.89 32.46
CA GLY A 489 1.52 28.64 32.51
C GLY A 489 1.09 27.70 31.41
N GLU A 490 -0.09 27.93 30.83
CA GLU A 490 -0.57 27.11 29.72
C GLU A 490 -0.21 27.72 28.38
N ASN A 491 -0.70 28.93 28.12
CA ASN A 491 -0.42 29.65 26.88
C ASN A 491 -0.03 31.09 27.19
N GLU A 492 0.85 31.26 28.17
CA GLU A 492 1.30 32.57 28.58
C GLU A 492 2.71 32.88 28.08
N THR A 493 3.20 32.13 27.10
CA THR A 493 4.48 32.42 26.45
C THR A 493 4.36 31.91 25.01
N MET A 494 4.13 32.83 24.09
CA MET A 494 3.89 32.47 22.70
C MET A 494 5.14 32.65 21.87
N PHE A 495 5.40 31.70 20.98
CA PHE A 495 6.49 31.76 20.03
C PHE A 495 5.93 31.87 18.62
N LEU A 496 6.68 32.51 17.74
CA LEU A 496 6.30 32.63 16.33
C LEU A 496 7.46 32.17 15.47
N SER A 497 7.14 31.61 14.30
CA SER A 497 8.12 31.05 13.39
C SER A 497 8.53 32.06 12.32
N GLN A 498 9.60 31.72 11.61
CA GLN A 498 10.08 32.61 10.55
C GLN A 498 9.27 32.42 9.26
N LEU A 499 9.07 31.18 8.85
CA LEU A 499 8.19 30.89 7.72
C LEU A 499 6.80 30.59 8.22
N PRO A 500 5.75 31.16 7.63
CA PRO A 500 4.41 31.04 8.17
C PRO A 500 3.84 29.63 7.97
N TYR A 501 2.75 29.36 8.69
CA TYR A 501 2.18 28.02 8.74
C TYR A 501 0.67 28.11 8.89
N VAL A 502 -0.04 27.23 8.19
CA VAL A 502 -1.50 27.18 8.24
C VAL A 502 -1.98 25.72 8.36
N PRO A 503 -2.93 25.43 9.24
CA PRO A 503 -3.45 24.06 9.36
C PRO A 503 -4.36 23.62 8.22
N LEU A 504 -5.01 22.47 8.37
CA LEU A 504 -5.69 21.82 7.26
C LEU A 504 -7.14 22.23 7.08
N GLY A 505 -7.88 22.50 8.15
CA GLY A 505 -9.33 22.58 8.11
C GLY A 505 -9.89 23.86 7.53
N THR A 506 -11.05 24.25 8.06
CA THR A 506 -11.75 25.44 7.60
C THR A 506 -11.02 26.70 8.08
N LEU A 507 -11.45 27.85 7.56
CA LEU A 507 -10.77 29.11 7.85
C LEU A 507 -10.98 29.57 9.29
N ARG A 508 -12.09 29.16 9.91
CA ARG A 508 -12.29 29.44 11.33
C ARG A 508 -11.25 28.73 12.18
N ASP A 509 -10.80 27.54 11.77
CA ASP A 509 -9.72 26.87 12.47
C ASP A 509 -8.35 27.42 12.08
N VAL A 510 -8.22 28.04 10.92
CA VAL A 510 -6.96 28.64 10.52
C VAL A 510 -6.69 29.92 11.29
N VAL A 511 -7.75 30.69 11.59
CA VAL A 511 -7.57 31.98 12.23
C VAL A 511 -7.12 31.83 13.68
N CYS A 512 -7.77 30.96 14.46
CA CYS A 512 -7.40 30.73 15.86
C CYS A 512 -6.80 29.32 15.97
N TYR A 513 -5.49 29.23 15.73
CA TYR A 513 -4.86 27.92 15.62
C TYR A 513 -4.51 27.22 16.93
N PRO A 514 -3.85 27.82 17.94
CA PRO A 514 -3.51 27.03 19.14
C PRO A 514 -4.71 26.69 20.01
N ASN A 515 -5.78 27.48 19.96
CA ASN A 515 -7.01 27.15 20.64
C ASN A 515 -7.95 26.39 19.71
N SER A 516 -8.97 25.78 20.29
CA SER A 516 -9.95 25.08 19.48
C SER A 516 -10.98 26.05 18.93
N ALA A 517 -11.75 25.59 17.95
CA ALA A 517 -12.74 26.44 17.30
C ALA A 517 -13.97 26.68 18.17
N ALA A 518 -14.22 25.83 19.16
CA ALA A 518 -15.38 25.97 20.01
C ALA A 518 -15.11 26.79 21.27
N ALA A 519 -13.85 27.02 21.60
CA ALA A 519 -13.49 27.78 22.80
C ALA A 519 -13.41 29.28 22.55
N ILE A 520 -13.67 29.73 21.33
CA ILE A 520 -13.70 31.15 20.98
C ILE A 520 -15.09 31.49 20.48
N PRO A 521 -15.77 32.47 21.06
CA PRO A 521 -17.13 32.79 20.61
C PRO A 521 -17.14 33.48 19.26
N ASP A 522 -18.32 33.48 18.64
CA ASP A 522 -18.47 33.98 17.28
C ASP A 522 -18.45 35.50 17.24
N ALA A 523 -18.93 36.16 18.30
CA ALA A 523 -19.14 37.59 18.25
C ALA A 523 -17.85 38.40 18.38
N THR A 524 -16.76 37.77 18.82
CA THR A 524 -15.50 38.49 18.97
C THR A 524 -14.52 38.25 17.85
N LEU A 525 -14.82 37.32 16.92
CA LEU A 525 -13.88 37.02 15.86
C LEU A 525 -14.04 37.95 14.66
N ARG A 526 -15.20 38.60 14.51
CA ARG A 526 -15.43 39.47 13.37
C ARG A 526 -15.02 40.92 13.62
N ASP A 527 -14.64 41.28 14.84
CA ASP A 527 -14.14 42.62 15.10
C ASP A 527 -12.63 42.70 15.01
N THR A 528 -11.93 41.68 15.51
CA THR A 528 -10.48 41.68 15.49
C THR A 528 -9.90 41.37 14.11
N LEU A 529 -10.73 40.97 13.15
CA LEU A 529 -10.28 40.83 11.77
C LEU A 529 -10.32 42.13 10.99
N THR A 530 -10.86 43.20 11.59
CA THR A 530 -10.92 44.50 10.94
C THR A 530 -9.88 45.47 11.47
N LYS A 531 -9.17 45.13 12.54
CA LYS A 531 -8.11 45.99 13.02
C LYS A 531 -6.80 45.74 12.28
N VAL A 532 -6.63 44.54 11.73
CA VAL A 532 -5.42 44.18 11.00
C VAL A 532 -5.60 44.34 9.49
N ALA A 533 -6.60 45.12 9.07
CA ALA A 533 -6.93 45.44 7.67
C ALA A 533 -7.23 44.20 6.84
N LEU A 534 -7.73 43.15 7.48
CA LEU A 534 -8.15 41.94 6.79
C LEU A 534 -9.68 41.94 6.62
N ALA A 535 -10.15 42.93 5.86
CA ALA A 535 -11.60 43.15 5.78
C ALA A 535 -12.36 42.14 4.90
N PRO A 536 -12.00 41.88 3.64
CA PRO A 536 -12.90 41.09 2.79
C PRO A 536 -12.99 39.60 3.11
N LEU A 537 -12.33 39.11 4.16
CA LEU A 537 -12.45 37.72 4.59
C LEU A 537 -13.50 37.54 5.68
N CYS A 538 -14.47 38.44 5.79
CA CYS A 538 -15.53 38.27 6.78
C CYS A 538 -16.54 37.23 6.36
N ASP A 539 -16.71 36.98 5.06
CA ASP A 539 -17.36 35.78 4.60
C ASP A 539 -16.31 34.67 4.50
N ARG A 540 -16.71 33.52 3.91
CA ARG A 540 -15.83 32.38 3.66
C ARG A 540 -15.21 31.82 4.94
N LEU A 541 -15.94 31.87 6.05
CA LEU A 541 -15.49 31.27 7.29
C LEU A 541 -15.89 29.80 7.42
N ASP A 542 -16.52 29.23 6.39
CA ASP A 542 -17.00 27.86 6.44
C ASP A 542 -16.59 27.06 5.21
N GLU A 543 -15.48 27.41 4.58
CA GLU A 543 -15.08 26.74 3.35
C GLU A 543 -14.13 25.59 3.68
N GLU A 544 -13.58 24.95 2.64
CA GLU A 544 -12.80 23.73 2.84
C GLU A 544 -11.49 23.69 2.06
N ARG A 545 -11.29 24.56 1.06
CA ARG A 545 -10.11 24.47 0.21
C ARG A 545 -8.85 24.84 0.97
N ASP A 546 -7.71 24.37 0.46
CA ASP A 546 -6.43 24.56 1.13
C ASP A 546 -5.98 26.01 1.02
N TRP A 547 -5.56 26.58 2.14
CA TRP A 547 -5.21 27.99 2.21
C TRP A 547 -3.72 28.24 2.16
N ALA A 548 -2.90 27.20 2.03
CA ALA A 548 -1.47 27.41 1.87
C ALA A 548 -1.12 27.85 0.45
N LYS A 549 -1.99 27.57 -0.52
CA LYS A 549 -1.75 27.94 -1.91
C LYS A 549 -2.70 29.03 -2.39
N VAL A 550 -3.48 29.62 -1.49
CA VAL A 550 -4.42 30.68 -1.83
C VAL A 550 -4.02 31.99 -1.18
N LEU A 551 -3.82 31.98 0.14
CA LEU A 551 -3.40 33.17 0.85
C LEU A 551 -1.95 33.51 0.52
N SER A 552 -1.72 34.73 0.04
CA SER A 552 -0.39 35.20 -0.28
C SER A 552 0.43 35.37 1.01
N PRO A 553 1.77 35.31 0.92
CA PRO A 553 2.59 35.45 2.14
C PRO A 553 2.59 36.83 2.78
N GLY A 554 1.91 37.82 2.19
CA GLY A 554 1.66 39.07 2.89
C GLY A 554 0.42 39.06 3.74
N GLU A 555 -0.44 38.06 3.57
CA GLU A 555 -1.62 37.89 4.39
C GLU A 555 -1.52 36.72 5.36
N GLN A 556 -0.45 35.93 5.29
CA GLN A 556 -0.18 34.93 6.29
C GLN A 556 0.64 35.48 7.45
N GLN A 557 1.05 36.74 7.37
CA GLN A 557 1.72 37.41 8.47
C GLN A 557 0.85 38.43 9.18
N ARG A 558 -0.34 38.72 8.64
CA ARG A 558 -1.34 39.48 9.38
C ARG A 558 -2.31 38.59 10.12
N VAL A 559 -2.47 37.34 9.67
CA VAL A 559 -3.21 36.36 10.44
C VAL A 559 -2.45 36.02 11.71
N ALA A 560 -1.13 35.95 11.63
CA ALA A 560 -0.28 35.68 12.79
C ALA A 560 -0.28 36.81 13.81
N PHE A 561 -0.76 38.00 13.47
CA PHE A 561 -1.00 39.06 14.42
C PHE A 561 -2.43 39.04 14.97
N ALA A 562 -3.26 38.10 14.52
CA ALA A 562 -4.58 37.91 15.07
C ALA A 562 -4.66 36.69 15.98
N ARG A 563 -3.66 35.81 15.95
CA ARG A 563 -3.54 34.76 16.95
C ARG A 563 -2.94 35.28 18.25
N ILE A 564 -2.40 36.49 18.24
CA ILE A 564 -1.76 37.08 19.41
C ILE A 564 -2.71 38.01 20.16
N LEU A 565 -3.82 38.41 19.55
CA LEU A 565 -4.83 39.23 20.23
C LEU A 565 -5.96 38.42 20.84
N LEU A 566 -6.08 37.14 20.48
CA LEU A 566 -7.11 36.28 21.04
C LEU A 566 -6.61 35.39 22.17
N THR A 567 -5.34 34.98 22.12
CA THR A 567 -4.78 34.13 23.16
C THR A 567 -4.41 34.95 24.40
N LYS A 568 -4.01 36.22 24.20
CA LYS A 568 -3.58 37.19 25.20
C LYS A 568 -2.39 36.67 26.00
N PRO A 569 -1.20 36.60 25.41
CA PRO A 569 -0.03 36.09 26.15
C PRO A 569 0.59 37.14 27.06
N LYS A 570 1.74 36.83 27.64
CA LYS A 570 2.42 37.75 28.54
C LYS A 570 3.86 38.06 28.15
N ALA A 571 4.58 37.13 27.54
CA ALA A 571 6.00 37.29 27.27
C ALA A 571 6.34 36.83 25.86
N VAL A 572 5.62 37.35 24.86
CA VAL A 572 5.65 36.78 23.52
C VAL A 572 6.95 37.08 22.81
N PHE A 573 7.57 36.04 22.24
CA PHE A 573 8.73 36.15 21.36
C PHE A 573 8.25 36.16 19.92
N LEU A 574 8.99 36.86 19.05
CA LEU A 574 8.67 36.81 17.63
C LEU A 574 9.92 37.08 16.81
N ASP A 575 10.08 36.29 15.73
CA ASP A 575 11.15 36.51 14.77
C ASP A 575 10.57 36.65 13.37
N GLY A 576 11.22 37.46 12.56
CA GLY A 576 10.69 37.76 11.23
C GLY A 576 9.42 38.57 11.35
N SER A 577 8.33 38.00 10.80
CA SER A 577 6.94 38.45 10.91
C SER A 577 6.68 39.81 10.25
N THR A 578 7.67 40.41 9.60
CA THR A 578 7.45 41.61 8.79
C THR A 578 8.30 41.53 7.53
N SER A 579 8.45 40.33 6.98
CA SER A 579 9.26 40.18 5.78
C SER A 579 8.58 40.75 4.55
N ALA A 580 7.24 40.74 4.53
CA ALA A 580 6.49 41.20 3.37
C ALA A 580 5.75 42.51 3.56
N LEU A 581 5.45 42.89 4.79
CA LEU A 581 4.71 44.13 5.05
C LEU A 581 5.63 45.34 4.90
N ASP A 582 5.13 46.37 4.23
CA ASP A 582 5.89 47.59 4.03
C ASP A 582 5.75 48.52 5.22
N THR A 583 6.51 49.61 5.19
CA THR A 583 6.45 50.61 6.25
C THR A 583 5.16 51.42 6.12
N GLY A 584 4.47 51.60 7.24
CA GLY A 584 3.15 52.22 7.23
C GLY A 584 2.12 51.24 7.73
N LEU A 585 2.26 49.98 7.32
CA LEU A 585 1.50 48.89 7.90
C LEU A 585 2.28 48.17 8.97
N GLU A 586 3.60 48.29 8.98
CA GLU A 586 4.41 47.76 10.07
C GLU A 586 4.31 48.62 11.31
N PHE A 587 4.36 49.94 11.16
CA PHE A 587 4.26 50.83 12.30
C PHE A 587 2.85 50.85 12.88
N ALA A 588 1.84 50.62 12.04
CA ALA A 588 0.46 50.62 12.52
C ALA A 588 0.08 49.32 13.22
N LEU A 589 0.95 48.30 13.20
CA LEU A 589 0.67 47.03 13.84
C LEU A 589 1.33 46.87 15.21
N TYR A 590 2.30 47.73 15.54
CA TYR A 590 2.92 47.68 16.85
C TYR A 590 2.24 48.62 17.84
N GLN A 591 1.67 49.72 17.35
CA GLN A 591 0.89 50.60 18.23
C GLN A 591 -0.37 49.91 18.72
N LEU A 592 -0.98 49.06 17.89
CA LEU A 592 -2.12 48.26 18.33
C LEU A 592 -1.72 47.23 19.38
N LEU A 593 -0.55 46.61 19.22
CA LEU A 593 -0.06 45.65 20.19
C LEU A 593 0.30 46.30 21.51
N ARG A 594 0.79 47.54 21.49
CA ARG A 594 1.07 48.26 22.72
C ARG A 594 -0.17 48.89 23.34
N SER A 595 -1.21 49.15 22.55
CA SER A 595 -2.42 49.77 23.07
C SER A 595 -3.44 48.77 23.57
N GLU A 596 -3.46 47.55 23.04
CA GLU A 596 -4.41 46.54 23.51
C GLU A 596 -3.88 45.79 24.72
N LEU A 597 -2.70 45.20 24.61
CA LEU A 597 -2.05 44.55 25.73
C LEU A 597 -1.13 45.57 26.41
N PRO A 598 -1.46 46.04 27.62
CA PRO A 598 -0.71 47.18 28.18
C PRO A 598 0.61 46.82 28.82
N ASP A 599 0.84 45.54 29.16
CA ASP A 599 2.10 45.15 29.80
C ASP A 599 2.48 43.75 29.33
N CYS A 600 3.28 43.69 28.27
CA CYS A 600 3.79 42.44 27.73
C CYS A 600 5.26 42.61 27.41
N ILE A 601 6.05 41.60 27.74
CA ILE A 601 7.48 41.61 27.40
C ILE A 601 7.59 41.24 25.93
N VAL A 602 7.96 42.20 25.10
CA VAL A 602 8.02 42.01 23.65
C VAL A 602 9.47 41.85 23.24
N ILE A 603 9.81 40.68 22.70
CA ILE A 603 11.14 40.40 22.18
C ILE A 603 10.98 40.10 20.70
N SER A 604 11.65 40.88 19.87
CA SER A 604 11.45 40.84 18.43
C SER A 604 12.79 40.79 17.70
N VAL A 605 12.89 39.90 16.73
CA VAL A 605 14.08 39.76 15.90
C VAL A 605 13.78 40.45 14.56
N SER A 606 14.72 41.25 14.07
CA SER A 606 14.48 42.04 12.88
C SER A 606 15.78 42.27 12.12
N HIS A 607 15.65 42.81 10.92
CA HIS A 607 16.75 43.13 10.02
C HIS A 607 16.74 44.57 9.54
N ARG A 608 15.57 45.14 9.29
CA ARG A 608 15.49 46.49 8.73
C ARG A 608 15.76 47.52 9.83
N PRO A 609 16.55 48.57 9.52
CA PRO A 609 16.95 49.55 10.54
C PRO A 609 15.92 50.66 10.78
N ALA A 610 14.66 50.28 10.93
CA ALA A 610 13.60 51.22 11.27
C ALA A 610 12.75 50.73 12.44
N LEU A 611 13.16 49.64 13.09
CA LEU A 611 12.47 49.10 14.24
C LEU A 611 13.19 49.35 15.55
N GLU A 612 14.44 49.82 15.51
CA GLU A 612 15.20 50.02 16.73
C GLU A 612 14.77 51.26 17.51
N ARG A 613 14.01 52.15 16.88
CA ARG A 613 13.52 53.34 17.57
C ARG A 613 12.21 53.10 18.30
N LEU A 614 11.73 51.87 18.34
CA LEU A 614 10.51 51.53 19.07
C LEU A 614 10.77 50.82 20.38
N HIS A 615 11.83 50.03 20.46
CA HIS A 615 12.12 49.24 21.66
C HIS A 615 13.07 50.03 22.56
N GLU A 616 13.65 49.36 23.56
CA GLU A 616 14.45 50.02 24.57
C GLU A 616 15.91 49.58 24.60
N ASN A 617 16.19 48.28 24.60
CA ASN A 617 17.53 47.76 24.66
C ASN A 617 17.93 47.17 23.31
N GLN A 618 19.14 46.61 23.24
CA GLN A 618 19.61 46.01 22.00
C GLN A 618 20.71 45.01 22.31
N LEU A 619 20.65 43.86 21.64
CA LEU A 619 21.67 42.84 21.72
C LEU A 619 22.14 42.54 20.31
N GLU A 620 23.46 42.48 20.13
CA GLU A 620 24.03 42.32 18.80
C GLU A 620 25.03 41.17 18.84
N LEU A 621 24.89 40.25 17.88
CA LEU A 621 25.79 39.11 17.76
C LEU A 621 26.89 39.46 16.76
N LEU A 622 28.14 39.50 17.24
CA LEU A 622 29.26 39.86 16.39
C LEU A 622 29.65 38.74 15.44
N GLY A 623 29.20 37.51 15.69
CA GLY A 623 29.59 36.38 14.87
C GLY A 623 30.87 35.74 15.33
N GLY A 624 30.84 34.44 15.58
CA GLY A 624 31.98 33.72 16.10
C GLY A 624 31.92 33.41 17.58
N GLY A 625 31.02 34.05 18.31
CA GLY A 625 30.85 33.77 19.72
C GLY A 625 30.64 34.98 20.59
N GLN A 626 31.09 36.14 20.13
CA GLN A 626 31.05 37.36 20.92
C GLN A 626 29.70 38.06 20.78
N TRP A 627 29.13 38.47 21.90
CA TRP A 627 27.89 39.24 21.95
C TRP A 627 28.18 40.63 22.50
N ARG A 628 27.21 41.53 22.31
CA ARG A 628 27.38 42.90 22.79
C ARG A 628 26.01 43.47 23.11
N LEU A 629 25.82 43.94 24.35
CA LEU A 629 24.55 44.48 24.80
C LEU A 629 24.69 45.99 25.03
N ALA A 630 23.65 46.74 24.64
CA ALA A 630 23.68 48.19 24.79
C ALA A 630 22.26 48.72 24.84
N PRO A 631 21.99 49.77 25.62
CA PRO A 631 20.65 50.37 25.60
C PRO A 631 20.49 51.32 24.43
N VAL A 632 19.26 51.31 23.91
CA VAL A 632 18.82 52.10 22.72
C VAL A 632 19.11 53.58 22.94
N GLU A 633 19.59 54.25 21.88
CA GLU A 633 19.93 55.69 21.97
C GLU A 633 18.87 56.52 21.23
N ALA A 634 19.35 57.42 20.37
CA ALA A 634 18.58 58.39 19.59
C ALA A 634 19.44 59.18 18.60
N MET B 1 -24.07 -62.18 -18.89
CA MET B 1 -22.72 -61.66 -18.84
C MET B 1 -21.71 -62.77 -18.58
N GLY B 2 -21.06 -63.23 -19.66
CA GLY B 2 -20.12 -64.33 -19.57
C GLY B 2 -18.77 -63.88 -19.04
N PRO B 3 -17.80 -64.82 -19.07
CA PRO B 3 -16.45 -64.50 -18.58
C PRO B 3 -15.69 -63.57 -19.50
N LYS B 4 -15.53 -62.32 -19.08
CA LYS B 4 -14.78 -61.32 -19.83
C LYS B 4 -13.59 -60.87 -19.00
N LEU B 5 -12.44 -60.76 -19.66
CA LEU B 5 -11.21 -60.38 -18.99
C LEU B 5 -11.10 -58.86 -18.94
N PHE B 6 -9.94 -58.36 -18.55
CA PHE B 6 -9.73 -56.91 -18.39
C PHE B 6 -9.14 -56.34 -19.67
N LYS B 7 -9.78 -55.30 -20.20
CA LYS B 7 -9.29 -54.58 -21.36
C LYS B 7 -9.22 -53.10 -21.03
N PRO B 8 -8.15 -52.41 -21.44
CA PRO B 8 -7.98 -51.00 -21.06
C PRO B 8 -8.91 -50.09 -21.84
N SER B 9 -9.06 -48.88 -21.31
CA SER B 9 -9.94 -47.88 -21.93
C SER B 9 -9.30 -47.27 -23.18
N ILE B 10 -8.10 -46.72 -23.03
CA ILE B 10 -7.36 -46.12 -24.12
C ILE B 10 -6.07 -46.91 -24.30
N ASP B 11 -5.64 -47.09 -25.54
CA ASP B 11 -4.37 -47.77 -25.83
C ASP B 11 -3.24 -46.89 -25.29
N TRP B 12 -2.57 -47.35 -24.24
CA TRP B 12 -1.53 -46.53 -23.62
C TRP B 12 -0.26 -46.49 -24.43
N SER B 13 -0.01 -47.51 -25.23
CA SER B 13 0.96 -47.38 -26.31
C SER B 13 0.36 -46.50 -27.38
N ARG B 14 1.21 -45.68 -28.02
CA ARG B 14 0.83 -44.59 -28.92
C ARG B 14 -0.14 -43.63 -28.21
N ALA B 15 0.34 -43.09 -27.09
CA ALA B 15 -0.34 -42.01 -26.39
C ALA B 15 0.42 -40.70 -26.42
N PHE B 16 1.74 -40.77 -26.57
CA PHE B 16 2.58 -39.60 -26.82
C PHE B 16 2.56 -39.13 -28.28
N PRO B 17 2.58 -39.99 -29.32
CA PRO B 17 2.39 -39.45 -30.67
C PRO B 17 0.98 -38.97 -30.96
N ASP B 18 -0.01 -39.33 -30.15
CA ASP B 18 -1.36 -38.82 -30.36
C ASP B 18 -1.61 -37.53 -29.60
N SER B 19 -0.94 -37.32 -28.47
CA SER B 19 -1.07 -36.10 -27.71
C SER B 19 -0.02 -35.05 -28.08
N VAL B 20 0.65 -35.22 -29.23
CA VAL B 20 1.49 -34.18 -29.78
C VAL B 20 0.83 -33.53 -31.00
N TYR B 21 -0.19 -34.17 -31.57
CA TYR B 21 -0.95 -33.61 -32.67
C TYR B 21 -2.19 -32.87 -32.20
N TRP B 22 -2.78 -33.32 -31.09
CA TRP B 22 -3.94 -32.66 -30.52
C TRP B 22 -3.60 -31.28 -29.98
N VAL B 23 -2.40 -31.12 -29.39
CA VAL B 23 -1.99 -29.83 -28.86
C VAL B 23 -1.74 -28.84 -29.99
N GLY B 24 -1.05 -29.28 -31.03
CA GLY B 24 -0.82 -28.46 -32.21
C GLY B 24 -2.08 -28.16 -33.01
N LYS B 25 -3.12 -28.99 -32.87
CA LYS B 25 -4.39 -28.67 -33.50
C LYS B 25 -5.22 -27.70 -32.67
N ALA B 26 -5.20 -27.84 -31.34
CA ALA B 26 -5.98 -26.99 -30.47
C ALA B 26 -5.33 -25.63 -30.22
N TRP B 27 -4.04 -25.48 -30.55
CA TRP B 27 -3.42 -24.17 -30.39
C TRP B 27 -3.87 -23.17 -31.45
N THR B 28 -3.95 -23.61 -32.72
CA THR B 28 -4.25 -22.67 -33.80
C THR B 28 -5.72 -22.29 -33.85
N ILE B 29 -6.61 -23.14 -33.31
CA ILE B 29 -8.02 -22.75 -33.21
C ILE B 29 -8.19 -21.69 -32.13
N SER B 30 -7.58 -21.91 -30.97
CA SER B 30 -7.68 -20.96 -29.87
C SER B 30 -6.94 -19.66 -30.13
N ALA B 31 -5.89 -19.69 -30.97
CA ALA B 31 -5.15 -18.47 -31.26
C ALA B 31 -5.96 -17.50 -32.10
N ILE B 32 -6.88 -17.99 -32.93
CA ILE B 32 -7.76 -17.11 -33.70
C ILE B 32 -9.14 -17.00 -33.08
N CYS B 33 -9.47 -17.81 -32.09
CA CYS B 33 -10.71 -17.61 -31.35
C CYS B 33 -10.55 -16.65 -30.19
N VAL B 34 -9.34 -16.54 -29.62
CA VAL B 34 -9.11 -15.57 -28.56
C VAL B 34 -9.00 -14.17 -29.14
N LEU B 35 -8.32 -14.03 -30.28
CA LEU B 35 -8.12 -12.74 -30.92
C LEU B 35 -9.35 -12.22 -31.65
N ALA B 36 -10.49 -12.92 -31.58
CA ALA B 36 -11.74 -12.41 -32.11
C ALA B 36 -12.73 -12.03 -31.03
N ILE B 37 -12.40 -12.27 -29.75
CA ILE B 37 -13.24 -11.83 -28.65
C ILE B 37 -12.74 -10.52 -28.06
N LEU B 38 -11.40 -10.35 -28.02
CA LEU B 38 -10.83 -9.10 -27.53
C LEU B 38 -11.13 -7.93 -28.47
N VAL B 39 -11.28 -8.20 -29.77
CA VAL B 39 -11.68 -7.17 -30.71
C VAL B 39 -13.14 -6.79 -30.45
N LEU B 40 -13.97 -7.75 -30.09
CA LEU B 40 -15.34 -7.46 -29.69
C LEU B 40 -15.45 -6.85 -28.30
N LEU B 41 -14.38 -6.87 -27.51
CA LEU B 41 -14.38 -6.21 -26.21
C LEU B 41 -13.75 -4.83 -26.24
N ARG B 42 -12.92 -4.53 -27.25
CA ARG B 42 -12.41 -3.17 -27.41
C ARG B 42 -13.52 -2.19 -27.75
N TYR B 43 -14.48 -2.63 -28.57
CA TYR B 43 -15.73 -1.91 -28.75
C TYR B 43 -16.79 -2.56 -27.87
N LEU B 44 -18.01 -2.00 -27.90
CA LEU B 44 -19.22 -2.55 -27.30
C LEU B 44 -19.13 -2.72 -25.78
N THR B 45 -18.21 -2.02 -25.11
CA THR B 45 -17.99 -2.24 -23.68
C THR B 45 -17.53 -0.95 -23.04
N PRO B 46 -18.12 -0.53 -21.92
CA PRO B 46 -17.65 0.71 -21.27
C PRO B 46 -16.31 0.56 -20.56
N TRP B 47 -16.00 -0.63 -20.03
CA TRP B 47 -14.72 -0.85 -19.38
C TRP B 47 -13.65 -1.39 -20.32
N GLY B 48 -13.97 -1.57 -21.60
CA GLY B 48 -12.99 -2.03 -22.55
C GLY B 48 -12.44 -0.89 -23.37
N ARG B 49 -13.19 0.20 -23.45
CA ARG B 49 -12.70 1.40 -24.13
C ARG B 49 -11.78 2.22 -23.26
N GLN B 50 -11.79 2.00 -21.95
CA GLN B 50 -10.87 2.69 -21.06
C GLN B 50 -9.60 1.89 -20.80
N PHE B 51 -9.62 0.58 -21.08
CA PHE B 51 -8.39 -0.20 -20.99
C PHE B 51 -7.45 0.09 -22.15
N TRP B 52 -8.00 0.46 -23.31
CA TRP B 52 -7.18 0.66 -24.49
C TRP B 52 -6.60 2.07 -24.57
N ARG B 53 -7.19 3.04 -23.89
CA ARG B 53 -6.64 4.39 -23.92
C ARG B 53 -5.39 4.53 -23.05
N ILE B 54 -5.20 3.65 -22.08
CA ILE B 54 -4.06 3.76 -21.19
C ILE B 54 -2.82 3.12 -21.81
N THR B 55 -2.95 1.88 -22.27
CA THR B 55 -1.79 1.08 -22.67
C THR B 55 -1.82 0.69 -24.14
N ARG B 56 -2.11 1.64 -25.01
CA ARG B 56 -2.20 1.33 -26.44
C ARG B 56 -0.84 1.11 -27.06
N ALA B 57 0.12 1.98 -26.76
CA ALA B 57 1.40 2.00 -27.47
C ALA B 57 2.35 0.87 -27.07
N TYR B 58 1.97 0.02 -26.12
CA TYR B 58 2.84 -1.09 -25.75
C TYR B 58 2.68 -2.28 -26.68
N PHE B 59 1.49 -2.47 -27.25
CA PHE B 59 1.20 -3.65 -28.05
C PHE B 59 1.35 -3.42 -29.54
N VAL B 60 1.40 -2.18 -30.00
CA VAL B 60 1.57 -1.88 -31.41
C VAL B 60 2.89 -1.14 -31.62
N GLY B 61 3.35 -1.13 -32.86
CA GLY B 61 4.62 -0.53 -33.20
C GLY B 61 5.63 -1.55 -33.66
N PRO B 62 6.85 -1.10 -33.97
CA PRO B 62 7.89 -2.04 -34.40
C PRO B 62 8.61 -2.74 -33.26
N ASN B 63 8.55 -2.20 -32.04
CA ASN B 63 9.18 -2.81 -30.89
C ASN B 63 8.24 -3.70 -30.10
N SER B 64 7.16 -4.17 -30.74
CA SER B 64 6.16 -5.01 -30.09
C SER B 64 6.07 -6.36 -30.77
N VAL B 65 7.22 -6.94 -31.09
CA VAL B 65 7.27 -8.30 -31.62
C VAL B 65 7.63 -9.30 -30.53
N ARG B 66 8.50 -8.91 -29.60
CA ARG B 66 8.84 -9.74 -28.47
C ARG B 66 7.77 -9.75 -27.39
N VAL B 67 6.71 -8.95 -27.52
CA VAL B 67 5.59 -9.03 -26.60
C VAL B 67 4.64 -10.15 -27.00
N TRP B 68 4.27 -10.19 -28.29
CA TRP B 68 3.39 -11.24 -28.77
C TRP B 68 4.07 -12.60 -28.80
N LEU B 69 5.39 -12.65 -29.01
CA LEU B 69 6.10 -13.91 -28.99
C LEU B 69 6.19 -14.50 -27.59
N MET B 70 6.14 -13.66 -26.55
CA MET B 70 6.07 -14.16 -25.19
C MET B 70 4.63 -14.34 -24.70
N LEU B 71 3.66 -13.71 -25.36
CA LEU B 71 2.26 -13.97 -25.08
C LEU B 71 1.75 -15.22 -25.77
N GLY B 72 2.45 -15.71 -26.79
CA GLY B 72 2.01 -16.90 -27.49
C GLY B 72 2.44 -18.21 -26.87
N VAL B 73 3.36 -18.15 -25.90
CA VAL B 73 3.79 -19.37 -25.22
C VAL B 73 2.87 -19.68 -24.06
N LEU B 74 2.25 -18.64 -23.48
CA LEU B 74 1.37 -18.82 -22.34
C LEU B 74 0.03 -19.45 -22.74
N LEU B 75 -0.26 -19.57 -24.03
CA LEU B 75 -1.42 -20.34 -24.47
C LEU B 75 -1.10 -21.82 -24.61
N LEU B 76 0.09 -22.15 -25.11
CA LEU B 76 0.60 -23.52 -25.09
C LEU B 76 0.71 -24.06 -23.67
N SER B 77 1.10 -23.21 -22.73
CA SER B 77 1.20 -23.59 -21.33
C SER B 77 -0.16 -23.77 -20.63
N VAL B 78 -1.27 -23.57 -21.33
CA VAL B 78 -2.60 -23.85 -20.81
C VAL B 78 -3.23 -25.04 -21.53
N VAL B 79 -3.03 -25.14 -22.84
CA VAL B 79 -3.48 -26.34 -23.58
C VAL B 79 -2.76 -27.58 -23.07
N LEU B 80 -1.47 -27.47 -22.74
CA LEU B 80 -0.71 -28.57 -22.17
C LEU B 80 -1.18 -28.93 -20.76
N ALA B 81 -1.92 -28.05 -20.08
CA ALA B 81 -2.48 -28.35 -18.78
C ALA B 81 -3.88 -28.92 -18.85
N VAL B 82 -4.61 -28.68 -19.94
CA VAL B 82 -5.92 -29.31 -20.12
C VAL B 82 -5.75 -30.75 -20.56
N ARG B 83 -4.74 -31.01 -21.40
CA ARG B 83 -4.52 -32.37 -21.90
C ARG B 83 -4.15 -33.35 -20.78
N LEU B 84 -3.34 -32.90 -19.82
CA LEU B 84 -3.01 -33.73 -18.67
C LEU B 84 -4.20 -33.95 -17.75
N ASN B 85 -5.13 -33.00 -17.68
CA ASN B 85 -6.33 -33.22 -16.89
C ASN B 85 -7.25 -34.25 -17.53
N VAL B 86 -7.22 -34.39 -18.85
CA VAL B 86 -7.99 -35.48 -19.47
C VAL B 86 -7.29 -36.82 -19.27
N LEU B 87 -5.95 -36.85 -19.42
CA LEU B 87 -5.23 -38.10 -19.24
C LEU B 87 -5.18 -38.58 -17.80
N PHE B 88 -5.38 -37.69 -16.82
CA PHE B 88 -5.58 -38.16 -15.45
C PHE B 88 -6.93 -38.80 -15.24
N SER B 89 -7.97 -38.35 -15.96
CA SER B 89 -9.28 -38.95 -15.83
C SER B 89 -9.36 -40.30 -16.52
N TYR B 90 -8.55 -40.52 -17.55
CA TYR B 90 -8.57 -41.84 -18.21
C TYR B 90 -7.95 -42.95 -17.37
N GLN B 91 -7.28 -42.63 -16.27
CA GLN B 91 -6.57 -43.66 -15.50
C GLN B 91 -7.42 -44.21 -14.35
N GLY B 92 -8.25 -43.37 -13.74
CA GLY B 92 -9.20 -43.83 -12.75
C GLY B 92 -10.29 -44.73 -13.30
N ASN B 93 -10.53 -44.67 -14.60
CA ASN B 93 -11.42 -45.61 -15.27
C ASN B 93 -10.80 -47.00 -15.37
N ASP B 94 -9.48 -47.10 -15.37
CA ASP B 94 -8.80 -48.39 -15.38
C ASP B 94 -8.59 -48.98 -14.00
N MET B 95 -8.22 -48.14 -13.03
CA MET B 95 -7.93 -48.64 -11.69
C MET B 95 -9.18 -49.18 -11.00
N TYR B 96 -10.32 -48.49 -11.12
CA TYR B 96 -11.55 -48.97 -10.51
C TYR B 96 -12.16 -50.18 -11.22
N THR B 97 -11.80 -50.41 -12.48
CA THR B 97 -12.24 -51.64 -13.15
C THR B 97 -11.37 -52.81 -12.75
N ALA B 98 -10.06 -52.59 -12.65
CA ALA B 98 -9.16 -53.64 -12.18
C ALA B 98 -9.40 -53.98 -10.71
N LEU B 99 -9.88 -53.04 -9.91
CA LEU B 99 -10.26 -53.35 -8.54
C LEU B 99 -11.63 -54.02 -8.45
N GLN B 100 -12.39 -54.07 -9.55
CA GLN B 100 -13.66 -54.78 -9.54
C GLN B 100 -13.54 -56.18 -10.10
N LYS B 101 -12.60 -56.41 -11.04
CA LYS B 101 -12.42 -57.76 -11.56
C LYS B 101 -11.75 -58.67 -10.54
N ALA B 102 -11.03 -58.10 -9.57
CA ALA B 102 -10.40 -58.93 -8.55
C ALA B 102 -11.36 -59.43 -7.50
N PHE B 103 -12.49 -58.75 -7.30
CA PHE B 103 -13.46 -59.16 -6.30
C PHE B 103 -14.45 -60.18 -6.83
N GLU B 104 -14.61 -60.29 -8.14
CA GLU B 104 -15.48 -61.30 -8.74
C GLU B 104 -14.75 -62.58 -9.06
N GLY B 105 -13.51 -62.72 -8.60
CA GLY B 105 -12.77 -63.96 -8.76
C GLY B 105 -12.61 -64.63 -7.41
N ILE B 106 -12.69 -63.84 -6.35
CA ILE B 106 -12.60 -64.39 -5.00
C ILE B 106 -13.92 -65.06 -4.63
N ALA B 107 -15.04 -64.38 -4.87
CA ALA B 107 -16.34 -64.92 -4.50
C ALA B 107 -16.78 -66.02 -5.44
N SER B 108 -16.41 -65.94 -6.72
CA SER B 108 -16.78 -66.97 -7.66
C SER B 108 -15.94 -68.23 -7.47
N GLY B 109 -14.62 -68.08 -7.36
CA GLY B 109 -13.73 -69.18 -7.06
C GLY B 109 -12.61 -69.39 -8.07
N ASP B 110 -12.79 -68.97 -9.32
CA ASP B 110 -11.77 -69.23 -10.33
C ASP B 110 -10.61 -68.25 -10.20
N GLY B 111 -9.47 -68.65 -10.77
CA GLY B 111 -8.27 -67.84 -10.69
C GLY B 111 -7.77 -67.37 -12.03
N THR B 112 -8.65 -67.32 -13.02
CA THR B 112 -8.32 -66.76 -14.32
C THR B 112 -8.68 -65.28 -14.39
N VAL B 113 -9.85 -64.91 -13.84
CA VAL B 113 -10.24 -63.51 -13.79
C VAL B 113 -9.42 -62.76 -12.75
N LYS B 114 -9.07 -63.42 -11.64
CA LYS B 114 -8.33 -62.77 -10.57
C LYS B 114 -6.89 -62.48 -11.00
N ARG B 115 -6.25 -63.40 -11.72
CA ARG B 115 -4.89 -63.15 -12.21
C ARG B 115 -4.87 -62.14 -13.34
N SER B 116 -6.00 -61.91 -14.00
CA SER B 116 -6.11 -60.84 -14.99
C SER B 116 -6.52 -59.51 -14.38
N GLY B 117 -7.02 -59.51 -13.15
CA GLY B 117 -7.37 -58.28 -12.48
C GLY B 117 -6.26 -57.76 -11.60
N VAL B 118 -5.41 -58.67 -11.11
CA VAL B 118 -4.24 -58.26 -10.33
C VAL B 118 -3.22 -57.58 -11.22
N ARG B 119 -2.98 -58.15 -12.41
CA ARG B 119 -2.02 -57.58 -13.35
C ARG B 119 -2.49 -56.26 -13.93
N GLY B 120 -3.80 -56.00 -13.94
CA GLY B 120 -4.30 -54.72 -14.38
C GLY B 120 -4.23 -53.62 -13.35
N PHE B 121 -3.91 -53.95 -12.11
CA PHE B 121 -3.71 -52.95 -11.07
C PHE B 121 -2.30 -52.39 -11.08
N TRP B 122 -1.29 -53.26 -11.22
CA TRP B 122 0.09 -52.80 -11.22
C TRP B 122 0.49 -52.12 -12.51
N MET B 123 -0.34 -52.19 -13.54
CA MET B 123 -0.08 -51.42 -14.75
C MET B 123 -0.54 -49.97 -14.58
N SER B 124 -1.68 -49.76 -13.93
CA SER B 124 -2.27 -48.44 -13.77
C SER B 124 -1.71 -47.68 -12.58
N ILE B 125 -0.64 -48.17 -11.97
CA ILE B 125 0.14 -47.39 -11.01
C ILE B 125 1.38 -46.82 -11.66
N GLY B 126 2.02 -47.60 -12.54
CA GLY B 126 3.18 -47.13 -13.27
C GLY B 126 2.88 -46.04 -14.27
N VAL B 127 1.64 -45.92 -14.73
CA VAL B 127 1.26 -44.79 -15.58
C VAL B 127 1.11 -43.53 -14.75
N PHE B 128 0.67 -43.66 -13.49
CA PHE B 128 0.58 -42.50 -12.63
C PHE B 128 1.95 -41.96 -12.24
N SER B 129 2.96 -42.82 -12.20
CA SER B 129 4.29 -42.39 -11.80
C SER B 129 5.02 -41.62 -12.89
N VAL B 130 4.62 -41.76 -14.14
CA VAL B 130 5.23 -41.00 -15.22
C VAL B 130 4.54 -39.66 -15.42
N MET B 131 3.22 -39.62 -15.26
CA MET B 131 2.47 -38.38 -15.41
C MET B 131 2.44 -37.53 -14.14
N ALA B 132 3.28 -37.84 -13.15
CA ALA B 132 3.40 -37.00 -11.98
C ALA B 132 4.67 -36.17 -11.98
N VAL B 133 5.58 -36.40 -12.92
CA VAL B 133 6.74 -35.55 -13.09
C VAL B 133 6.44 -34.42 -14.08
N LEU B 134 5.66 -34.72 -15.12
CA LEU B 134 5.26 -33.73 -16.12
C LEU B 134 4.29 -32.70 -15.56
N HIS B 135 3.70 -32.94 -14.39
CA HIS B 135 2.88 -31.94 -13.72
C HIS B 135 3.73 -30.95 -12.94
N VAL B 136 4.70 -31.42 -12.18
CA VAL B 136 5.59 -30.55 -11.42
C VAL B 136 6.47 -29.72 -12.36
N THR B 137 6.96 -30.34 -13.43
CA THR B 137 7.78 -29.62 -14.41
C THR B 137 6.99 -28.54 -15.12
N ARG B 138 5.72 -28.81 -15.45
CA ARG B 138 4.89 -27.81 -16.11
C ARG B 138 4.49 -26.69 -15.16
N VAL B 139 4.25 -27.00 -13.88
CA VAL B 139 3.85 -25.96 -12.94
C VAL B 139 5.03 -25.05 -12.63
N MET B 140 6.22 -25.61 -12.42
CA MET B 140 7.35 -24.80 -11.98
C MET B 140 8.01 -24.03 -13.12
N ALA B 141 7.75 -24.38 -14.37
CA ALA B 141 8.18 -23.57 -15.51
C ALA B 141 7.08 -22.65 -16.00
N ASP B 142 6.18 -22.24 -15.12
CA ASP B 142 5.02 -21.46 -15.49
C ASP B 142 4.94 -20.27 -14.55
N ILE B 143 5.48 -20.44 -13.34
CA ILE B 143 5.66 -19.31 -12.43
C ILE B 143 6.75 -18.39 -12.95
N TYR B 144 7.84 -18.97 -13.46
CA TYR B 144 8.97 -18.18 -13.92
C TYR B 144 8.67 -17.45 -15.22
N LEU B 145 7.81 -18.02 -16.06
CA LEU B 145 7.55 -17.40 -17.36
C LEU B 145 6.52 -16.29 -17.29
N THR B 146 5.68 -16.25 -16.27
CA THR B 146 4.69 -15.19 -16.14
C THR B 146 5.11 -14.09 -15.19
N GLN B 147 6.25 -14.23 -14.51
CA GLN B 147 6.80 -13.15 -13.71
C GLN B 147 7.82 -12.32 -14.47
N ARG B 148 8.21 -12.75 -15.66
CA ARG B 148 9.04 -11.95 -16.53
C ARG B 148 8.23 -11.07 -17.48
N PHE B 149 6.90 -11.18 -17.44
CA PHE B 149 6.01 -10.39 -18.27
C PHE B 149 5.44 -9.20 -17.52
N ILE B 150 4.97 -9.39 -16.29
CA ILE B 150 4.32 -8.34 -15.52
C ILE B 150 5.34 -7.53 -14.75
N ILE B 151 6.63 -7.77 -14.99
CA ILE B 151 7.67 -6.85 -14.55
C ILE B 151 8.01 -5.86 -15.66
N ALA B 152 8.25 -6.38 -16.87
CA ALA B 152 8.55 -5.54 -18.02
C ALA B 152 7.35 -4.75 -18.49
N TRP B 153 6.13 -5.16 -18.14
CA TRP B 153 4.98 -4.29 -18.38
C TRP B 153 4.96 -3.12 -17.40
N ARG B 154 5.25 -3.38 -16.12
CA ARG B 154 5.18 -2.34 -15.11
C ARG B 154 6.27 -1.29 -15.29
N VAL B 155 7.47 -1.71 -15.68
CA VAL B 155 8.57 -0.78 -15.91
C VAL B 155 8.26 0.17 -17.07
N TRP B 156 7.59 -0.32 -18.11
CA TRP B 156 7.23 0.56 -19.21
C TRP B 156 6.06 1.47 -18.85
N LEU B 157 5.05 0.96 -18.14
CA LEU B 157 3.85 1.75 -17.90
C LEU B 157 4.10 2.89 -16.91
N THR B 158 4.84 2.64 -15.84
CA THR B 158 5.08 3.73 -14.88
C THR B 158 6.12 4.72 -15.37
N HIS B 159 6.79 4.46 -16.47
CA HIS B 159 7.66 5.44 -17.11
C HIS B 159 6.92 6.23 -18.18
N HIS B 160 5.97 5.60 -18.86
CA HIS B 160 5.14 6.33 -19.81
C HIS B 160 4.12 7.22 -19.13
N LEU B 161 3.62 6.83 -17.97
CA LEU B 161 2.57 7.59 -17.30
C LEU B 161 3.09 8.83 -16.58
N THR B 162 4.39 8.90 -16.30
CA THR B 162 4.96 10.05 -15.61
C THR B 162 5.34 11.17 -16.56
N GLN B 163 5.73 10.84 -17.79
CA GLN B 163 5.98 11.87 -18.81
C GLN B 163 4.71 12.61 -19.20
N ASP B 164 3.56 11.98 -18.92
CA ASP B 164 2.24 12.57 -19.22
C ASP B 164 1.81 13.48 -18.06
N TRP B 165 2.51 13.43 -16.92
CA TRP B 165 2.14 14.26 -15.79
C TRP B 165 2.89 15.58 -15.78
N LEU B 166 4.10 15.63 -16.34
CA LEU B 166 4.90 16.85 -16.30
C LEU B 166 5.35 17.25 -17.69
N ASP B 167 4.47 17.10 -18.68
CA ASP B 167 4.83 17.44 -20.05
C ASP B 167 4.65 18.94 -20.32
N GLY B 168 3.41 19.42 -20.22
CA GLY B 168 3.13 20.79 -20.59
C GLY B 168 2.72 21.66 -19.42
N ARG B 169 3.46 21.52 -18.31
CA ARG B 169 3.13 22.12 -17.01
C ARG B 169 1.73 21.71 -16.57
N ALA B 170 1.44 20.43 -16.70
CA ALA B 170 0.15 19.89 -16.33
C ALA B 170 0.07 19.51 -14.86
N TYR B 171 1.17 19.59 -14.12
CA TYR B 171 1.15 19.34 -12.69
C TYR B 171 0.69 20.54 -11.89
N TYR B 172 0.59 21.72 -12.52
CA TYR B 172 0.13 22.93 -11.85
C TYR B 172 -1.24 23.38 -12.30
N ARG B 173 -1.62 23.16 -13.55
CA ARG B 173 -2.90 23.60 -14.07
C ARG B 173 -3.98 22.54 -13.94
N ASP B 174 -3.85 21.62 -12.98
CA ASP B 174 -4.90 20.67 -12.67
C ASP B 174 -5.74 21.11 -11.48
N LEU B 175 -5.51 22.31 -10.98
CA LEU B 175 -6.26 22.85 -9.87
C LEU B 175 -7.39 23.77 -10.30
N PHE B 176 -7.51 24.04 -11.61
CA PHE B 176 -8.49 24.98 -12.13
C PHE B 176 -9.56 24.35 -12.99
N ILE B 177 -9.48 23.04 -13.25
CA ILE B 177 -10.46 22.37 -14.09
C ILE B 177 -11.74 22.13 -13.28
N ASP B 178 -12.81 21.71 -13.95
CA ASP B 178 -14.12 21.64 -13.32
C ASP B 178 -14.23 20.46 -12.36
N GLU B 179 -13.78 19.28 -12.79
CA GLU B 179 -13.75 18.10 -11.94
C GLU B 179 -12.31 17.73 -11.65
N THR B 180 -11.90 17.89 -10.40
CA THR B 180 -10.50 17.75 -10.01
C THR B 180 -10.22 16.34 -9.50
N ILE B 181 -9.01 15.86 -9.76
CA ILE B 181 -8.58 14.58 -9.22
C ILE B 181 -8.12 14.77 -7.78
N ASP B 182 -8.09 13.67 -7.03
CA ASP B 182 -7.82 13.76 -5.60
C ASP B 182 -6.32 13.92 -5.33
N ASN B 183 -5.52 12.91 -5.64
CA ASN B 183 -4.09 12.97 -5.38
C ASN B 183 -3.34 12.09 -6.37
N PRO B 184 -2.52 12.67 -7.24
CA PRO B 184 -1.85 11.87 -8.27
C PRO B 184 -0.51 11.31 -7.84
N ASP B 185 -0.22 11.33 -6.54
CA ASP B 185 0.98 10.68 -6.04
C ASP B 185 0.77 9.21 -5.69
N GLN B 186 -0.49 8.75 -5.73
CA GLN B 186 -0.83 7.38 -5.40
C GLN B 186 -1.17 6.55 -6.62
N ARG B 187 -1.72 7.17 -7.66
CA ARG B 187 -2.10 6.45 -8.88
C ARG B 187 -0.90 6.10 -9.76
N ILE B 188 0.29 6.57 -9.43
CA ILE B 188 1.50 6.24 -10.17
C ILE B 188 2.32 5.19 -9.43
N GLN B 189 2.38 5.25 -8.11
CA GLN B 189 3.20 4.31 -7.36
C GLN B 189 2.48 2.99 -7.14
N GLN B 190 1.28 3.04 -6.57
CA GLN B 190 0.58 1.84 -6.12
C GLN B 190 -0.37 1.26 -7.15
N ASP B 191 -1.17 2.10 -7.82
CA ASP B 191 -2.28 1.61 -8.61
C ASP B 191 -1.85 0.97 -9.93
N VAL B 192 -0.66 1.31 -10.45
CA VAL B 192 -0.11 0.59 -11.59
C VAL B 192 0.23 -0.84 -11.23
N ASP B 193 0.65 -1.09 -9.99
CA ASP B 193 0.93 -2.45 -9.55
C ASP B 193 -0.34 -3.30 -9.47
N ILE B 194 -1.47 -2.70 -9.09
CA ILE B 194 -2.72 -3.43 -9.09
C ILE B 194 -3.26 -3.59 -10.51
N PHE B 195 -3.00 -2.62 -11.39
CA PHE B 195 -3.54 -2.68 -12.74
C PHE B 195 -2.82 -3.72 -13.60
N THR B 196 -1.50 -3.75 -13.56
CA THR B 196 -0.76 -4.64 -14.44
C THR B 196 -0.71 -6.09 -13.96
N ALA B 197 -0.82 -6.34 -12.67
CA ALA B 197 -0.53 -7.67 -12.14
C ALA B 197 -1.78 -8.55 -12.01
N GLY B 198 -2.55 -8.67 -13.08
CA GLY B 198 -3.57 -9.70 -13.17
C GLY B 198 -4.75 -9.57 -12.23
N ALA B 199 -4.76 -10.41 -11.20
CA ALA B 199 -5.88 -10.47 -10.25
C ALA B 199 -5.95 -9.20 -9.42
N GLY B 200 -7.17 -8.74 -9.16
CA GLY B 200 -7.37 -7.47 -8.51
C GLY B 200 -7.22 -7.54 -7.00
N GLY B 201 -7.26 -6.37 -6.38
CA GLY B 201 -7.16 -6.27 -4.94
C GLY B 201 -5.76 -6.01 -4.42
N THR B 202 -4.83 -6.91 -4.71
CA THR B 202 -3.51 -6.83 -4.09
C THR B 202 -2.42 -6.75 -5.14
N PRO B 203 -1.30 -6.09 -4.83
CA PRO B 203 -0.12 -6.19 -5.70
C PRO B 203 0.46 -7.60 -5.67
N ASN B 204 1.24 -7.92 -6.70
CA ASN B 204 1.64 -9.29 -6.92
C ASN B 204 2.72 -9.72 -5.94
N ALA B 205 2.63 -10.95 -5.53
CA ALA B 205 3.49 -11.80 -4.73
C ALA B 205 4.30 -12.70 -5.64
N PRO B 206 5.53 -13.09 -5.29
CA PRO B 206 6.35 -13.84 -6.24
C PRO B 206 6.07 -15.34 -6.27
N SER B 207 4.80 -15.72 -6.27
CA SER B 207 4.40 -17.11 -6.47
C SER B 207 3.12 -17.21 -7.29
N ASN B 208 2.73 -16.14 -7.98
CA ASN B 208 1.49 -16.11 -8.73
C ASN B 208 1.75 -16.69 -10.12
N GLY B 209 1.13 -17.84 -10.40
CA GLY B 209 1.30 -18.48 -11.69
C GLY B 209 0.39 -17.89 -12.75
N THR B 210 -0.16 -18.74 -13.61
CA THR B 210 -1.08 -18.29 -14.64
C THR B 210 -2.53 -18.64 -14.33
N ALA B 211 -2.78 -19.43 -13.30
CA ALA B 211 -4.13 -19.79 -12.92
C ALA B 211 -4.76 -18.81 -11.94
N SER B 212 -4.01 -17.80 -11.51
CA SER B 212 -4.50 -16.75 -10.63
C SER B 212 -4.48 -15.41 -11.35
N THR B 213 -4.96 -15.39 -12.58
CA THR B 213 -4.96 -14.22 -13.43
C THR B 213 -6.27 -14.20 -14.20
N LEU B 214 -6.90 -13.02 -14.27
CA LEU B 214 -8.26 -12.89 -14.78
C LEU B 214 -8.36 -12.91 -16.30
N LEU B 215 -7.29 -13.22 -17.03
CA LEU B 215 -7.38 -13.48 -18.46
C LEU B 215 -7.09 -14.93 -18.79
N PHE B 216 -5.94 -15.46 -18.36
CA PHE B 216 -5.60 -16.84 -18.64
C PHE B 216 -6.29 -17.82 -17.71
N GLY B 217 -6.98 -17.33 -16.68
CA GLY B 217 -7.87 -18.18 -15.92
C GLY B 217 -9.26 -18.30 -16.51
N ALA B 218 -9.58 -17.46 -17.49
CA ALA B 218 -10.85 -17.53 -18.18
C ALA B 218 -10.79 -18.30 -19.48
N VAL B 219 -9.64 -18.29 -20.17
CA VAL B 219 -9.48 -19.08 -21.39
C VAL B 219 -9.11 -20.52 -21.09
N GLN B 220 -8.93 -20.89 -19.84
CA GLN B 220 -8.82 -22.28 -19.45
C GLN B 220 -10.19 -22.88 -19.16
N SER B 221 -11.13 -22.06 -18.68
CA SER B 221 -12.47 -22.51 -18.36
C SER B 221 -13.40 -22.54 -19.57
N ILE B 222 -12.86 -22.41 -20.78
CA ILE B 222 -13.60 -22.68 -22.00
C ILE B 222 -13.07 -23.92 -22.71
N ILE B 223 -11.74 -24.04 -22.79
CA ILE B 223 -11.14 -25.26 -23.34
C ILE B 223 -11.39 -26.44 -22.42
N SER B 224 -11.51 -26.21 -21.11
CA SER B 224 -11.87 -27.30 -20.21
C SER B 224 -13.33 -27.71 -20.31
N VAL B 225 -14.18 -26.88 -20.92
CA VAL B 225 -15.57 -27.25 -21.13
C VAL B 225 -15.77 -27.93 -22.47
N ILE B 226 -15.11 -27.43 -23.51
CA ILE B 226 -15.23 -28.03 -24.84
C ILE B 226 -14.59 -29.42 -24.87
N SER B 227 -13.49 -29.62 -24.16
CA SER B 227 -12.80 -30.90 -24.20
C SER B 227 -13.43 -31.97 -23.32
N PHE B 228 -14.31 -31.60 -22.41
CA PHE B 228 -14.93 -32.56 -21.50
C PHE B 228 -16.37 -32.89 -21.85
N THR B 229 -16.97 -32.19 -22.81
CA THR B 229 -18.39 -32.38 -23.11
C THR B 229 -18.67 -33.58 -23.99
N ALA B 230 -17.65 -34.27 -24.48
CA ALA B 230 -17.83 -35.47 -25.27
C ALA B 230 -17.71 -36.74 -24.45
N ILE B 231 -17.41 -36.62 -23.16
CA ILE B 231 -17.35 -37.76 -22.25
C ILE B 231 -18.64 -37.89 -21.44
N LEU B 232 -19.18 -36.76 -20.98
CA LEU B 232 -20.44 -36.79 -20.23
C LEU B 232 -21.64 -37.03 -21.14
N TRP B 233 -21.49 -36.84 -22.45
CA TRP B 233 -22.63 -36.98 -23.35
C TRP B 233 -23.03 -38.44 -23.53
N ASN B 234 -22.04 -39.32 -23.64
CA ASN B 234 -22.29 -40.75 -23.82
C ASN B 234 -22.07 -41.55 -22.54
N LEU B 235 -22.42 -40.97 -21.40
CA LEU B 235 -22.41 -41.67 -20.12
C LEU B 235 -23.68 -41.48 -19.32
N SER B 236 -24.65 -40.73 -19.84
CA SER B 236 -25.91 -40.48 -19.17
C SER B 236 -27.04 -41.22 -19.89
N GLY B 237 -28.18 -41.34 -19.22
CA GLY B 237 -29.30 -42.09 -19.74
C GLY B 237 -30.62 -41.37 -19.57
N THR B 238 -31.68 -42.05 -19.98
CA THR B 238 -33.03 -41.51 -19.93
C THR B 238 -33.54 -41.53 -18.49
N LEU B 239 -34.10 -40.41 -18.03
CA LEU B 239 -34.64 -40.29 -16.69
C LEU B 239 -36.11 -39.94 -16.75
N ASN B 240 -36.90 -40.62 -15.92
CA ASN B 240 -38.34 -40.42 -15.83
C ASN B 240 -38.68 -40.01 -14.41
N ILE B 241 -39.25 -38.82 -14.23
CA ILE B 241 -39.58 -38.30 -12.92
C ILE B 241 -41.06 -37.95 -12.79
N PHE B 242 -41.63 -37.27 -13.78
CA PHE B 242 -43.03 -36.85 -13.74
C PHE B 242 -43.78 -37.35 -14.97
N GLY B 243 -43.33 -38.44 -15.57
CA GLY B 243 -43.89 -38.90 -16.83
C GLY B 243 -43.32 -38.24 -18.05
N VAL B 244 -42.25 -37.45 -17.90
CA VAL B 244 -41.60 -36.77 -19.01
C VAL B 244 -40.27 -37.50 -19.28
N SER B 245 -40.08 -37.91 -20.52
CA SER B 245 -38.89 -38.66 -20.91
C SER B 245 -37.81 -37.69 -21.39
N ILE B 246 -36.92 -37.31 -20.48
CA ILE B 246 -35.77 -36.47 -20.80
C ILE B 246 -34.68 -37.38 -21.34
N PRO B 247 -34.09 -37.08 -22.51
CA PRO B 247 -33.14 -38.03 -23.10
C PRO B 247 -31.80 -38.07 -22.40
N ARG B 248 -31.22 -36.92 -22.07
CA ARG B 248 -29.90 -36.84 -21.44
C ARG B 248 -30.05 -35.94 -20.21
N ALA B 249 -30.42 -36.54 -19.08
CA ALA B 249 -30.81 -35.73 -17.92
C ALA B 249 -29.60 -35.07 -17.27
N MET B 250 -28.52 -35.82 -17.08
CA MET B 250 -27.37 -35.31 -16.34
C MET B 250 -26.56 -34.29 -17.12
N PHE B 251 -26.82 -34.12 -18.41
CA PHE B 251 -26.14 -33.08 -19.17
C PHE B 251 -26.96 -31.81 -19.27
N TRP B 252 -28.27 -31.93 -19.47
CA TRP B 252 -29.12 -30.74 -19.48
C TRP B 252 -29.42 -30.21 -18.09
N THR B 253 -29.16 -30.98 -17.04
CA THR B 253 -29.40 -30.50 -15.69
C THR B 253 -28.34 -29.49 -15.27
N VAL B 254 -27.07 -29.77 -15.55
CA VAL B 254 -25.98 -28.90 -15.10
C VAL B 254 -25.91 -27.60 -15.88
N LEU B 255 -26.55 -27.51 -17.05
CA LEU B 255 -26.60 -26.26 -17.79
C LEU B 255 -27.80 -25.39 -17.42
N VAL B 256 -28.73 -25.92 -16.64
CA VAL B 256 -29.84 -25.14 -16.11
C VAL B 256 -29.55 -24.66 -14.70
N TYR B 257 -28.92 -25.51 -13.89
CA TYR B 257 -28.62 -25.19 -12.50
C TYR B 257 -27.57 -24.09 -12.36
N VAL B 258 -26.73 -23.88 -13.36
CA VAL B 258 -25.70 -22.84 -13.29
C VAL B 258 -26.21 -21.51 -13.81
N PHE B 259 -27.00 -21.54 -14.89
CA PHE B 259 -27.52 -20.31 -15.49
C PHE B 259 -28.50 -19.59 -14.58
N VAL B 260 -29.28 -20.33 -13.78
CA VAL B 260 -30.18 -19.70 -12.84
C VAL B 260 -29.40 -19.15 -11.64
N ALA B 261 -28.49 -19.94 -11.11
CA ALA B 261 -27.73 -19.55 -9.92
C ALA B 261 -26.66 -18.50 -10.19
N THR B 262 -26.39 -18.19 -11.46
CA THR B 262 -25.47 -17.11 -11.79
C THR B 262 -26.12 -15.74 -11.73
N VAL B 263 -27.30 -15.56 -12.32
CA VAL B 263 -27.93 -14.25 -12.40
C VAL B 263 -28.47 -13.74 -11.07
N ILE B 264 -28.57 -14.60 -10.06
CA ILE B 264 -28.88 -14.10 -8.72
C ILE B 264 -27.61 -13.57 -8.06
N SER B 265 -26.45 -14.12 -8.41
CA SER B 265 -25.18 -13.68 -7.85
C SER B 265 -24.57 -12.50 -8.60
N PHE B 266 -25.33 -11.88 -9.51
CA PHE B 266 -24.91 -10.62 -10.13
C PHE B 266 -25.68 -9.43 -9.62
N ILE B 267 -26.84 -9.64 -8.98
CA ILE B 267 -27.59 -8.55 -8.37
C ILE B 267 -27.32 -8.42 -6.88
N ILE B 268 -26.59 -9.37 -6.29
CA ILE B 268 -26.12 -9.24 -4.91
C ILE B 268 -24.81 -8.47 -4.85
N GLY B 269 -23.87 -8.82 -5.71
CA GLY B 269 -22.57 -8.16 -5.71
C GLY B 269 -22.49 -6.97 -6.64
N ARG B 270 -23.63 -6.38 -6.97
CA ARG B 270 -23.68 -5.20 -7.83
C ARG B 270 -23.11 -3.92 -7.20
N PRO B 271 -23.41 -3.54 -5.91
CA PRO B 271 -22.79 -2.31 -5.40
C PRO B 271 -21.39 -2.51 -4.84
N LEU B 272 -20.72 -3.59 -5.22
CA LEU B 272 -19.41 -3.92 -4.71
C LEU B 272 -18.28 -3.21 -5.45
N ILE B 273 -18.61 -2.35 -6.41
CA ILE B 273 -17.59 -1.60 -7.14
C ILE B 273 -17.31 -0.27 -6.46
N TRP B 274 -18.36 0.44 -6.04
CA TRP B 274 -18.18 1.75 -5.41
C TRP B 274 -17.83 1.66 -3.94
N LEU B 275 -17.76 0.47 -3.36
CA LEU B 275 -17.22 0.29 -2.02
C LEU B 275 -15.73 -0.08 -2.02
N SER B 276 -15.21 -0.58 -3.13
CA SER B 276 -13.78 -0.84 -3.25
C SER B 276 -13.02 0.31 -3.90
N PHE B 277 -13.73 1.27 -4.47
CA PHE B 277 -13.12 2.50 -4.98
C PHE B 277 -12.96 3.54 -3.89
N ARG B 278 -13.91 3.59 -2.95
CA ARG B 278 -13.81 4.52 -1.83
C ARG B 278 -12.86 4.03 -0.75
N ASN B 279 -12.43 2.78 -0.80
CA ASN B 279 -11.47 2.29 0.18
C ASN B 279 -10.05 2.70 -0.14
N GLU B 280 -9.76 3.04 -1.40
CA GLU B 280 -8.46 3.58 -1.76
C GLU B 280 -8.42 5.10 -1.68
N LYS B 281 -9.57 5.76 -1.74
CA LYS B 281 -9.60 7.21 -1.68
C LYS B 281 -9.49 7.72 -0.25
N LEU B 282 -10.20 7.09 0.68
CA LEU B 282 -10.15 7.50 2.08
C LEU B 282 -8.91 7.03 2.80
N ASN B 283 -8.16 6.09 2.23
CA ASN B 283 -6.93 5.60 2.81
C ASN B 283 -5.69 6.32 2.28
N ALA B 284 -5.85 7.15 1.26
CA ALA B 284 -4.75 7.92 0.70
C ALA B 284 -4.88 9.41 0.99
N ALA B 285 -5.93 9.81 1.70
CA ALA B 285 -6.01 11.15 2.26
C ALA B 285 -5.66 11.18 3.74
N PHE B 286 -5.47 10.01 4.35
CA PHE B 286 -4.98 9.89 5.71
C PHE B 286 -3.46 9.90 5.75
N ARG B 287 -2.81 9.30 4.76
CA ARG B 287 -1.35 9.29 4.73
C ARG B 287 -0.78 10.64 4.34
N TYR B 288 -1.51 11.41 3.52
CA TYR B 288 -1.03 12.74 3.16
C TYR B 288 -1.07 13.71 4.33
N ALA B 289 -2.00 13.50 5.27
CA ALA B 289 -2.05 14.36 6.45
C ALA B 289 -0.92 14.07 7.43
N LEU B 290 -0.20 12.96 7.29
CA LEU B 290 0.94 12.65 8.14
C LEU B 290 2.27 13.08 7.53
N VAL B 291 2.37 13.14 6.20
CA VAL B 291 3.59 13.62 5.56
C VAL B 291 3.69 15.14 5.67
N ARG B 292 2.55 15.83 5.62
CA ARG B 292 2.54 17.28 5.75
C ARG B 292 2.95 17.72 7.16
N LEU B 293 2.70 16.89 8.17
CA LEU B 293 3.16 17.17 9.52
C LEU B 293 4.65 16.91 9.67
N ARG B 294 5.25 16.12 8.78
CA ARG B 294 6.63 15.70 8.97
C ARG B 294 7.62 16.77 8.52
N ASP B 295 7.36 17.41 7.39
CA ASP B 295 8.28 18.42 6.88
C ASP B 295 7.95 19.82 7.39
N ALA B 296 6.96 19.96 8.27
CA ALA B 296 6.64 21.20 8.94
C ALA B 296 6.62 20.99 10.45
N ALA B 297 7.60 20.24 10.95
CA ALA B 297 7.63 19.84 12.35
C ALA B 297 8.27 20.87 13.26
N GLU B 298 8.76 21.97 12.73
CA GLU B 298 9.31 23.02 13.58
C GLU B 298 8.24 24.02 14.00
N ALA B 299 7.35 24.36 13.08
CA ALA B 299 6.28 25.29 13.38
C ALA B 299 5.23 24.70 14.32
N VAL B 300 5.03 23.39 14.30
CA VAL B 300 4.15 22.78 15.27
C VAL B 300 4.80 22.76 16.65
N GLY B 301 6.11 22.58 16.71
CA GLY B 301 6.81 22.59 17.98
C GLY B 301 6.93 23.97 18.59
N PHE B 302 6.98 25.00 17.74
CA PHE B 302 7.02 26.37 18.26
C PHE B 302 5.68 26.77 18.86
N TYR B 303 4.58 26.51 18.15
CA TYR B 303 3.27 26.94 18.59
C TYR B 303 2.69 26.10 19.72
N ARG B 304 3.28 24.91 19.98
CA ARG B 304 2.76 23.93 20.93
C ARG B 304 1.32 23.53 20.61
N GLY B 305 1.06 23.30 19.33
CA GLY B 305 -0.28 22.97 18.90
C GLY B 305 -0.48 21.51 18.59
N GLU B 306 0.03 20.63 19.45
CA GLU B 306 -0.07 19.19 19.25
C GLU B 306 -1.41 18.62 19.70
N ARG B 307 -2.36 19.44 20.08
CA ARG B 307 -3.69 18.97 20.46
C ARG B 307 -4.77 19.33 19.46
N VAL B 308 -4.61 20.43 18.74
CA VAL B 308 -5.50 20.73 17.63
C VAL B 308 -5.18 19.81 16.45
N GLU B 309 -3.91 19.47 16.28
CA GLU B 309 -3.49 18.54 15.24
C GLU B 309 -3.84 17.10 15.57
N GLY B 310 -4.28 16.81 16.79
CA GLY B 310 -4.81 15.50 17.12
C GLY B 310 -6.27 15.34 16.85
N THR B 311 -6.94 16.39 16.39
CA THR B 311 -8.34 16.36 15.99
C THR B 311 -8.52 16.35 14.48
N GLN B 312 -7.78 17.19 13.76
CA GLN B 312 -7.81 17.18 12.30
C GLN B 312 -7.09 15.97 11.72
N LEU B 313 -6.42 15.16 12.54
CA LEU B 313 -5.87 13.88 12.13
C LEU B 313 -6.80 12.72 12.43
N GLN B 314 -7.70 12.87 13.39
CA GLN B 314 -8.68 11.85 13.73
C GLN B 314 -9.99 12.03 12.96
N ARG B 315 -10.20 13.20 12.37
CA ARG B 315 -11.35 13.42 11.50
C ARG B 315 -11.19 12.75 10.14
N ARG B 316 -10.00 12.27 9.81
CA ARG B 316 -9.77 11.54 8.57
C ARG B 316 -9.64 10.04 8.78
N PHE B 317 -9.60 9.57 10.02
CA PHE B 317 -9.54 8.15 10.31
C PHE B 317 -10.91 7.54 10.60
N THR B 318 -11.90 8.35 10.96
CA THR B 318 -13.24 7.81 11.19
C THR B 318 -13.91 7.27 9.92
N PRO B 319 -13.98 7.98 8.79
CA PRO B 319 -14.66 7.38 7.63
C PRO B 319 -13.87 6.31 6.89
N VAL B 320 -12.62 6.03 7.26
CA VAL B 320 -11.91 4.90 6.65
C VAL B 320 -12.17 3.62 7.43
N ILE B 321 -12.65 3.71 8.67
CA ILE B 321 -13.05 2.54 9.42
C ILE B 321 -14.56 2.39 9.49
N ASP B 322 -15.32 3.43 9.16
CA ASP B 322 -16.76 3.31 9.05
C ASP B 322 -17.20 2.77 7.70
N ASN B 323 -16.35 2.86 6.70
CA ASN B 323 -16.67 2.31 5.38
C ASN B 323 -16.31 0.84 5.29
N TYR B 324 -15.30 0.40 6.04
CA TYR B 324 -14.88 -0.99 6.01
C TYR B 324 -15.89 -1.93 6.66
N ARG B 325 -16.62 -1.44 7.67
CA ARG B 325 -17.60 -2.29 8.36
C ARG B 325 -18.78 -2.65 7.49
N ARG B 326 -19.08 -1.87 6.46
CA ARG B 326 -20.13 -2.23 5.51
C ARG B 326 -19.58 -2.89 4.26
N TYR B 327 -18.26 -2.84 4.05
CA TYR B 327 -17.62 -3.70 3.08
C TYR B 327 -17.52 -5.13 3.58
N VAL B 328 -17.43 -5.33 4.90
CA VAL B 328 -17.45 -6.69 5.44
C VAL B 328 -18.85 -7.29 5.36
N ARG B 329 -19.88 -6.49 5.67
CA ARG B 329 -21.26 -6.98 5.72
C ARG B 329 -21.83 -7.32 4.35
N ARG B 330 -21.19 -6.90 3.26
CA ARG B 330 -21.65 -7.26 1.93
C ARG B 330 -20.94 -8.49 1.38
N SER B 331 -19.71 -8.75 1.82
CA SER B 331 -18.94 -9.89 1.35
C SER B 331 -19.22 -11.16 2.13
N ILE B 332 -20.21 -11.16 3.01
CA ILE B 332 -20.71 -12.38 3.61
C ILE B 332 -22.02 -12.83 2.96
N ALA B 333 -22.89 -11.90 2.58
CA ALA B 333 -24.08 -12.27 1.82
C ALA B 333 -23.75 -12.71 0.40
N PHE B 334 -22.59 -12.31 -0.13
CA PHE B 334 -22.16 -12.75 -1.44
C PHE B 334 -21.38 -14.05 -1.38
N ASN B 335 -20.55 -14.25 -0.37
CA ASN B 335 -19.81 -15.50 -0.24
C ASN B 335 -20.64 -16.60 0.42
N GLY B 336 -21.78 -16.27 1.00
CA GLY B 336 -22.65 -17.26 1.60
C GLY B 336 -23.60 -17.92 0.62
N TRP B 337 -23.70 -17.40 -0.58
CA TRP B 337 -24.56 -17.98 -1.60
C TRP B 337 -23.79 -18.88 -2.55
N ASN B 338 -22.59 -18.47 -2.95
CA ASN B 338 -21.76 -19.24 -3.86
C ASN B 338 -21.20 -20.51 -3.23
N LEU B 339 -21.18 -20.61 -1.90
CA LEU B 339 -20.81 -21.84 -1.23
C LEU B 339 -22.01 -22.73 -0.94
N SER B 340 -23.16 -22.13 -0.61
CA SER B 340 -24.38 -22.89 -0.38
C SER B 340 -24.96 -23.47 -1.65
N VAL B 341 -24.65 -22.92 -2.82
CA VAL B 341 -25.06 -23.50 -4.09
C VAL B 341 -24.14 -24.66 -4.48
N SER B 342 -22.82 -24.47 -4.36
CA SER B 342 -21.86 -25.48 -4.80
C SER B 342 -21.80 -26.69 -3.89
N GLN B 343 -22.37 -26.63 -2.69
CA GLN B 343 -22.30 -27.73 -1.74
C GLN B 343 -23.39 -28.76 -1.97
N THR B 344 -24.56 -28.35 -2.46
CA THR B 344 -25.70 -29.24 -2.63
C THR B 344 -25.77 -29.84 -4.03
N ILE B 345 -24.64 -30.07 -4.68
CA ILE B 345 -24.64 -30.68 -6.00
C ILE B 345 -23.66 -31.85 -6.03
N VAL B 346 -22.83 -31.96 -5.00
CA VAL B 346 -21.85 -33.05 -4.92
C VAL B 346 -22.38 -34.47 -4.74
N PRO B 347 -23.57 -34.77 -4.19
CA PRO B 347 -24.02 -36.17 -4.27
C PRO B 347 -24.89 -36.49 -5.48
N LEU B 348 -24.97 -35.61 -6.47
CA LEU B 348 -25.88 -35.83 -7.60
C LEU B 348 -25.45 -36.90 -8.61
N PRO B 349 -24.18 -37.05 -9.02
CA PRO B 349 -23.87 -38.18 -9.91
C PRO B 349 -23.76 -39.53 -9.20
N TRP B 350 -23.96 -39.58 -7.89
CA TRP B 350 -23.95 -40.85 -7.16
C TRP B 350 -25.33 -41.41 -6.89
N VAL B 351 -26.39 -40.64 -7.16
CA VAL B 351 -27.75 -41.11 -6.93
C VAL B 351 -28.53 -41.33 -8.21
N ILE B 352 -27.92 -41.08 -9.37
CA ILE B 352 -28.59 -41.33 -10.64
C ILE B 352 -27.98 -42.58 -11.26
N GLN B 353 -26.67 -42.75 -11.11
CA GLN B 353 -25.97 -43.89 -11.66
C GLN B 353 -26.02 -45.12 -10.76
N ALA B 354 -26.45 -44.98 -9.51
CA ALA B 354 -26.42 -46.09 -8.57
C ALA B 354 -27.50 -47.17 -8.79
N PRO B 355 -28.74 -46.87 -9.22
CA PRO B 355 -29.61 -47.99 -9.62
C PRO B 355 -29.18 -48.68 -10.90
N ARG B 356 -28.46 -48.00 -11.78
CA ARG B 356 -27.99 -48.64 -13.00
C ARG B 356 -26.77 -49.51 -12.79
N LEU B 357 -26.15 -49.46 -11.61
CA LEU B 357 -24.95 -50.22 -11.30
C LEU B 357 -25.26 -51.54 -10.60
N PHE B 358 -26.25 -51.55 -9.71
CA PHE B 358 -26.61 -52.78 -9.00
C PHE B 358 -27.26 -53.80 -9.92
N ALA B 359 -27.92 -53.35 -10.98
CA ALA B 359 -28.27 -54.22 -12.09
C ALA B 359 -27.13 -54.24 -13.10
N GLY B 360 -27.12 -55.26 -13.94
CA GLY B 360 -25.98 -55.45 -14.83
C GLY B 360 -26.00 -54.58 -16.07
N GLN B 361 -25.70 -53.29 -15.92
CA GLN B 361 -25.62 -52.38 -17.06
C GLN B 361 -24.25 -51.74 -17.19
N ILE B 362 -23.69 -51.21 -16.11
CA ILE B 362 -22.35 -50.64 -16.13
C ILE B 362 -21.48 -51.44 -15.16
N ASP B 363 -20.20 -51.10 -15.06
CA ASP B 363 -19.24 -51.98 -14.39
C ASP B 363 -18.26 -51.21 -13.52
N PHE B 364 -18.75 -50.19 -12.80
CA PHE B 364 -18.03 -49.45 -11.75
C PHE B 364 -16.84 -48.64 -12.26
N GLY B 365 -16.52 -48.73 -13.55
CA GLY B 365 -15.45 -47.93 -14.10
C GLY B 365 -15.94 -46.55 -14.48
N ASP B 366 -17.14 -46.48 -15.04
CA ASP B 366 -17.67 -45.21 -15.50
C ASP B 366 -18.39 -44.44 -14.41
N VAL B 367 -18.55 -45.01 -13.21
CA VAL B 367 -19.01 -44.20 -12.09
C VAL B 367 -17.87 -43.30 -11.60
N GLY B 368 -16.65 -43.81 -11.57
CA GLY B 368 -15.49 -43.02 -11.23
C GLY B 368 -15.08 -42.01 -12.27
N GLN B 369 -15.62 -42.08 -13.47
CA GLN B 369 -15.41 -41.07 -14.49
C GLN B 369 -16.55 -40.07 -14.59
N THR B 370 -17.78 -40.51 -14.28
CA THR B 370 -18.90 -39.57 -14.17
C THR B 370 -18.73 -38.68 -12.94
N ALA B 371 -18.15 -39.22 -11.87
CA ALA B 371 -17.87 -38.41 -10.68
C ALA B 371 -16.77 -37.38 -10.91
N THR B 372 -15.96 -37.54 -11.96
CA THR B 372 -14.91 -36.59 -12.28
C THR B 372 -15.34 -35.59 -13.35
N SER B 373 -16.01 -36.06 -14.41
CA SER B 373 -16.40 -35.15 -15.49
C SER B 373 -17.52 -34.22 -15.06
N PHE B 374 -18.39 -34.65 -14.15
CA PHE B 374 -19.42 -33.76 -13.63
C PHE B 374 -18.86 -32.74 -12.66
N GLY B 375 -17.74 -33.05 -12.01
CA GLY B 375 -17.13 -32.12 -11.09
C GLY B 375 -16.00 -31.34 -11.74
N ASN B 376 -16.02 -31.26 -13.07
CA ASN B 376 -15.03 -30.49 -13.80
C ASN B 376 -15.62 -29.58 -14.86
N ILE B 377 -16.84 -29.86 -15.35
CA ILE B 377 -17.58 -28.86 -16.11
C ILE B 377 -18.47 -28.03 -15.22
N HIS B 378 -18.59 -28.39 -13.94
CA HIS B 378 -19.23 -27.54 -12.95
C HIS B 378 -18.24 -26.59 -12.29
N ASP B 379 -16.97 -26.98 -12.19
CA ASP B 379 -15.93 -26.09 -11.69
C ASP B 379 -15.36 -25.17 -12.76
N SER B 380 -15.86 -25.24 -13.99
CA SER B 380 -15.41 -24.34 -15.04
C SER B 380 -16.49 -23.40 -15.54
N LEU B 381 -17.76 -23.78 -15.45
CA LEU B 381 -18.84 -22.84 -15.68
C LEU B 381 -19.10 -21.95 -14.47
N SER B 382 -18.55 -22.30 -13.31
CA SER B 382 -18.64 -21.48 -12.11
C SER B 382 -17.38 -20.67 -11.89
N PHE B 383 -16.75 -20.21 -12.96
CA PHE B 383 -15.67 -19.26 -12.85
C PHE B 383 -16.16 -17.82 -12.92
N PHE B 384 -17.24 -17.59 -13.64
CA PHE B 384 -17.76 -16.25 -13.83
C PHE B 384 -18.63 -15.77 -12.67
N ARG B 385 -18.87 -16.62 -11.67
CA ARG B 385 -19.56 -16.20 -10.46
C ARG B 385 -18.76 -16.41 -9.19
N ASN B 386 -17.74 -17.27 -9.20
CA ASN B 386 -16.86 -17.40 -8.06
C ASN B 386 -15.83 -16.30 -7.98
N ASN B 387 -15.51 -15.68 -9.11
CA ASN B 387 -14.46 -14.66 -9.16
C ASN B 387 -15.04 -13.32 -9.58
N TYR B 388 -16.17 -12.94 -8.98
CA TYR B 388 -16.71 -11.61 -9.17
C TYR B 388 -16.27 -10.65 -8.07
N ASP B 389 -15.80 -11.15 -6.94
CA ASP B 389 -15.26 -10.27 -5.92
C ASP B 389 -13.87 -9.78 -6.24
N ALA B 390 -13.15 -10.47 -7.13
CA ALA B 390 -11.82 -10.05 -7.56
C ALA B 390 -11.84 -9.35 -8.91
N PHE B 391 -12.99 -9.30 -9.58
CA PHE B 391 -13.13 -8.50 -10.79
C PHE B 391 -13.72 -7.13 -10.51
N ALA B 392 -14.57 -7.00 -9.49
CA ALA B 392 -15.11 -5.70 -9.14
C ALA B 392 -14.08 -4.80 -8.48
N SER B 393 -12.99 -5.37 -7.97
CA SER B 393 -11.87 -4.57 -7.49
C SER B 393 -10.85 -4.28 -8.56
N PHE B 394 -10.91 -4.97 -9.69
CA PHE B 394 -10.08 -4.66 -10.84
C PHE B 394 -10.71 -3.60 -11.73
N ARG B 395 -12.04 -3.53 -11.75
CA ARG B 395 -12.74 -2.47 -12.47
C ARG B 395 -12.65 -1.12 -11.78
N ALA B 396 -12.23 -1.08 -10.52
CA ALA B 396 -12.04 0.17 -9.80
C ALA B 396 -10.59 0.64 -9.85
N ALA B 397 -9.73 -0.05 -10.60
CA ALA B 397 -8.39 0.42 -10.86
C ALA B 397 -8.21 0.94 -12.27
N ILE B 398 -9.22 0.79 -13.13
CA ILE B 398 -9.22 1.43 -14.44
C ILE B 398 -9.80 2.84 -14.36
N ILE B 399 -10.75 3.06 -13.45
CA ILE B 399 -11.33 4.39 -13.28
C ILE B 399 -10.31 5.35 -12.70
N ARG B 400 -9.48 4.89 -11.76
CA ARG B 400 -8.50 5.76 -11.12
C ARG B 400 -7.39 6.17 -12.09
N LEU B 401 -6.97 5.26 -12.97
CA LEU B 401 -5.98 5.63 -13.97
C LEU B 401 -6.59 6.45 -15.11
N HIS B 402 -7.83 6.15 -15.48
CA HIS B 402 -8.47 6.90 -16.56
C HIS B 402 -8.78 8.33 -16.14
N GLY B 403 -9.05 8.57 -14.86
CA GLY B 403 -9.15 9.94 -14.37
C GLY B 403 -7.87 10.73 -14.51
N LEU B 404 -6.72 10.11 -14.22
CA LEU B 404 -5.42 10.76 -14.37
C LEU B 404 -5.08 11.02 -15.83
N VAL B 405 -5.41 10.08 -16.72
CA VAL B 405 -5.13 10.32 -18.13
C VAL B 405 -6.09 11.37 -18.70
N ASP B 406 -7.33 11.42 -18.20
CA ASP B 406 -8.31 12.37 -18.72
C ASP B 406 -8.06 13.78 -18.22
N ALA B 407 -7.64 13.95 -16.97
CA ALA B 407 -7.49 15.27 -16.39
C ALA B 407 -6.17 15.94 -16.72
N ASN B 408 -5.45 15.47 -17.74
CA ASN B 408 -4.29 16.20 -18.25
C ASN B 408 -4.49 16.71 -19.66
N GLU B 409 -5.51 16.23 -20.37
CA GLU B 409 -5.86 16.81 -21.65
C GLU B 409 -6.78 18.00 -21.52
N LYS B 410 -7.51 18.11 -20.41
CA LYS B 410 -8.22 19.32 -20.05
C LYS B 410 -7.36 20.29 -19.26
N GLY B 411 -6.09 19.95 -19.01
CA GLY B 411 -5.19 20.83 -18.31
C GLY B 411 -4.25 21.53 -19.27
N ARG B 412 -4.34 21.20 -20.56
CA ARG B 412 -3.59 21.89 -21.59
C ARG B 412 -4.49 22.60 -22.58
N ALA B 413 -5.79 22.67 -22.32
CA ALA B 413 -6.72 23.37 -23.20
C ALA B 413 -7.17 24.71 -22.64
N LEU B 414 -6.72 25.07 -21.45
CA LEU B 414 -7.07 26.35 -20.85
C LEU B 414 -6.30 27.47 -21.55
N PRO B 415 -6.91 28.66 -21.68
CA PRO B 415 -6.24 29.75 -22.39
C PRO B 415 -5.10 30.34 -21.58
N ALA B 416 -4.19 31.01 -22.29
CA ALA B 416 -3.00 31.57 -21.68
C ALA B 416 -2.58 32.81 -22.47
N VAL B 417 -1.34 33.26 -22.25
CA VAL B 417 -0.80 34.47 -22.87
C VAL B 417 0.09 34.07 -24.03
N LEU B 418 -0.16 34.66 -25.20
CA LEU B 418 0.65 34.36 -26.38
C LEU B 418 2.02 35.03 -26.27
N THR B 419 3.06 34.27 -26.59
CA THR B 419 4.43 34.77 -26.55
C THR B 419 5.08 34.65 -27.92
N ARG B 420 5.80 35.69 -28.32
CA ARG B 420 6.51 35.76 -29.58
C ARG B 420 7.96 36.15 -29.34
N PRO B 421 8.88 35.73 -30.22
CA PRO B 421 10.26 36.21 -30.11
C PRO B 421 10.38 37.67 -30.46
N SER B 422 11.45 38.28 -29.95
CA SER B 422 11.66 39.72 -30.06
C SER B 422 12.16 40.09 -31.45
N ASP B 423 12.35 41.39 -31.68
CA ASP B 423 12.90 41.84 -32.95
C ASP B 423 14.40 41.61 -33.01
N ASP B 424 15.16 42.28 -32.14
CA ASP B 424 16.55 41.90 -31.89
C ASP B 424 16.79 41.50 -30.45
N GLU B 425 16.63 42.42 -29.48
CA GLU B 425 16.79 42.13 -28.05
C GLU B 425 15.89 43.13 -27.32
N SER B 426 14.70 42.70 -26.93
CA SER B 426 13.78 43.63 -26.27
C SER B 426 12.74 42.86 -25.48
N VAL B 427 12.23 43.49 -24.42
CA VAL B 427 11.10 42.99 -23.66
C VAL B 427 10.01 44.05 -23.77
N GLU B 428 9.01 43.79 -24.60
CA GLU B 428 7.88 44.71 -24.75
C GLU B 428 6.59 43.92 -24.67
N LEU B 429 5.61 44.47 -23.97
CA LEU B 429 4.33 43.83 -23.76
C LEU B 429 3.22 44.84 -23.99
N ASN B 430 2.21 44.40 -24.76
CA ASN B 430 1.28 45.31 -25.44
C ASN B 430 0.04 45.62 -24.62
N ASP B 431 -0.75 44.61 -24.27
CA ASP B 431 -1.95 44.85 -23.47
C ASP B 431 -2.23 43.62 -22.62
N ILE B 432 -2.29 43.78 -21.31
CA ILE B 432 -2.42 42.65 -20.39
C ILE B 432 -3.46 43.00 -19.35
N GLU B 433 -4.49 42.16 -19.24
CA GLU B 433 -5.48 42.27 -18.17
C GLU B 433 -5.48 40.97 -17.39
N VAL B 434 -5.49 41.08 -16.06
CA VAL B 434 -5.37 39.95 -15.15
C VAL B 434 -6.59 39.94 -14.25
N ARG B 435 -7.24 38.79 -14.15
CA ARG B 435 -8.44 38.65 -13.34
C ARG B 435 -8.23 37.66 -12.20
N THR B 436 -9.26 37.51 -11.39
CA THR B 436 -9.40 36.64 -10.23
C THR B 436 -10.43 35.57 -10.56
N PRO B 437 -10.23 34.32 -10.11
CA PRO B 437 -11.17 33.24 -10.46
C PRO B 437 -12.62 33.45 -10.00
N ALA B 438 -12.87 34.34 -9.04
CA ALA B 438 -14.23 34.72 -8.72
C ALA B 438 -14.83 35.70 -9.70
N GLY B 439 -14.02 36.32 -10.56
CA GLY B 439 -14.51 37.27 -11.53
C GLY B 439 -14.21 38.72 -11.25
N ASP B 440 -13.26 39.01 -10.37
CA ASP B 440 -12.93 40.39 -10.02
C ASP B 440 -11.88 40.93 -10.99
N ARG B 441 -11.29 42.07 -10.66
CA ARG B 441 -10.29 42.69 -11.50
C ARG B 441 -9.06 43.04 -10.66
N LEU B 442 -7.90 42.90 -11.27
CA LEU B 442 -6.66 43.25 -10.60
C LEU B 442 -5.84 44.30 -11.35
N ILE B 443 -5.76 44.19 -12.68
CA ILE B 443 -4.84 45.00 -13.47
C ILE B 443 -5.52 45.37 -14.78
N ASP B 444 -5.57 46.67 -15.08
CA ASP B 444 -6.11 47.18 -16.33
C ASP B 444 -5.08 47.01 -17.46
N PRO B 445 -5.51 47.07 -18.73
CA PRO B 445 -4.55 46.92 -19.85
C PRO B 445 -3.46 47.99 -19.87
N LEU B 446 -2.21 47.52 -19.96
CA LEU B 446 -1.03 48.38 -19.91
C LEU B 446 -0.02 47.96 -20.96
N ASP B 447 0.84 48.91 -21.32
CA ASP B 447 1.81 48.77 -22.41
C ASP B 447 3.18 49.21 -21.91
N VAL B 448 4.12 48.28 -21.84
CA VAL B 448 5.46 48.57 -21.30
C VAL B 448 6.50 48.10 -22.30
N ARG B 449 7.51 48.94 -22.57
CA ARG B 449 8.64 48.55 -23.42
C ARG B 449 9.94 48.85 -22.69
N LEU B 450 10.82 47.86 -22.64
CA LEU B 450 12.17 47.99 -22.10
C LEU B 450 13.18 47.90 -23.23
N ASP B 451 14.40 48.36 -22.95
CA ASP B 451 15.48 48.33 -23.92
C ASP B 451 16.61 47.45 -23.39
N ARG B 452 17.75 47.46 -24.07
CA ARG B 452 18.83 46.52 -23.80
C ARG B 452 19.60 46.80 -22.52
N GLY B 453 19.31 47.89 -21.82
CA GLY B 453 20.00 48.17 -20.57
C GLY B 453 19.08 48.71 -19.50
N GLY B 454 17.78 48.63 -19.73
CA GLY B 454 16.80 49.23 -18.84
C GLY B 454 16.59 48.43 -17.57
N SER B 455 15.76 49.00 -16.71
CA SER B 455 15.42 48.38 -15.43
C SER B 455 14.00 48.81 -15.06
N LEU B 456 13.43 48.13 -14.07
CA LEU B 456 12.06 48.40 -13.65
C LEU B 456 11.84 47.90 -12.24
N VAL B 457 11.14 48.69 -11.43
CA VAL B 457 10.72 48.30 -10.09
C VAL B 457 9.20 48.32 -10.03
N ILE B 458 8.62 47.19 -9.63
CA ILE B 458 7.18 47.08 -9.45
C ILE B 458 6.89 47.19 -7.96
N THR B 459 6.13 48.20 -7.57
CA THR B 459 5.78 48.42 -6.18
C THR B 459 4.27 48.55 -6.02
N GLY B 460 3.82 48.47 -4.77
CA GLY B 460 2.40 48.59 -4.50
C GLY B 460 2.08 48.21 -3.07
N ARG B 461 0.86 47.74 -2.88
CA ARG B 461 0.36 47.35 -1.57
C ARG B 461 0.81 45.93 -1.24
N SER B 462 0.26 45.35 -0.18
CA SER B 462 0.69 44.04 0.27
C SER B 462 -0.12 42.89 -0.33
N GLY B 463 -1.30 43.18 -0.87
CA GLY B 463 -2.14 42.11 -1.39
C GLY B 463 -2.87 42.41 -2.68
N ALA B 464 -2.27 43.20 -3.57
CA ALA B 464 -2.97 43.67 -4.77
C ALA B 464 -2.16 43.34 -6.03
N GLY B 465 -2.31 42.11 -6.51
CA GLY B 465 -1.94 41.73 -7.88
C GLY B 465 -0.50 41.90 -8.28
N LYS B 466 0.43 41.57 -7.38
CA LYS B 466 1.84 41.85 -7.63
C LYS B 466 2.61 40.63 -8.13
N THR B 467 2.37 39.46 -7.55
CA THR B 467 3.02 38.24 -8.00
C THR B 467 2.29 37.61 -9.17
N THR B 468 0.96 37.73 -9.23
CA THR B 468 0.19 37.14 -10.32
C THR B 468 0.36 37.88 -11.64
N LEU B 469 1.04 39.03 -11.66
CA LEU B 469 1.52 39.55 -12.93
C LEU B 469 2.67 38.70 -13.45
N LEU B 470 3.55 38.25 -12.57
CA LEU B 470 4.66 37.39 -12.98
C LEU B 470 4.25 35.94 -13.15
N ARG B 471 3.10 35.54 -12.60
CA ARG B 471 2.57 34.21 -12.86
C ARG B 471 1.83 34.12 -14.17
N SER B 472 1.64 35.25 -14.86
CA SER B 472 1.01 35.27 -16.18
C SER B 472 2.03 35.33 -17.31
N LEU B 473 3.18 35.98 -17.09
CA LEU B 473 4.22 36.02 -18.11
C LEU B 473 5.01 34.73 -18.19
N ALA B 474 4.82 33.81 -17.25
CA ALA B 474 5.51 32.53 -17.25
C ALA B 474 4.62 31.39 -17.74
N GLU B 475 3.47 31.72 -18.34
CA GLU B 475 2.47 30.78 -18.85
C GLU B 475 2.02 29.78 -17.78
N LEU B 476 1.48 30.32 -16.69
CA LEU B 476 0.99 29.50 -15.59
C LEU B 476 -0.39 29.91 -15.09
N TRP B 477 -0.89 31.08 -15.46
CA TRP B 477 -2.16 31.59 -14.97
C TRP B 477 -3.17 31.57 -16.10
N PRO B 478 -4.29 30.86 -15.97
CA PRO B 478 -5.22 30.75 -17.10
C PRO B 478 -6.06 32.01 -17.34
N TYR B 479 -6.40 32.74 -16.29
CA TYR B 479 -7.27 33.91 -16.41
C TYR B 479 -6.43 35.13 -16.74
N ALA B 480 -6.00 35.21 -18.00
CA ALA B 480 -5.25 36.35 -18.49
C ALA B 480 -5.47 36.48 -19.99
N SER B 481 -5.02 37.60 -20.55
CA SER B 481 -5.18 37.85 -21.98
C SER B 481 -4.02 38.71 -22.46
N GLY B 482 -3.77 38.67 -23.77
CA GLY B 482 -2.80 39.55 -24.37
C GLY B 482 -1.64 38.86 -25.07
N THR B 483 -0.53 39.58 -25.21
CA THR B 483 0.64 39.08 -25.91
C THR B 483 1.91 39.58 -25.23
N LEU B 484 3.02 38.95 -25.58
CA LEU B 484 4.32 39.32 -25.02
C LEU B 484 5.40 39.05 -26.06
N HIS B 485 6.44 39.89 -26.06
CA HIS B 485 7.58 39.74 -26.95
C HIS B 485 8.83 39.59 -26.10
N ARG B 486 9.55 38.50 -26.28
CA ARG B 486 10.65 38.16 -25.39
C ARG B 486 11.87 37.77 -26.21
N PRO B 487 13.08 37.91 -25.64
CA PRO B 487 14.26 37.28 -26.25
C PRO B 487 14.30 35.78 -25.97
N GLY B 488 13.58 35.03 -26.80
CA GLY B 488 13.35 33.62 -26.52
C GLY B 488 14.56 32.76 -26.84
N GLY B 489 14.61 31.61 -26.17
CA GLY B 489 15.69 30.65 -26.35
C GLY B 489 15.49 29.43 -25.47
N GLU B 490 16.58 28.90 -24.92
CA GLU B 490 16.48 27.74 -24.02
C GLU B 490 16.44 28.18 -22.56
N ASN B 491 17.47 28.88 -22.11
CA ASN B 491 17.55 29.38 -20.75
C ASN B 491 18.01 30.83 -20.74
N GLU B 492 17.41 31.63 -21.63
CA GLU B 492 17.75 33.04 -21.75
C GLU B 492 16.69 33.94 -21.14
N THR B 493 15.81 33.40 -20.29
CA THR B 493 14.85 34.19 -19.53
C THR B 493 14.61 33.44 -18.22
N MET B 494 15.24 33.89 -17.15
CA MET B 494 15.18 33.21 -15.87
C MET B 494 14.17 33.86 -14.95
N PHE B 495 13.39 33.04 -14.25
CA PHE B 495 12.45 33.49 -13.24
C PHE B 495 12.91 33.02 -11.87
N LEU B 496 12.57 33.77 -10.84
CA LEU B 496 12.87 33.41 -9.47
C LEU B 496 11.60 33.48 -8.64
N SER B 497 11.52 32.62 -7.62
CA SER B 497 10.34 32.50 -6.78
C SER B 497 10.47 33.36 -5.52
N GLN B 498 9.35 33.51 -4.82
CA GLN B 498 9.35 34.29 -3.59
C GLN B 498 9.86 33.46 -2.41
N LEU B 499 9.36 32.25 -2.25
CA LEU B 499 9.89 31.34 -1.25
C LEU B 499 10.93 30.45 -1.88
N PRO B 500 12.09 30.26 -1.24
CA PRO B 500 13.19 29.53 -1.87
C PRO B 500 12.91 28.03 -1.97
N TYR B 501 13.73 27.37 -2.79
CA TYR B 501 13.51 25.97 -3.12
C TYR B 501 14.84 25.27 -3.33
N VAL B 502 14.93 24.04 -2.87
CA VAL B 502 16.14 23.22 -3.00
C VAL B 502 15.78 21.79 -3.42
N PRO B 503 16.47 21.21 -4.39
CA PRO B 503 16.19 19.83 -4.80
C PRO B 503 16.68 18.77 -3.81
N LEU B 504 16.62 17.50 -4.22
CA LEU B 504 16.79 16.39 -3.29
C LEU B 504 18.23 15.92 -3.12
N GLY B 505 19.06 15.96 -4.16
CA GLY B 505 20.32 15.25 -4.18
C GLY B 505 21.45 15.90 -3.41
N THR B 506 22.67 15.70 -3.91
CA THR B 506 23.86 16.24 -3.27
C THR B 506 23.94 17.76 -3.47
N LEU B 507 24.89 18.38 -2.76
CA LEU B 507 24.98 19.84 -2.77
C LEU B 507 25.48 20.38 -4.10
N ARG B 508 26.24 19.58 -4.85
CA ARG B 508 26.64 19.96 -6.20
C ARG B 508 25.43 20.09 -7.11
N ASP B 509 24.40 19.27 -6.91
CA ASP B 509 23.16 19.41 -7.66
C ASP B 509 22.28 20.52 -7.10
N VAL B 510 22.43 20.88 -5.84
CA VAL B 510 21.65 21.98 -5.26
C VAL B 510 22.16 23.32 -5.76
N VAL B 511 23.47 23.45 -5.96
CA VAL B 511 24.05 24.74 -6.34
C VAL B 511 23.66 25.12 -7.78
N CYS B 512 23.80 24.21 -8.73
CA CYS B 512 23.42 24.48 -10.12
C CYS B 512 22.19 23.66 -10.47
N TYR B 513 21.02 24.22 -10.18
CA TYR B 513 19.77 23.46 -10.28
C TYR B 513 19.19 23.31 -11.68
N PRO B 514 19.00 24.36 -12.52
CA PRO B 514 18.36 24.11 -13.82
C PRO B 514 19.24 23.37 -14.81
N ASN B 515 20.56 23.44 -14.67
CA ASN B 515 21.47 22.63 -15.47
C ASN B 515 21.80 21.34 -14.75
N SER B 516 22.38 20.39 -15.50
CA SER B 516 22.79 19.14 -14.89
C SER B 516 24.15 19.31 -14.22
N ALA B 517 24.50 18.32 -13.40
CA ALA B 517 25.76 18.38 -12.65
C ALA B 517 26.97 18.09 -13.52
N ALA B 518 26.78 17.44 -14.67
CA ALA B 518 27.89 17.11 -15.55
C ALA B 518 28.16 18.17 -16.60
N ALA B 519 27.24 19.09 -16.81
CA ALA B 519 27.40 20.13 -17.82
C ALA B 519 28.11 21.37 -17.29
N ILE B 520 28.51 21.37 -16.02
CA ILE B 520 29.26 22.47 -15.41
C ILE B 520 30.59 21.91 -14.94
N PRO B 521 31.72 22.47 -15.36
CA PRO B 521 33.02 21.92 -14.93
C PRO B 521 33.32 22.23 -13.47
N ASP B 522 34.29 21.49 -12.94
CA ASP B 522 34.60 21.57 -11.51
C ASP B 522 35.39 22.82 -11.19
N ALA B 523 36.20 23.32 -12.12
CA ALA B 523 37.14 24.38 -11.81
C ALA B 523 36.48 25.75 -11.72
N THR B 524 35.26 25.90 -12.21
CA THR B 524 34.58 27.19 -12.16
C THR B 524 33.55 27.30 -11.03
N LEU B 525 33.27 26.20 -10.34
CA LEU B 525 32.24 26.24 -9.29
C LEU B 525 32.81 26.70 -7.95
N ARG B 526 34.12 26.59 -7.75
CA ARG B 526 34.72 26.98 -6.48
C ARG B 526 35.15 28.44 -6.42
N ASP B 527 35.10 29.17 -7.53
CA ASP B 527 35.40 30.59 -7.49
C ASP B 527 34.16 31.43 -7.31
N THR B 528 33.05 31.06 -7.96
CA THR B 528 31.81 31.83 -7.85
C THR B 528 31.10 31.62 -6.52
N LEU B 529 31.53 30.66 -5.71
CA LEU B 529 30.99 30.52 -4.36
C LEU B 529 31.68 31.43 -3.36
N THR B 530 32.74 32.13 -3.76
CA THR B 530 33.44 33.05 -2.89
C THR B 530 33.10 34.52 -3.15
N LYS B 531 32.39 34.81 -4.25
CA LYS B 531 31.96 36.18 -4.49
C LYS B 531 30.69 36.52 -3.73
N VAL B 532 29.88 35.51 -3.41
CA VAL B 532 28.62 35.72 -2.70
C VAL B 532 28.79 35.47 -1.20
N ALA B 533 30.03 35.50 -0.70
CA ALA B 533 30.38 35.34 0.72
C ALA B 533 29.94 33.98 1.28
N LEU B 534 29.84 32.98 0.43
CA LEU B 534 29.52 31.61 0.86
C LEU B 534 30.79 30.78 0.93
N ALA B 535 31.69 31.20 1.83
CA ALA B 535 33.03 30.61 1.88
C ALA B 535 33.08 29.21 2.50
N PRO B 536 32.56 28.93 3.71
CA PRO B 536 32.87 27.63 4.34
C PRO B 536 32.16 26.43 3.74
N LEU B 537 31.41 26.57 2.66
CA LEU B 537 30.80 25.45 1.97
C LEU B 537 31.64 24.94 0.81
N CYS B 538 32.95 25.19 0.82
CA CYS B 538 33.81 24.69 -0.24
C CYS B 538 34.10 23.20 -0.09
N ASP B 539 34.03 22.66 1.12
CA ASP B 539 33.92 21.23 1.31
C ASP B 539 32.44 20.85 1.27
N ARG B 540 32.14 19.59 1.60
CA ARG B 540 30.77 19.05 1.68
C ARG B 540 30.02 19.17 0.35
N LEU B 541 30.73 19.03 -0.77
CA LEU B 541 30.10 19.01 -2.08
C LEU B 541 29.67 17.62 -2.50
N ASP B 542 29.84 16.61 -1.63
CA ASP B 542 29.52 15.23 -1.97
C ASP B 542 28.68 14.55 -0.90
N GLU B 543 27.89 15.31 -0.15
CA GLU B 543 27.13 14.73 0.96
C GLU B 543 25.74 14.35 0.47
N GLU B 544 24.87 13.92 1.39
CA GLU B 544 23.58 13.37 1.01
C GLU B 544 22.41 13.87 1.84
N ARG B 545 22.64 14.50 2.99
CA ARG B 545 21.55 14.90 3.88
C ARG B 545 20.72 16.02 3.27
N ASP B 546 19.48 16.13 3.76
CA ASP B 546 18.54 17.10 3.19
C ASP B 546 18.92 18.52 3.60
N TRP B 547 18.92 19.43 2.63
CA TRP B 547 19.38 20.78 2.85
C TRP B 547 18.26 21.77 3.04
N ALA B 548 17.00 21.33 3.01
CA ALA B 548 15.89 22.23 3.29
C ALA B 548 15.75 22.50 4.78
N LYS B 549 16.28 21.63 5.63
CA LYS B 549 16.20 21.79 7.07
C LYS B 549 17.55 22.10 7.70
N VAL B 550 18.57 22.34 6.90
CA VAL B 550 19.92 22.66 7.37
C VAL B 550 20.32 24.08 7.00
N LEU B 551 20.21 24.43 5.72
CA LEU B 551 20.53 25.77 5.27
C LEU B 551 19.46 26.75 5.74
N SER B 552 19.89 27.79 6.46
CA SER B 552 18.99 28.83 6.93
C SER B 552 18.46 29.65 5.75
N PRO B 553 17.29 30.29 5.90
CA PRO B 553 16.74 31.06 4.78
C PRO B 553 17.51 32.32 4.42
N GLY B 554 18.57 32.68 5.14
CA GLY B 554 19.48 33.71 4.68
C GLY B 554 20.57 33.21 3.78
N GLU B 555 20.75 31.89 3.70
CA GLU B 555 21.72 31.28 2.79
C GLU B 555 21.06 30.55 1.63
N GLN B 556 19.74 30.45 1.61
CA GLN B 556 19.03 29.96 0.45
C GLN B 556 18.69 31.07 -0.53
N GLN B 557 19.00 32.32 -0.20
CA GLN B 557 18.86 33.44 -1.11
C GLN B 557 20.17 33.95 -1.64
N ARG B 558 21.30 33.45 -1.14
CA ARG B 558 22.59 33.70 -1.77
C ARG B 558 22.99 32.59 -2.72
N VAL B 559 22.43 31.39 -2.53
CA VAL B 559 22.58 30.33 -3.51
C VAL B 559 21.83 30.69 -4.78
N ALA B 560 20.66 31.33 -4.64
CA ALA B 560 19.87 31.77 -5.79
C ALA B 560 20.52 32.90 -6.57
N PHE B 561 21.54 33.55 -6.02
CA PHE B 561 22.36 34.49 -6.78
C PHE B 561 23.58 33.82 -7.40
N ALA B 562 23.76 32.52 -7.18
CA ALA B 562 24.81 31.76 -7.83
C ALA B 562 24.28 30.88 -8.96
N ARG B 563 22.97 30.68 -9.04
CA ARG B 563 22.37 30.07 -10.22
C ARG B 563 22.20 31.06 -11.36
N ILE B 564 22.38 32.35 -11.08
CA ILE B 564 22.23 33.39 -12.09
C ILE B 564 23.56 33.80 -12.71
N LEU B 565 24.69 33.43 -12.09
CA LEU B 565 26.01 33.70 -12.65
C LEU B 565 26.55 32.54 -13.48
N LEU B 566 25.97 31.35 -13.37
CA LEU B 566 26.41 30.21 -14.13
C LEU B 566 25.58 29.95 -15.38
N THR B 567 24.28 30.28 -15.34
CA THR B 567 23.42 30.07 -16.49
C THR B 567 23.60 31.17 -17.53
N LYS B 568 23.93 32.39 -17.07
CA LYS B 568 24.13 33.62 -17.85
C LYS B 568 22.90 33.98 -18.66
N PRO B 569 21.82 34.44 -18.03
CA PRO B 569 20.60 34.77 -18.79
C PRO B 569 20.68 36.14 -19.44
N LYS B 570 19.57 36.61 -20.01
CA LYS B 570 19.53 37.90 -20.68
C LYS B 570 18.47 38.84 -20.16
N ALA B 571 17.33 38.34 -19.70
CA ALA B 571 16.20 39.18 -19.31
C ALA B 571 15.59 38.71 -18.00
N VAL B 572 16.42 38.57 -16.97
CA VAL B 572 16.03 37.85 -15.76
C VAL B 572 15.03 38.67 -14.93
N PHE B 573 13.94 38.02 -14.55
CA PHE B 573 12.96 38.56 -13.60
C PHE B 573 13.28 38.04 -12.21
N LEU B 574 12.98 38.85 -11.18
CA LEU B 574 13.16 38.36 -9.82
C LEU B 574 12.20 39.09 -8.88
N ASP B 575 11.59 38.32 -7.98
CA ASP B 575 10.74 38.89 -6.92
C ASP B 575 11.24 38.42 -5.56
N GLY B 576 11.07 39.28 -4.57
CA GLY B 576 11.60 39.00 -3.25
C GLY B 576 13.11 39.02 -3.28
N SER B 577 13.70 37.86 -2.91
CA SER B 577 15.12 37.52 -3.00
C SER B 577 16.02 38.38 -2.13
N THR B 578 15.47 39.29 -1.31
CA THR B 578 16.25 40.00 -0.31
C THR B 578 15.42 40.15 0.97
N SER B 579 14.63 39.14 1.28
CA SER B 579 13.79 39.21 2.47
C SER B 579 14.62 39.08 3.75
N ALA B 580 15.74 38.36 3.69
CA ALA B 580 16.55 38.12 4.88
C ALA B 580 17.88 38.85 4.89
N LEU B 581 18.41 39.24 3.74
CA LEU B 581 19.69 39.92 3.70
C LEU B 581 19.55 41.38 4.12
N ASP B 582 20.49 41.84 4.93
CA ASP B 582 20.48 43.21 5.42
C ASP B 582 21.16 44.13 4.41
N THR B 583 21.09 45.43 4.69
CA THR B 583 21.74 46.42 3.85
C THR B 583 23.24 46.38 4.05
N GLY B 584 23.99 46.39 2.94
CA GLY B 584 25.42 46.20 3.00
C GLY B 584 25.82 44.93 2.27
N LEU B 585 25.00 43.90 2.44
CA LEU B 585 25.10 42.70 1.62
C LEU B 585 24.11 42.71 0.47
N GLU B 586 23.06 43.52 0.56
CA GLU B 586 22.15 43.70 -0.55
C GLU B 586 22.77 44.60 -1.62
N PHE B 587 23.41 45.70 -1.21
CA PHE B 587 24.03 46.60 -2.17
C PHE B 587 25.26 45.98 -2.81
N ALA B 588 25.96 45.09 -2.10
CA ALA B 588 27.14 44.44 -2.64
C ALA B 588 26.81 43.30 -3.59
N LEU B 589 25.55 42.92 -3.72
CA LEU B 589 25.15 41.84 -4.61
C LEU B 589 24.58 42.33 -5.94
N TYR B 590 24.21 43.60 -6.04
CA TYR B 590 23.75 44.14 -7.31
C TYR B 590 24.87 44.74 -8.14
N GLN B 591 25.91 45.27 -7.49
CA GLN B 591 27.08 45.74 -8.21
C GLN B 591 27.81 44.60 -8.90
N LEU B 592 27.83 43.42 -8.28
CA LEU B 592 28.39 42.24 -8.92
C LEU B 592 27.57 41.80 -10.12
N LEU B 593 26.24 41.88 -10.02
CA LEU B 593 25.37 41.53 -11.13
C LEU B 593 25.49 42.50 -12.28
N ARG B 594 25.72 43.79 -11.99
CA ARG B 594 25.94 44.76 -13.05
C ARG B 594 27.35 44.74 -13.61
N SER B 595 28.33 44.25 -12.85
CA SER B 595 29.71 44.23 -13.30
C SER B 595 30.07 42.95 -14.04
N GLU B 596 29.41 41.83 -13.75
CA GLU B 596 29.71 40.58 -14.45
C GLU B 596 28.94 40.48 -15.76
N LEU B 597 27.61 40.59 -15.69
CA LEU B 597 26.77 40.62 -16.88
C LEU B 597 26.58 42.07 -17.30
N PRO B 598 27.17 42.52 -18.41
CA PRO B 598 27.18 43.96 -18.71
C PRO B 598 25.89 44.48 -19.33
N ASP B 599 25.05 43.62 -19.89
CA ASP B 599 23.81 44.09 -20.52
C ASP B 599 22.72 43.03 -20.31
N CYS B 600 21.95 43.22 -19.24
CA CYS B 600 20.82 42.35 -18.92
C CYS B 600 19.65 43.21 -18.49
N ILE B 601 18.46 42.86 -18.96
CA ILE B 601 17.25 43.56 -18.55
C ILE B 601 16.87 43.02 -17.17
N VAL B 602 17.02 43.86 -16.15
CA VAL B 602 16.80 43.46 -14.76
C VAL B 602 15.46 44.02 -14.32
N ILE B 603 14.53 43.13 -13.99
CA ILE B 603 13.23 43.50 -13.45
C ILE B 603 13.12 42.89 -12.07
N SER B 604 12.91 43.73 -11.06
CA SER B 604 12.99 43.31 -9.67
C SER B 604 11.79 43.85 -8.91
N VAL B 605 11.17 42.98 -8.12
CA VAL B 605 10.06 43.35 -7.25
C VAL B 605 10.60 43.49 -5.83
N SER B 606 10.19 44.57 -5.15
CA SER B 606 10.76 44.86 -3.83
C SER B 606 9.73 45.59 -2.98
N HIS B 607 10.07 45.74 -1.71
CA HIS B 607 9.25 46.42 -0.70
C HIS B 607 10.00 47.51 0.04
N ARG B 608 11.28 47.32 0.33
CA ARG B 608 12.03 48.29 1.13
C ARG B 608 12.42 49.49 0.26
N PRO B 609 12.29 50.73 0.80
CA PRO B 609 12.53 51.93 0.01
C PRO B 609 14.00 52.35 -0.06
N ALA B 610 14.87 51.39 -0.35
CA ALA B 610 16.29 51.68 -0.57
C ALA B 610 16.80 51.04 -1.85
N LEU B 611 15.91 50.49 -2.68
CA LEU B 611 16.27 49.89 -3.95
C LEU B 611 15.87 50.73 -5.15
N GLU B 612 15.07 51.76 -4.95
CA GLU B 612 14.59 52.57 -6.06
C GLU B 612 15.66 53.51 -6.61
N ARG B 613 16.74 53.73 -5.87
CA ARG B 613 17.81 54.59 -6.34
C ARG B 613 18.84 53.83 -7.17
N LEU B 614 18.59 52.56 -7.48
CA LEU B 614 19.49 51.77 -8.32
C LEU B 614 18.96 51.58 -9.74
N HIS B 615 17.65 51.50 -9.91
CA HIS B 615 17.04 51.24 -11.20
C HIS B 615 16.72 52.55 -11.89
N GLU B 616 15.92 52.50 -12.97
CA GLU B 616 15.65 53.67 -13.79
C GLU B 616 14.18 54.07 -13.81
N ASN B 617 13.26 53.15 -14.05
CA ASN B 617 11.84 53.45 -14.13
C ASN B 617 11.13 52.91 -12.90
N GLN B 618 9.80 53.08 -12.87
CA GLN B 618 9.01 52.61 -11.75
C GLN B 618 7.58 52.41 -12.18
N LEU B 619 6.98 51.30 -11.75
CA LEU B 619 5.58 51.01 -11.95
C LEU B 619 4.94 50.75 -10.60
N GLU B 620 3.79 51.37 -10.35
CA GLU B 620 3.14 51.29 -9.06
C GLU B 620 1.69 50.86 -9.26
N LEU B 621 1.27 49.86 -8.50
CA LEU B 621 -0.10 49.37 -8.54
C LEU B 621 -0.90 50.05 -7.45
N LEU B 622 -1.91 50.83 -7.84
CA LEU B 622 -2.72 51.56 -6.88
C LEU B 622 -3.69 50.66 -6.14
N GLY B 623 -3.96 49.46 -6.63
CA GLY B 623 -4.91 48.58 -6.02
C GLY B 623 -6.32 48.82 -6.52
N GLY B 624 -6.97 47.77 -7.02
CA GLY B 624 -8.29 47.88 -7.60
C GLY B 624 -8.31 47.87 -9.11
N GLY B 625 -7.17 48.06 -9.76
CA GLY B 625 -7.12 48.01 -11.21
C GLY B 625 -6.24 49.07 -11.83
N GLN B 626 -6.03 50.18 -11.14
CA GLN B 626 -5.30 51.31 -11.70
C GLN B 626 -3.81 51.14 -11.49
N TRP B 627 -3.04 51.40 -12.54
CA TRP B 627 -1.59 51.38 -12.52
C TRP B 627 -1.05 52.79 -12.78
N ARG B 628 0.23 52.98 -12.47
CA ARG B 628 0.84 54.29 -12.67
C ARG B 628 2.33 54.11 -12.96
N LEU B 629 2.79 54.63 -14.09
CA LEU B 629 4.18 54.49 -14.50
C LEU B 629 4.88 55.84 -14.43
N ALA B 630 6.13 55.84 -13.97
CA ALA B 630 6.89 57.08 -13.83
C ALA B 630 8.37 56.79 -13.86
N PRO B 631 9.19 57.65 -14.45
CA PRO B 631 10.65 57.44 -14.38
C PRO B 631 11.22 57.92 -13.07
N VAL B 632 12.31 57.25 -12.65
CA VAL B 632 13.01 57.58 -11.37
C VAL B 632 13.34 59.07 -11.34
N GLU B 633 12.64 59.84 -10.50
CA GLU B 633 12.87 61.29 -10.36
C GLU B 633 14.29 61.54 -9.84
N ALA B 634 14.74 60.70 -8.89
CA ALA B 634 16.10 60.82 -8.30
C ALA B 634 16.35 62.28 -7.86
C1B LMT C . -30.13 -43.98 12.51
C2B LMT C . -29.62 -45.36 12.10
C3B LMT C . -30.66 -46.42 12.47
C4B LMT C . -31.51 -45.95 13.65
C5B LMT C . -32.25 -44.65 13.32
C6B LMT C . -32.41 -43.78 14.56
O1B LMT C . -29.49 -42.97 11.73
O2B LMT C . -29.40 -45.39 10.69
O3B LMT C . -30.00 -47.64 12.81
O4' LMT C . -32.45 -46.96 13.99
O5B LMT C . -31.54 -43.93 12.32
O6B LMT C . -33.14 -42.60 14.22
C1' LMT C . -28.14 -39.71 11.80
C2' LMT C . -28.49 -40.41 13.12
C3' LMT C . -29.88 -41.03 13.10
C4' LMT C . -30.18 -41.72 11.79
C5' LMT C . -29.78 -40.88 10.57
C6' LMT C . -30.97 -40.69 9.63
O1' LMT C . -27.64 -38.41 12.08
O2' LMT C . -27.52 -41.44 13.37
O3' LMT C . -30.86 -40.00 13.33
O5' LMT C . -29.30 -39.60 10.97
O6' LMT C . -30.53 -40.07 8.43
C1 LMT C . -26.23 -38.42 12.26
C2 LMT C . -25.78 -37.07 12.81
C3 LMT C . -24.30 -36.83 12.55
C4 LMT C . -23.92 -35.38 12.83
C5 LMT C . -24.17 -35.02 14.30
C6 LMT C . -22.86 -34.78 15.03
C7 LMT C . -22.25 -33.44 14.64
C8 LMT C . -20.96 -33.19 15.40
C9 LMT C . -20.99 -31.84 16.11
C10 LMT C . -22.00 -31.84 17.24
C11 LMT C . -22.51 -30.44 17.53
C12 LMT C . -22.61 -30.19 19.02
C1B LMT D . -11.57 -40.25 21.86
C2B LMT D . -12.19 -41.29 20.92
C3B LMT D . -11.11 -42.01 20.14
C4B LMT D . -10.15 -41.03 19.48
C5B LMT D . -9.66 -39.99 20.49
C6B LMT D . -8.78 -38.95 19.81
O1B LMT D . -10.73 -40.90 22.80
O2B LMT D . -12.94 -42.23 21.70
O3B LMT D . -11.72 -42.83 19.13
O4' LMT D . -9.02 -41.73 18.96
O5B LMT D . -10.79 -39.34 21.08
O6B LMT D . -7.57 -38.78 20.57
C1' LMT D . -9.58 -38.74 24.48
C2' LMT D . -9.01 -40.07 24.99
C3' LMT D . -10.13 -41.09 25.13
C4' LMT D . -11.25 -40.81 24.13
C5' LMT D . -11.85 -39.42 24.34
C6' LMT D . -13.11 -39.50 25.19
O1' LMT D . -8.75 -37.67 24.94
O2' LMT D . -8.03 -40.55 24.07
O3' LMT D . -10.66 -41.04 26.46
O5' LMT D . -10.90 -38.57 24.99
O6' LMT D . -12.88 -40.37 26.30
C1 LMT D . -9.13 -36.43 24.37
C2 LMT D . -7.89 -35.70 23.87
C3 LMT D . -8.22 -34.85 22.64
C4 LMT D . -6.95 -34.29 22.00
C5 LMT D . -6.25 -33.33 22.95
C6 LMT D . -5.97 -31.99 22.26
C7 LMT D . -4.69 -31.35 22.79
C8 LMT D . -4.39 -30.05 22.07
C9 LMT D . -3.06 -29.47 22.52
C10 LMT D . -2.88 -28.05 21.99
C11 LMT D . -1.40 -27.75 21.74
C12 LMT D . -1.23 -26.44 21.00
C1B LMT E . -5.50 -10.90 32.96
C2B LMT E . -4.00 -11.01 32.70
C3B LMT E . -3.22 -10.65 33.96
C4B LMT E . -3.71 -9.34 34.56
C5B LMT E . -5.23 -9.33 34.69
C6B LMT E . -5.72 -7.99 35.21
O1B LMT E . -5.88 -11.86 33.95
O2B LMT E . -3.67 -12.34 32.28
O3B LMT E . -1.83 -10.55 33.65
O4' LMT E . -3.12 -9.16 35.85
O5B LMT E . -5.82 -9.59 33.41
O6B LMT E . -7.14 -7.88 34.99
C1' LMT E . -9.46 -12.71 32.03
C2' LMT E . -9.50 -11.56 33.03
C3' LMT E . -8.10 -11.09 33.40
C4' LMT E . -7.24 -12.29 33.80
C5' LMT E . -7.31 -13.39 32.75
C6' LMT E . -6.49 -14.61 33.18
O1' LMT E . -10.78 -13.18 31.79
O2' LMT E . -10.24 -10.47 32.47
O3' LMT E . -8.17 -10.17 34.48
O5' LMT E . -8.67 -13.77 32.56
O6' LMT E . -5.88 -15.20 32.03
C1 LMT E . -10.82 -14.12 30.71
C2 LMT E . -12.00 -15.06 30.90
C3 LMT E . -12.25 -15.88 29.64
C4 LMT E . -12.37 -17.37 29.98
C5 LMT E . -11.76 -18.23 28.88
C6 LMT E . -10.36 -17.74 28.53
C7 LMT E . -9.86 -18.39 27.24
C8 LMT E . -8.35 -18.60 27.28
C9 LMT E . -7.93 -19.71 26.33
C10 LMT E . -7.80 -19.18 24.90
C11 LMT E . -6.35 -18.82 24.58
C12 LMT E . -6.19 -18.51 23.10
C1B LMT F . 2.72 -11.16 32.79
C2B LMT F . 1.60 -10.19 33.16
C3B LMT F . 2.14 -8.78 33.27
C4B LMT F . 3.64 -8.80 33.56
C5B LMT F . 4.40 -9.52 32.46
C6B LMT F . 5.67 -10.17 33.01
O1B LMT F . 2.17 -12.35 32.24
O2B LMT F . 0.57 -10.23 32.16
O3B LMT F . 1.46 -8.08 34.33
O4' LMT F . 4.12 -7.46 33.69
O5B LMT F . 3.59 -10.52 31.85
O6B LMT F . 6.57 -9.15 33.46
C1' LMT F . 1.32 -13.59 28.38
C2' LMT F . 2.62 -12.81 28.53
C3' LMT F . 3.02 -12.70 30.00
C4' LMT F . 1.84 -12.23 30.86
C5' LMT F . 0.59 -13.05 30.56
C6' LMT F . -0.61 -12.53 31.35
O1' LMT F . 0.94 -13.60 27.01
O2' LMT F . 3.66 -13.48 27.81
O3' LMT F . 4.10 -11.77 30.14
O5' LMT F . 0.30 -12.98 29.16
O6' LMT F . -1.68 -13.46 31.25
C1 LMT F . -0.12 -14.52 26.75
C2 LMT F . -0.20 -14.80 25.26
C3 LMT F . -1.17 -13.82 24.58
C4 LMT F . -0.90 -13.74 23.08
C5 LMT F . -2.20 -13.61 22.30
C6 LMT F . -1.92 -13.35 20.82
C7 LMT F . -3.20 -13.47 20.00
C8 LMT F . -2.95 -13.10 18.54
C9 LMT F . -4.18 -13.36 17.70
C10 LMT F . -3.81 -13.68 16.26
C11 LMT F . -4.83 -13.10 15.28
C12 LMT F . -6.11 -13.90 15.29
C1B LMT G . 11.70 -21.02 13.73
C2B LMT G . 12.45 -21.22 15.05
C3B LMT G . 13.32 -19.99 15.35
C4B LMT G . 13.68 -19.27 14.06
C5B LMT G . 12.43 -18.81 13.31
C6B LMT G . 12.65 -18.82 11.80
O1B LMT G . 10.60 -21.93 13.69
O2B LMT G . 11.51 -21.40 16.11
O3B LMT G . 14.52 -20.41 16.01
O4' LMT G . 14.50 -18.14 14.35
O5B LMT G . 11.32 -19.65 13.63
O6B LMT G . 13.60 -19.85 11.47
C1' LMT G . 6.51 -21.79 12.98
C2' LMT G . 7.39 -21.27 11.85
C3' LMT G . 8.85 -21.66 12.05
C4' LMT G . 9.32 -21.34 13.47
C5' LMT G . 8.32 -21.86 14.50
C6' LMT G . 8.75 -21.47 15.91
O1' LMT G . 5.18 -21.31 12.81
O2' LMT G . 6.92 -21.80 10.60
O3' LMT G . 9.67 -20.96 11.11
O5' LMT G . 7.03 -21.33 14.23
O6' LMT G . 7.71 -21.81 16.84
C1 LMT G . 5.09 -19.90 12.98
C2 LMT G . 3.83 -19.56 13.75
C3 LMT G . 4.08 -18.43 14.75
C4 LMT G . 3.24 -18.62 16.00
C5 LMT G . 2.17 -17.54 16.11
C6 LMT G . 2.80 -16.19 16.47
C7 LMT G . 1.77 -15.28 17.14
C8 LMT G . 2.43 -14.40 18.19
C9 LMT G . 2.85 -15.23 19.40
C10 LMT G . 3.84 -14.46 20.28
C11 LMT G . 3.53 -14.67 21.76
C12 LMT G . 4.16 -13.58 22.60
MG MG H . 16.18 32.91 11.09
PG ANP I . 18.76 34.37 8.93
O1G ANP I . 19.00 35.62 9.73
O2G ANP I . 17.28 34.04 8.95
O3G ANP I . 19.15 34.63 7.49
PB ANP I . 19.81 32.75 11.12
O1B ANP I . 20.91 33.55 11.77
O2B ANP I . 18.50 32.63 11.82
N3B ANP I . 19.63 33.12 9.53
PA ANP I . 20.53 30.10 12.18
O1A ANP I . 21.09 30.69 13.41
O2A ANP I . 19.22 29.38 12.27
O3A ANP I . 20.39 31.25 11.06
O5' ANP I . 21.61 29.14 11.49
C5' ANP I . 22.26 28.13 12.31
C4' ANP I . 23.63 27.85 11.76
O4' ANP I . 24.00 26.47 12.05
C3' ANP I . 23.80 28.01 10.24
O3' ANP I . 25.08 28.55 9.92
C2' ANP I . 23.66 26.57 9.74
O2' ANP I . 24.31 26.36 8.50
C1' ANP I . 24.33 25.80 10.86
N9 ANP I . 23.87 24.41 10.99
C8 ANP I . 24.59 23.27 10.77
N7 ANP I . 23.88 22.19 10.96
C5 ANP I . 22.63 22.65 11.35
C6 ANP I . 21.44 21.98 11.70
N6 ANP I . 21.30 20.66 11.72
N1 ANP I . 20.37 22.76 12.02
C2 ANP I . 20.52 24.09 11.99
N3 ANP I . 21.58 24.82 11.68
C4 ANP I . 22.62 24.02 11.36
C1B LMT J . 2.86 -49.93 -22.28
C2B LMT J . 1.69 -50.88 -22.11
C3B LMT J . 2.00 -52.24 -22.75
C4B LMT J . 3.04 -52.08 -23.85
C5B LMT J . 4.34 -51.47 -23.32
C6B LMT J . 5.02 -50.62 -24.38
O1B LMT J . 2.81 -48.91 -21.29
O2B LMT J . 1.40 -51.07 -20.72
O3B LMT J . 0.81 -52.81 -23.30
O4' LMT J . 3.32 -53.35 -24.44
O5B LMT J . 4.08 -50.67 -22.16
O6B LMT J . 6.23 -50.07 -23.85
C1' LMT J . 3.40 -45.49 -20.66
C2' LMT J . 3.38 -46.01 -22.11
C3' LMT J . 4.25 -47.25 -22.30
C4' LMT J . 4.06 -48.24 -21.15
C5' LMT J . 4.11 -47.56 -19.78
C6' LMT J . 5.15 -48.22 -18.88
O1' LMT J . 3.68 -44.09 -20.67
O2' LMT J . 2.04 -46.30 -22.48
O3' LMT J . 5.62 -46.88 -22.39
O5' LMT J . 4.41 -46.17 -19.90
O6' LMT J . 5.06 -47.68 -17.55
C1 LMT J . 2.49 -43.31 -20.77
C2 LMT J . 2.86 -41.86 -21.04
C3 LMT J . 1.72 -40.93 -20.65
C4 LMT J . 2.18 -39.47 -20.62
C5 LMT J . 2.66 -39.04 -22.00
C6 LMT J . 1.72 -38.00 -22.60
C7 LMT J . 1.91 -36.65 -21.94
C8 LMT J . 0.98 -35.61 -22.55
C9 LMT J . 1.76 -34.37 -22.99
C10 LMT J . 2.68 -34.71 -24.16
C11 LMT J . 3.87 -33.75 -24.20
C12 LMT J . 4.17 -33.32 -25.62
C1B LMT K . -10.36 -35.23 -29.71
C2B LMT K . -10.43 -36.60 -29.02
C3B LMT K . -11.77 -36.78 -28.33
C4B LMT K . -12.11 -35.58 -27.45
C5B LMT K . -11.91 -34.27 -28.21
C6B LMT K . -12.14 -33.07 -27.30
O1B LMT K . -11.35 -35.15 -30.71
O2B LMT K . -10.26 -37.63 -30.00
O3B LMT K . -11.74 -37.97 -27.53
O4' LMT K . -13.46 -35.66 -27.00
O5B LMT K . -10.58 -34.22 -28.73
O6B LMT K . -13.03 -32.15 -27.94
C1' LMT K . -11.10 -32.44 -31.88
C2' LMT K . -12.25 -33.14 -32.60
C3' LMT K . -11.83 -34.56 -32.99
C4' LMT K . -10.80 -35.09 -32.02
C5' LMT K . -9.55 -34.23 -32.00
C6' LMT K . -8.48 -34.80 -32.92
O1' LMT K . -11.21 -31.03 -32.08
O2' LMT K . -13.39 -33.19 -31.74
O3' LMT K . -11.30 -34.54 -34.32
O5' LMT K . -9.86 -32.90 -32.43
O6' LMT K . -9.06 -35.19 -34.16
C1 LMT K . -10.26 -30.32 -31.30
C2 LMT K . -10.94 -29.14 -30.60
C3 LMT K . -10.27 -28.85 -29.26
C4 LMT K . -11.09 -27.84 -28.46
C5 LMT K . -11.14 -26.48 -29.16
C6 LMT K . -10.68 -25.38 -28.22
C7 LMT K . -11.39 -24.07 -28.55
C8 LMT K . -11.00 -22.96 -27.58
C9 LMT K . -11.79 -21.69 -27.83
C10 LMT K . -11.23 -20.52 -27.04
C11 LMT K . -12.34 -19.54 -26.65
C12 LMT K . -11.83 -18.50 -25.68
C1B LMT L . 0.68 -5.67 -34.68
C2B LMT L . -0.65 -5.00 -34.36
C3B LMT L . -1.06 -4.05 -35.49
C4B LMT L . 0.08 -3.11 -35.85
C5B LMT L . 1.38 -3.89 -36.07
C6B LMT L . 2.54 -2.94 -36.34
O1B LMT L . 0.55 -6.47 -35.85
O2B LMT L . -1.66 -6.00 -34.20
O3B LMT L . -2.19 -3.29 -35.07
O4' LMT L . -0.25 -2.40 -37.05
O5B LMT L . 1.67 -4.67 -34.90
O6B LMT L . 3.77 -3.65 -36.19
C1' LMT L . 3.01 -9.43 -34.33
C2' LMT L . 3.72 -8.32 -35.10
C3' LMT L . 2.80 -7.12 -35.30
C4' LMT L . 1.46 -7.56 -35.87
C5' LMT L . 0.88 -8.71 -35.05
C6' LMT L . -0.43 -9.20 -35.66
O1' LMT L . 3.87 -10.56 -34.25
O2' LMT L . 4.89 -7.90 -34.38
O3' LMT L . 3.42 -6.19 -36.19
O5' LMT L . 1.82 -9.79 -35.01
O6' LMT L . -1.32 -9.58 -34.61
C1 LMT L . 3.34 -11.57 -33.39
C2 LMT L . 3.88 -12.93 -33.81
C3 LMT L . 3.57 -13.99 -32.75
C4 LMT L . 2.91 -15.21 -33.37
C5 LMT L . 1.87 -15.80 -32.41
C6 LMT L . 0.92 -14.72 -31.90
C7 LMT L . 0.08 -15.25 -30.74
C8 LMT L . -1.30 -14.61 -30.73
C9 LMT L . -2.30 -15.49 -29.98
C10 LMT L . -2.20 -15.25 -28.48
C11 LMT L . -3.26 -14.25 -28.01
C12 LMT L . -3.31 -14.18 -26.50
C1B LMT M . -6.41 -1.55 -34.10
C2B LMT M . -4.93 -1.27 -34.35
C3B LMT M . -4.64 0.21 -34.18
C4B LMT M . -5.91 1.03 -34.36
C5B LMT M . -6.98 0.64 -33.36
C6B LMT M . -8.38 0.88 -33.93
O1B LMT M . -6.60 -2.93 -33.82
O2B LMT M . -4.14 -2.03 -33.42
O3B LMT M . -3.67 0.62 -35.15
O4' LMT M . -5.61 2.43 -34.21
O5B LMT M . -6.86 -0.75 -33.00
O6B LMT M . -8.56 2.28 -34.16
C1' LMT M . -6.77 -5.14 -30.32
C2' LMT M . -7.44 -3.78 -30.27
C3' LMT M . -7.63 -3.20 -31.66
C4' LMT M . -6.33 -3.27 -32.46
C5' LMT M . -5.72 -4.67 -32.39
C6' LMT M . -4.38 -4.70 -33.12
O1' LMT M . -6.52 -5.61 -29.00
O2' LMT M . -8.72 -3.91 -29.62
O3' LMT M . -8.07 -1.84 -31.56
O5' LMT M . -5.53 -5.03 -31.02
O6' LMT M . -3.97 -6.06 -33.29
C1 LMT M . -6.17 -6.99 -28.98
C2 LMT M . -6.31 -7.53 -27.56
C3 LMT M . -5.01 -7.38 -26.79
C4 LMT M . -5.26 -7.44 -25.28
C5 LMT M . -4.12 -8.16 -24.56
C6 LMT M . -4.29 -8.07 -23.05
C7 LMT M . -3.34 -9.03 -22.34
C8 LMT M . -3.45 -8.87 -20.82
C9 LMT M . -2.56 -9.89 -20.12
C10 LMT M . -3.13 -10.24 -18.74
C11 LMT M . -2.02 -10.48 -17.73
C12 LMT M . -1.35 -11.82 -17.96
C1B LMT N . -20.30 -8.56 -16.80
C2B LMT N . -20.96 -8.07 -18.08
C3B LMT N . -21.01 -6.54 -18.10
C4B LMT N . -21.02 -6.00 -16.68
C5B LMT N . -19.77 -6.43 -15.90
C6B LMT N . -20.08 -6.62 -14.43
O1B LMT N . -19.84 -9.91 -16.98
O2B LMT N . -20.22 -8.54 -19.21
O3B LMT N . -22.18 -6.11 -18.80
O4' LMT N . -21.07 -4.56 -16.72
O5B LMT N . -19.26 -7.64 -16.45
O6B LMT N . -21.45 -7.00 -14.28
C1' LMT N . -16.35 -12.07 -16.47
C2' LMT N . -16.90 -11.42 -15.21
C3' LMT N . -18.33 -10.94 -15.41
C4' LMT N . -18.46 -10.14 -16.70
C5' LMT N . -17.82 -10.88 -17.87
C6' LMT N . -17.90 -10.05 -19.15
O1' LMT N . -14.98 -12.41 -16.27
O2' LMT N . -16.85 -12.35 -14.13
O3' LMT N . -18.74 -10.13 -14.31
O5' LMT N . -16.47 -11.17 -17.56
O6' LMT N . -17.17 -10.71 -20.19
C1 LMT N . -14.14 -11.25 -16.27
C2 LMT N . -12.86 -11.54 -17.04
C3 LMT N . -12.35 -10.29 -17.75
C4 LMT N . -11.69 -10.64 -19.07
C5 LMT N . -10.21 -10.29 -19.06
C6 LMT N . -10.02 -8.77 -19.07
C7 LMT N . -8.63 -8.41 -19.60
C8 LMT N . -8.69 -7.13 -20.43
C9 LMT N . -9.42 -7.38 -21.75
C10 LMT N . -9.81 -6.06 -22.41
C11 LMT N . -9.56 -6.12 -23.92
C12 LMT N . -9.48 -4.72 -24.50
MG MG O . 4.38 37.88 -3.73
PG ANP P . 2.85 40.04 -1.19
O1G ANP P . 3.36 41.35 -1.73
O2G ANP P . 3.93 39.00 -1.36
O3G ANP P . 2.59 40.21 0.28
PB ANP P . 1.21 39.67 -3.57
O1B ANP P . 0.76 41.03 -4.00
O2B ANP P . 2.31 39.00 -4.36
N3B ANP P . 1.49 39.59 -1.97
PA ANP P . -0.73 38.06 -5.08
O1A ANP P . -0.85 39.10 -6.14
O2A ANP P . 0.01 36.80 -5.40
O3A ANP P . -0.07 38.73 -3.77
O5' ANP P . -2.19 37.69 -4.53
C5' ANP P . -3.23 37.36 -5.48
C4' ANP P . -4.57 37.78 -4.93
O4' ANP P . -5.60 36.90 -5.46
C3' ANP P . -4.72 37.71 -3.40
O3' ANP P . -5.53 38.78 -2.91
C2' ANP P . -5.38 36.36 -3.19
O2' ANP P . -6.12 36.29 -1.98
C1' ANP P . -6.30 36.29 -4.40
N9 ANP P . -6.64 34.92 -4.81
C8 ANP P . -7.87 34.31 -4.77
N7 ANP P . -7.83 33.08 -5.21
C5 ANP P . -6.51 32.87 -5.56
C6 ANP P . -5.83 31.75 -6.10
N6 ANP P . -6.41 30.60 -6.38
N1 ANP P . -4.50 31.89 -6.33
C2 ANP P . -3.91 33.07 -6.04
N3 ANP P . -4.45 34.17 -5.53
C4 ANP P . -5.76 34.00 -5.32
#